data_4GLD
# 
_entry.id   4GLD 
# 
_audit_conform.dict_name       mmcif_pdbx.dic 
_audit_conform.dict_version    5.399 
_audit_conform.dict_location   http://mmcif.pdb.org/dictionaries/ascii/mmcif_pdbx.dic 
# 
loop_
_database_2.database_id 
_database_2.database_code 
_database_2.pdbx_database_accession 
_database_2.pdbx_DOI 
PDB   4GLD         pdb_00004gld 10.2210/pdb4gld/pdb 
RCSB  RCSB074328   ?            ?                   
WWPDB D_1000074328 ?            ?                   
# 
loop_
_pdbx_audit_revision_history.ordinal 
_pdbx_audit_revision_history.data_content_type 
_pdbx_audit_revision_history.major_revision 
_pdbx_audit_revision_history.minor_revision 
_pdbx_audit_revision_history.revision_date 
1 'Structure model' 1 0 2012-08-29 
2 'Structure model' 1 1 2023-11-08 
3 'Structure model' 1 2 2024-11-20 
# 
_pdbx_audit_revision_details.ordinal             1 
_pdbx_audit_revision_details.revision_ordinal    1 
_pdbx_audit_revision_details.data_content_type   'Structure model' 
_pdbx_audit_revision_details.provider            repository 
_pdbx_audit_revision_details.type                'Initial release' 
_pdbx_audit_revision_details.description         ? 
_pdbx_audit_revision_details.details             ? 
# 
loop_
_pdbx_audit_revision_group.ordinal 
_pdbx_audit_revision_group.revision_ordinal 
_pdbx_audit_revision_group.data_content_type 
_pdbx_audit_revision_group.group 
1 2 'Structure model' 'Data collection'        
2 2 'Structure model' 'Database references'    
3 2 'Structure model' 'Derived calculations'   
4 2 'Structure model' 'Refinement description' 
5 3 'Structure model' 'Structure summary'      
# 
loop_
_pdbx_audit_revision_category.ordinal 
_pdbx_audit_revision_category.revision_ordinal 
_pdbx_audit_revision_category.data_content_type 
_pdbx_audit_revision_category.category 
1 2 'Structure model' chem_comp_atom                
2 2 'Structure model' chem_comp_bond                
3 2 'Structure model' database_2                    
4 2 'Structure model' diffrn_source                 
5 2 'Structure model' pdbx_initial_refinement_model 
6 2 'Structure model' struct_site                   
7 3 'Structure model' pdbx_entry_details            
8 3 'Structure model' pdbx_modification_feature     
# 
loop_
_pdbx_audit_revision_item.ordinal 
_pdbx_audit_revision_item.revision_ordinal 
_pdbx_audit_revision_item.data_content_type 
_pdbx_audit_revision_item.item 
1 2 'Structure model' '_database_2.pdbx_DOI'                 
2 2 'Structure model' '_database_2.pdbx_database_accession'  
3 2 'Structure model' '_diffrn_source.pdbx_synchrotron_site' 
4 2 'Structure model' '_struct_site.pdbx_auth_asym_id'       
5 2 'Structure model' '_struct_site.pdbx_auth_comp_id'       
6 2 'Structure model' '_struct_site.pdbx_auth_seq_id'        
# 
_pdbx_database_status.status_code                     REL 
_pdbx_database_status.entry_id                        4GLD 
_pdbx_database_status.recvd_initial_deposition_date   2012-08-14 
_pdbx_database_status.deposit_site                    RCSB 
_pdbx_database_status.process_site                    PDBJ 
_pdbx_database_status.methods_development_category    ? 
_pdbx_database_status.status_code_sf                  REL 
_pdbx_database_status.status_code_mr                  ? 
_pdbx_database_status.SG_entry                        ? 
_pdbx_database_status.status_code_cs                  ? 
_pdbx_database_status.pdb_format_compatible           Y 
_pdbx_database_status.status_code_nmr_data            ? 
# 
_pdbx_database_related.db_name        PDB 
_pdbx_database_related.db_id          4FGA 
_pdbx_database_related.details        . 
_pdbx_database_related.content_type   unspecified 
# 
loop_
_audit_author.name 
_audit_author.pdbx_ordinal 
'Shukla, P.K.' 1 
'Sinha, M.'    2 
'Dey, S.'      3 
'Kaur, P.'     4 
'Sharma, S.'   5 
'Singh, T.P.'  6 
# 
_citation.id                        primary 
_citation.title                     
;Crystal Structure of the complex of type II phospholipase A2 with a designed peptide inhibitor Phe - Leu - Ala - Tyr - Lys at 1.69 A resolution
;
_citation.journal_abbrev            'To be Published' 
_citation.journal_volume            ? 
_citation.page_first                ? 
_citation.page_last                 ? 
_citation.year                      ? 
_citation.journal_id_ASTM           ? 
_citation.country                   ? 
_citation.journal_id_ISSN           ? 
_citation.journal_id_CSD            0353 
_citation.book_publisher            ? 
_citation.pdbx_database_id_PubMed   ? 
_citation.pdbx_database_id_DOI      ? 
# 
loop_
_citation_author.citation_id 
_citation_author.name 
_citation_author.ordinal 
_citation_author.identifier_ORCID 
primary 'Shukla, P.K.' 1 ? 
primary 'Sinha, M.'    2 ? 
primary 'Dey, S.'      3 ? 
primary 'Kaur, P.'     4 ? 
primary 'Sharma, S.'   5 ? 
primary 'Singh, T.P.'  6 ? 
# 
loop_
_entity.id 
_entity.type 
_entity.src_method 
_entity.pdbx_description 
_entity.formula_weight 
_entity.pdbx_number_of_molecules 
_entity.pdbx_ec 
_entity.pdbx_mutation 
_entity.pdbx_fragment 
_entity.details 
1 polymer     nat 'Phospholipase A2 VRV-PL-VIIIa' 13629.767 1   3.1.1.4 ? ? ? 
2 polymer     syn FLAYK                           641.778   1   ?       ? ? ? 
3 non-polymer syn 'ACETATE ION'                   59.044    1   ?       ? ? ? 
4 non-polymer syn 'SULFATE ION'                   96.063    2   ?       ? ? ? 
5 water       nat water                           18.015    148 ?       ? ? ? 
# 
_entity_name_com.entity_id   1 
_entity_name_com.name        PlA2 
# 
loop_
_entity_poly.entity_id 
_entity_poly.type 
_entity_poly.nstd_linkage 
_entity_poly.nstd_monomer 
_entity_poly.pdbx_seq_one_letter_code 
_entity_poly.pdbx_seq_one_letter_code_can 
_entity_poly.pdbx_strand_id 
_entity_poly.pdbx_target_identifier 
1 'polypeptide(L)' no no 
;SLLEFGKMILEETGKLAIPSYSSYGCYCGWGGKGTPKDATDRCCFVHDCCYGNLPDCNPKSDRYKYKRVNGAIVCEKGTS
CENRICECDKAAAICFRQNLNTYSKKYMLYPDFLCKGELKC
;
;SLLEFGKMILEETGKLAIPSYSSYGCYCGWGGKGTPKDATDRCCFVHDCCYGNLPDCNPKSDRYKYKRVNGAIVCEKGTS
CENRICECDKAAAICFRQNLNTYSKKYMLYPDFLCKGELKC
;
A ? 
2 'polypeptide(L)' no no FLAYK FLAYK B ? 
# 
loop_
_pdbx_entity_nonpoly.entity_id 
_pdbx_entity_nonpoly.name 
_pdbx_entity_nonpoly.comp_id 
3 'ACETATE ION' ACT 
4 'SULFATE ION' SO4 
5 water         HOH 
# 
loop_
_entity_poly_seq.entity_id 
_entity_poly_seq.num 
_entity_poly_seq.mon_id 
_entity_poly_seq.hetero 
1 1   SER n 
1 2   LEU n 
1 3   LEU n 
1 4   GLU n 
1 5   PHE n 
1 6   GLY n 
1 7   LYS n 
1 8   MET n 
1 9   ILE n 
1 10  LEU n 
1 11  GLU n 
1 12  GLU n 
1 13  THR n 
1 14  GLY n 
1 15  LYS n 
1 16  LEU n 
1 17  ALA n 
1 18  ILE n 
1 19  PRO n 
1 20  SER n 
1 21  TYR n 
1 22  SER n 
1 23  SER n 
1 24  TYR n 
1 25  GLY n 
1 26  CYS n 
1 27  TYR n 
1 28  CYS n 
1 29  GLY n 
1 30  TRP n 
1 31  GLY n 
1 32  GLY n 
1 33  LYS n 
1 34  GLY n 
1 35  THR n 
1 36  PRO n 
1 37  LYS n 
1 38  ASP n 
1 39  ALA n 
1 40  THR n 
1 41  ASP n 
1 42  ARG n 
1 43  CYS n 
1 44  CYS n 
1 45  PHE n 
1 46  VAL n 
1 47  HIS n 
1 48  ASP n 
1 49  CYS n 
1 50  CYS n 
1 51  TYR n 
1 52  GLY n 
1 53  ASN n 
1 54  LEU n 
1 55  PRO n 
1 56  ASP n 
1 57  CYS n 
1 58  ASN n 
1 59  PRO n 
1 60  LYS n 
1 61  SER n 
1 62  ASP n 
1 63  ARG n 
1 64  TYR n 
1 65  LYS n 
1 66  TYR n 
1 67  LYS n 
1 68  ARG n 
1 69  VAL n 
1 70  ASN n 
1 71  GLY n 
1 72  ALA n 
1 73  ILE n 
1 74  VAL n 
1 75  CYS n 
1 76  GLU n 
1 77  LYS n 
1 78  GLY n 
1 79  THR n 
1 80  SER n 
1 81  CYS n 
1 82  GLU n 
1 83  ASN n 
1 84  ARG n 
1 85  ILE n 
1 86  CYS n 
1 87  GLU n 
1 88  CYS n 
1 89  ASP n 
1 90  LYS n 
1 91  ALA n 
1 92  ALA n 
1 93  ALA n 
1 94  ILE n 
1 95  CYS n 
1 96  PHE n 
1 97  ARG n 
1 98  GLN n 
1 99  ASN n 
1 100 LEU n 
1 101 ASN n 
1 102 THR n 
1 103 TYR n 
1 104 SER n 
1 105 LYS n 
1 106 LYS n 
1 107 TYR n 
1 108 MET n 
1 109 LEU n 
1 110 TYR n 
1 111 PRO n 
1 112 ASP n 
1 113 PHE n 
1 114 LEU n 
1 115 CYS n 
1 116 LYS n 
1 117 GLY n 
1 118 GLU n 
1 119 LEU n 
1 120 LYS n 
1 121 CYS n 
2 1   PHE n 
2 2   LEU n 
2 3   ALA n 
2 4   TYR n 
2 5   LYS n 
# 
_entity_src_nat.entity_id                  1 
_entity_src_nat.pdbx_src_id                1 
_entity_src_nat.pdbx_alt_source_flag       sample 
_entity_src_nat.pdbx_beg_seq_num           ? 
_entity_src_nat.pdbx_end_seq_num           ? 
_entity_src_nat.common_name                
;Russell's viper
;
_entity_src_nat.pdbx_organism_scientific   'Daboia russellii pulchella' 
_entity_src_nat.pdbx_ncbi_taxonomy_id      97228 
_entity_src_nat.genus                      ? 
_entity_src_nat.species                    ? 
_entity_src_nat.strain                     ? 
_entity_src_nat.tissue                     ? 
_entity_src_nat.tissue_fraction            ? 
_entity_src_nat.pdbx_secretion             ? 
_entity_src_nat.pdbx_fragment              ? 
_entity_src_nat.pdbx_variant               ? 
_entity_src_nat.pdbx_cell_line             ? 
_entity_src_nat.pdbx_atcc                  ? 
_entity_src_nat.pdbx_cellular_location     ? 
_entity_src_nat.pdbx_organ                 ? 
_entity_src_nat.pdbx_organelle             ? 
_entity_src_nat.pdbx_cell                  ? 
_entity_src_nat.pdbx_plasmid_name          ? 
_entity_src_nat.pdbx_plasmid_details       ? 
_entity_src_nat.details                    ? 
# 
_pdbx_entity_src_syn.entity_id              2 
_pdbx_entity_src_syn.pdbx_src_id            1 
_pdbx_entity_src_syn.pdbx_alt_source_flag   sample 
_pdbx_entity_src_syn.pdbx_beg_seq_num       ? 
_pdbx_entity_src_syn.pdbx_end_seq_num       ? 
_pdbx_entity_src_syn.organism_scientific    ? 
_pdbx_entity_src_syn.organism_common_name   ? 
_pdbx_entity_src_syn.ncbi_taxonomy_id       ? 
_pdbx_entity_src_syn.details                'synthetic peptide' 
# 
loop_
_chem_comp.id 
_chem_comp.type 
_chem_comp.mon_nstd_flag 
_chem_comp.name 
_chem_comp.pdbx_synonyms 
_chem_comp.formula 
_chem_comp.formula_weight 
ACT non-polymer         . 'ACETATE ION'   ? 'C2 H3 O2 -1'    59.044  
ALA 'L-peptide linking' y ALANINE         ? 'C3 H7 N O2'     89.093  
ARG 'L-peptide linking' y ARGININE        ? 'C6 H15 N4 O2 1' 175.209 
ASN 'L-peptide linking' y ASPARAGINE      ? 'C4 H8 N2 O3'    132.118 
ASP 'L-peptide linking' y 'ASPARTIC ACID' ? 'C4 H7 N O4'     133.103 
CYS 'L-peptide linking' y CYSTEINE        ? 'C3 H7 N O2 S'   121.158 
GLN 'L-peptide linking' y GLUTAMINE       ? 'C5 H10 N2 O3'   146.144 
GLU 'L-peptide linking' y 'GLUTAMIC ACID' ? 'C5 H9 N O4'     147.129 
GLY 'peptide linking'   y GLYCINE         ? 'C2 H5 N O2'     75.067  
HIS 'L-peptide linking' y HISTIDINE       ? 'C6 H10 N3 O2 1' 156.162 
HOH non-polymer         . WATER           ? 'H2 O'           18.015  
ILE 'L-peptide linking' y ISOLEUCINE      ? 'C6 H13 N O2'    131.173 
LEU 'L-peptide linking' y LEUCINE         ? 'C6 H13 N O2'    131.173 
LYS 'L-peptide linking' y LYSINE          ? 'C6 H15 N2 O2 1' 147.195 
MET 'L-peptide linking' y METHIONINE      ? 'C5 H11 N O2 S'  149.211 
PHE 'L-peptide linking' y PHENYLALANINE   ? 'C9 H11 N O2'    165.189 
PRO 'L-peptide linking' y PROLINE         ? 'C5 H9 N O2'     115.130 
SER 'L-peptide linking' y SERINE          ? 'C3 H7 N O3'     105.093 
SO4 non-polymer         . 'SULFATE ION'   ? 'O4 S -2'        96.063  
THR 'L-peptide linking' y THREONINE       ? 'C4 H9 N O3'     119.119 
TRP 'L-peptide linking' y TRYPTOPHAN      ? 'C11 H12 N2 O2'  204.225 
TYR 'L-peptide linking' y TYROSINE        ? 'C9 H11 N O3'    181.189 
VAL 'L-peptide linking' y VALINE          ? 'C5 H11 N O2'    117.146 
# 
loop_
_pdbx_poly_seq_scheme.asym_id 
_pdbx_poly_seq_scheme.entity_id 
_pdbx_poly_seq_scheme.seq_id 
_pdbx_poly_seq_scheme.mon_id 
_pdbx_poly_seq_scheme.ndb_seq_num 
_pdbx_poly_seq_scheme.pdb_seq_num 
_pdbx_poly_seq_scheme.auth_seq_num 
_pdbx_poly_seq_scheme.pdb_mon_id 
_pdbx_poly_seq_scheme.auth_mon_id 
_pdbx_poly_seq_scheme.pdb_strand_id 
_pdbx_poly_seq_scheme.pdb_ins_code 
_pdbx_poly_seq_scheme.hetero 
A 1 1   SER 1   1   1   SER SER A . n 
A 1 2   LEU 2   2   2   LEU LEU A . n 
A 1 3   LEU 3   3   3   LEU LEU A . n 
A 1 4   GLU 4   4   4   GLU GLU A . n 
A 1 5   PHE 5   5   5   PHE PHE A . n 
A 1 6   GLY 6   6   6   GLY GLY A . n 
A 1 7   LYS 7   7   7   LYS LYS A . n 
A 1 8   MET 8   8   8   MET MET A . n 
A 1 9   ILE 9   9   9   ILE ILE A . n 
A 1 10  LEU 10  10  10  LEU LEU A . n 
A 1 11  GLU 11  11  11  GLU GLU A . n 
A 1 12  GLU 12  12  12  GLU GLU A . n 
A 1 13  THR 13  13  13  THR THR A . n 
A 1 14  GLY 14  14  14  GLY GLY A . n 
A 1 15  LYS 15  16  16  LYS LYS A . n 
A 1 16  LEU 16  17  17  LEU LEU A . n 
A 1 17  ALA 17  18  18  ALA ALA A . n 
A 1 18  ILE 18  19  19  ILE ILE A . n 
A 1 19  PRO 19  20  20  PRO PRO A . n 
A 1 20  SER 20  21  21  SER SER A . n 
A 1 21  TYR 21  22  22  TYR TYR A . n 
A 1 22  SER 22  23  23  SER SER A . n 
A 1 23  SER 23  24  24  SER SER A . n 
A 1 24  TYR 24  25  25  TYR TYR A . n 
A 1 25  GLY 25  26  26  GLY GLY A . n 
A 1 26  CYS 26  27  27  CYS CYS A . n 
A 1 27  TYR 27  28  28  TYR TYR A . n 
A 1 28  CYS 28  29  29  CYS CYS A . n 
A 1 29  GLY 29  30  30  GLY GLY A . n 
A 1 30  TRP 30  31  31  TRP TRP A . n 
A 1 31  GLY 31  32  32  GLY GLY A . n 
A 1 32  GLY 32  33  33  GLY GLY A . n 
A 1 33  LYS 33  34  34  LYS LYS A . n 
A 1 34  GLY 34  35  35  GLY GLY A . n 
A 1 35  THR 35  36  36  THR THR A . n 
A 1 36  PRO 36  37  37  PRO PRO A . n 
A 1 37  LYS 37  38  38  LYS LYS A . n 
A 1 38  ASP 38  39  39  ASP ASP A . n 
A 1 39  ALA 39  40  40  ALA ALA A . n 
A 1 40  THR 40  41  41  THR THR A . n 
A 1 41  ASP 41  42  42  ASP ASP A . n 
A 1 42  ARG 42  43  43  ARG ARG A . n 
A 1 43  CYS 43  44  44  CYS CYS A . n 
A 1 44  CYS 44  45  45  CYS CYS A . n 
A 1 45  PHE 45  46  46  PHE PHE A . n 
A 1 46  VAL 46  47  47  VAL VAL A . n 
A 1 47  HIS 47  48  48  HIS HIS A . n 
A 1 48  ASP 48  49  49  ASP ASP A . n 
A 1 49  CYS 49  50  50  CYS CYS A . n 
A 1 50  CYS 50  51  51  CYS CYS A . n 
A 1 51  TYR 51  52  52  TYR TYR A . n 
A 1 52  GLY 52  53  53  GLY GLY A . n 
A 1 53  ASN 53  54  54  ASN ASN A . n 
A 1 54  LEU 54  55  55  LEU LEU A . n 
A 1 55  PRO 55  56  56  PRO PRO A . n 
A 1 56  ASP 56  59  59  ASP ASP A . n 
A 1 57  CYS 57  61  61  CYS CYS A . n 
A 1 58  ASN 58  67  67  ASN ASN A . n 
A 1 59  PRO 59  68  68  PRO PRO A . n 
A 1 60  LYS 60  69  69  LYS LYS A . n 
A 1 61  SER 61  70  70  SER SER A . n 
A 1 62  ASP 62  71  71  ASP ASP A . n 
A 1 63  ARG 63  72  72  ARG ARG A . n 
A 1 64  TYR 64  73  73  TYR TYR A . n 
A 1 65  LYS 65  74  74  LYS LYS A . n 
A 1 66  TYR 66  75  75  TYR TYR A . n 
A 1 67  LYS 67  76  76  LYS LYS A . n 
A 1 68  ARG 68  77  77  ARG ARG A . n 
A 1 69  VAL 69  78  78  VAL VAL A . n 
A 1 70  ASN 70  79  79  ASN ASN A . n 
A 1 71  GLY 71  80  80  GLY GLY A . n 
A 1 72  ALA 72  81  81  ALA ALA A . n 
A 1 73  ILE 73  82  82  ILE ILE A . n 
A 1 74  VAL 74  83  83  VAL VAL A . n 
A 1 75  CYS 75  84  84  CYS CYS A . n 
A 1 76  GLU 76  85  85  GLU GLU A . n 
A 1 77  LYS 77  86  86  LYS LYS A . n 
A 1 78  GLY 78  88  88  GLY GLY A . n 
A 1 79  THR 79  89  89  THR THR A . n 
A 1 80  SER 80  90  90  SER SER A . n 
A 1 81  CYS 81  91  91  CYS CYS A . n 
A 1 82  GLU 82  92  92  GLU GLU A . n 
A 1 83  ASN 83  93  93  ASN ASN A . n 
A 1 84  ARG 84  94  94  ARG ARG A . n 
A 1 85  ILE 85  95  95  ILE ILE A . n 
A 1 86  CYS 86  96  96  CYS CYS A . n 
A 1 87  GLU 87  97  97  GLU GLU A . n 
A 1 88  CYS 88  98  98  CYS CYS A . n 
A 1 89  ASP 89  99  99  ASP ASP A . n 
A 1 90  LYS 90  100 100 LYS LYS A . n 
A 1 91  ALA 91  101 101 ALA ALA A . n 
A 1 92  ALA 92  102 102 ALA ALA A . n 
A 1 93  ALA 93  103 103 ALA ALA A . n 
A 1 94  ILE 94  104 104 ILE ILE A . n 
A 1 95  CYS 95  105 105 CYS CYS A . n 
A 1 96  PHE 96  106 106 PHE PHE A . n 
A 1 97  ARG 97  107 107 ARG ARG A . n 
A 1 98  GLN 98  108 108 GLN GLN A . n 
A 1 99  ASN 99  109 109 ASN ASN A . n 
A 1 100 LEU 100 110 110 LEU LEU A . n 
A 1 101 ASN 101 111 111 ASN ASN A . n 
A 1 102 THR 102 112 112 THR THR A . n 
A 1 103 TYR 103 113 113 TYR TYR A . n 
A 1 104 SER 104 114 114 SER SER A . n 
A 1 105 LYS 105 115 115 LYS LYS A . n 
A 1 106 LYS 106 116 116 LYS LYS A . n 
A 1 107 TYR 107 117 117 TYR TYR A . n 
A 1 108 MET 108 118 118 MET MET A . n 
A 1 109 LEU 109 119 119 LEU LEU A . n 
A 1 110 TYR 110 120 120 TYR TYR A . n 
A 1 111 PRO 111 121 121 PRO PRO A . n 
A 1 112 ASP 112 122 122 ASP ASP A . n 
A 1 113 PHE 113 124 124 PHE PHE A . n 
A 1 114 LEU 114 125 125 LEU LEU A . n 
A 1 115 CYS 115 126 126 CYS CYS A . n 
A 1 116 LYS 116 127 127 LYS LYS A . n 
A 1 117 GLY 117 128 128 GLY GLY A . n 
A 1 118 GLU 118 129 129 GLU GLU A . n 
A 1 119 LEU 119 130 130 LEU LEU A . n 
A 1 120 LYS 120 131 131 LYS LYS A . n 
A 1 121 CYS 121 133 133 CYS CYS A . n 
B 2 1   PHE 1   1   1   PHE PHE B . n 
B 2 2   LEU 2   2   2   LEU LEU B . n 
B 2 3   ALA 3   3   3   ALA ALA B . n 
B 2 4   TYR 4   4   4   TYR TYR B . n 
B 2 5   LYS 5   5   5   LYS LYS B . n 
# 
loop_
_pdbx_nonpoly_scheme.asym_id 
_pdbx_nonpoly_scheme.entity_id 
_pdbx_nonpoly_scheme.mon_id 
_pdbx_nonpoly_scheme.ndb_seq_num 
_pdbx_nonpoly_scheme.pdb_seq_num 
_pdbx_nonpoly_scheme.auth_seq_num 
_pdbx_nonpoly_scheme.pdb_mon_id 
_pdbx_nonpoly_scheme.auth_mon_id 
_pdbx_nonpoly_scheme.pdb_strand_id 
_pdbx_nonpoly_scheme.pdb_ins_code 
C 3 ACT 1   201 1   ACT ACT A . 
D 4 SO4 1   202 201 SO4 SO4 A . 
E 4 SO4 1   203 204 SO4 SO4 A . 
F 5 HOH 1   301 1   HOH HOH A . 
F 5 HOH 2   302 2   HOH HOH A . 
F 5 HOH 3   303 3   HOH HOH A . 
F 5 HOH 4   304 4   HOH HOH A . 
F 5 HOH 5   305 5   HOH HOH A . 
F 5 HOH 6   306 6   HOH HOH A . 
F 5 HOH 7   307 8   HOH HOH A . 
F 5 HOH 8   308 9   HOH HOH A . 
F 5 HOH 9   309 10  HOH HOH A . 
F 5 HOH 10  310 11  HOH HOH A . 
F 5 HOH 11  311 12  HOH HOH A . 
F 5 HOH 12  312 13  HOH HOH A . 
F 5 HOH 13  313 14  HOH HOH A . 
F 5 HOH 14  314 15  HOH HOH A . 
F 5 HOH 15  315 16  HOH HOH A . 
F 5 HOH 16  316 17  HOH HOH A . 
F 5 HOH 17  317 18  HOH HOH A . 
F 5 HOH 18  318 19  HOH HOH A . 
F 5 HOH 19  319 20  HOH HOH A . 
F 5 HOH 20  320 21  HOH HOH A . 
F 5 HOH 21  321 22  HOH HOH A . 
F 5 HOH 22  322 23  HOH HOH A . 
F 5 HOH 23  323 24  HOH HOH A . 
F 5 HOH 24  324 25  HOH HOH A . 
F 5 HOH 25  325 26  HOH HOH A . 
F 5 HOH 26  326 27  HOH HOH A . 
F 5 HOH 27  327 28  HOH HOH A . 
F 5 HOH 28  328 29  HOH HOH A . 
F 5 HOH 29  329 30  HOH HOH A . 
F 5 HOH 30  330 31  HOH HOH A . 
F 5 HOH 31  331 32  HOH HOH A . 
F 5 HOH 32  332 33  HOH HOH A . 
F 5 HOH 33  333 34  HOH HOH A . 
F 5 HOH 34  334 35  HOH HOH A . 
F 5 HOH 35  335 36  HOH HOH A . 
F 5 HOH 36  336 38  HOH HOH A . 
F 5 HOH 37  337 39  HOH HOH A . 
F 5 HOH 38  338 40  HOH HOH A . 
F 5 HOH 39  339 42  HOH HOH A . 
F 5 HOH 40  340 43  HOH HOH A . 
F 5 HOH 41  341 44  HOH HOH A . 
F 5 HOH 42  342 45  HOH HOH A . 
F 5 HOH 43  343 46  HOH HOH A . 
F 5 HOH 44  344 47  HOH HOH A . 
F 5 HOH 45  345 49  HOH HOH A . 
F 5 HOH 46  346 50  HOH HOH A . 
F 5 HOH 47  347 51  HOH HOH A . 
F 5 HOH 48  348 52  HOH HOH A . 
F 5 HOH 49  349 53  HOH HOH A . 
F 5 HOH 50  350 54  HOH HOH A . 
F 5 HOH 51  351 55  HOH HOH A . 
F 5 HOH 52  352 57  HOH HOH A . 
F 5 HOH 53  353 58  HOH HOH A . 
F 5 HOH 54  354 59  HOH HOH A . 
F 5 HOH 55  355 60  HOH HOH A . 
F 5 HOH 56  356 61  HOH HOH A . 
F 5 HOH 57  357 62  HOH HOH A . 
F 5 HOH 58  358 63  HOH HOH A . 
F 5 HOH 59  359 64  HOH HOH A . 
F 5 HOH 60  360 65  HOH HOH A . 
F 5 HOH 61  361 69  HOH HOH A . 
F 5 HOH 62  362 70  HOH HOH A . 
F 5 HOH 63  363 71  HOH HOH A . 
F 5 HOH 64  364 73  HOH HOH A . 
F 5 HOH 65  365 75  HOH HOH A . 
F 5 HOH 66  366 76  HOH HOH A . 
F 5 HOH 67  367 77  HOH HOH A . 
F 5 HOH 68  368 79  HOH HOH A . 
F 5 HOH 69  369 81  HOH HOH A . 
F 5 HOH 70  370 82  HOH HOH A . 
F 5 HOH 71  371 84  HOH HOH A . 
F 5 HOH 72  372 85  HOH HOH A . 
F 5 HOH 73  373 86  HOH HOH A . 
F 5 HOH 74  374 87  HOH HOH A . 
F 5 HOH 75  375 88  HOH HOH A . 
F 5 HOH 76  376 89  HOH HOH A . 
F 5 HOH 77  377 90  HOH HOH A . 
F 5 HOH 78  378 91  HOH HOH A . 
F 5 HOH 79  379 92  HOH HOH A . 
F 5 HOH 80  380 93  HOH HOH A . 
F 5 HOH 81  381 95  HOH HOH A . 
F 5 HOH 82  382 96  HOH HOH A . 
F 5 HOH 83  383 97  HOH HOH A . 
F 5 HOH 84  384 98  HOH HOH A . 
F 5 HOH 85  385 102 HOH HOH A . 
F 5 HOH 86  386 103 HOH HOH A . 
F 5 HOH 87  387 104 HOH HOH A . 
F 5 HOH 88  388 106 HOH HOH A . 
F 5 HOH 89  389 108 HOH HOH A . 
F 5 HOH 90  390 109 HOH HOH A . 
F 5 HOH 91  391 110 HOH HOH A . 
F 5 HOH 92  392 112 HOH HOH A . 
F 5 HOH 93  393 113 HOH HOH A . 
F 5 HOH 94  394 114 HOH HOH A . 
F 5 HOH 95  395 115 HOH HOH A . 
F 5 HOH 96  396 117 HOH HOH A . 
F 5 HOH 97  397 119 HOH HOH A . 
F 5 HOH 98  398 120 HOH HOH A . 
F 5 HOH 99  399 121 HOH HOH A . 
F 5 HOH 100 400 122 HOH HOH A . 
F 5 HOH 101 401 123 HOH HOH A . 
F 5 HOH 102 402 124 HOH HOH A . 
F 5 HOH 103 403 125 HOH HOH A . 
F 5 HOH 104 404 126 HOH HOH A . 
F 5 HOH 105 405 127 HOH HOH A . 
F 5 HOH 106 406 129 HOH HOH A . 
F 5 HOH 107 407 130 HOH HOH A . 
F 5 HOH 108 408 131 HOH HOH A . 
F 5 HOH 109 409 133 HOH HOH A . 
F 5 HOH 110 410 134 HOH HOH A . 
F 5 HOH 111 411 135 HOH HOH A . 
F 5 HOH 112 412 136 HOH HOH A . 
F 5 HOH 113 413 138 HOH HOH A . 
F 5 HOH 114 414 139 HOH HOH A . 
F 5 HOH 115 415 140 HOH HOH A . 
F 5 HOH 116 416 141 HOH HOH A . 
F 5 HOH 117 417 145 HOH HOH A . 
F 5 HOH 118 418 146 HOH HOH A . 
F 5 HOH 119 419 147 HOH HOH A . 
F 5 HOH 120 420 148 HOH HOH A . 
F 5 HOH 121 421 151 HOH HOH A . 
F 5 HOH 122 422 152 HOH HOH A . 
F 5 HOH 123 423 153 HOH HOH A . 
F 5 HOH 124 424 154 HOH HOH A . 
F 5 HOH 125 425 157 HOH HOH A . 
F 5 HOH 126 426 158 HOH HOH A . 
F 5 HOH 127 427 159 HOH HOH A . 
F 5 HOH 128 428 160 HOH HOH A . 
F 5 HOH 129 429 161 HOH HOH A . 
F 5 HOH 130 430 164 HOH HOH A . 
F 5 HOH 131 431 165 HOH HOH A . 
F 5 HOH 132 432 167 HOH HOH A . 
F 5 HOH 133 433 168 HOH HOH A . 
F 5 HOH 134 434 169 HOH HOH A . 
F 5 HOH 135 435 170 HOH HOH A . 
F 5 HOH 136 436 171 HOH HOH A . 
F 5 HOH 137 437 172 HOH HOH A . 
F 5 HOH 138 438 173 HOH HOH A . 
F 5 HOH 139 439 174 HOH HOH A . 
F 5 HOH 140 440 175 HOH HOH A . 
F 5 HOH 141 441 176 HOH HOH A . 
F 5 HOH 142 442 177 HOH HOH A . 
F 5 HOH 143 443 179 HOH HOH A . 
F 5 HOH 144 444 180 HOH HOH A . 
F 5 HOH 145 445 182 HOH HOH A . 
F 5 HOH 146 446 183 HOH HOH A . 
F 5 HOH 147 447 185 HOH HOH A . 
F 5 HOH 148 448 186 HOH HOH A . 
# 
loop_
_software.name 
_software.classification 
_software.version 
_software.citation_id 
_software.pdbx_ordinal 
HKL-2000  'data collection' .        ? 1 
AMoRE     phasing           .        ? 2 
REFMAC    refinement        5.6.0117 ? 3 
AUTOMAR   'data reduction'  .        ? 4 
SCALEPACK 'data scaling'    .        ? 5 
# 
_cell.entry_id           4GLD 
_cell.length_a           51.777 
_cell.length_b           51.777 
_cell.length_c           47.484 
_cell.angle_alpha        90.00 
_cell.angle_beta         90.00 
_cell.angle_gamma        90.00 
_cell.Z_PDB              4 
_cell.pdbx_unique_axis   ? 
_cell.length_a_esd       ? 
_cell.length_b_esd       ? 
_cell.length_c_esd       ? 
_cell.angle_alpha_esd    ? 
_cell.angle_beta_esd     ? 
_cell.angle_gamma_esd    ? 
# 
_symmetry.entry_id                         4GLD 
_symmetry.space_group_name_H-M             'P 43' 
_symmetry.pdbx_full_space_group_name_H-M   ? 
_symmetry.cell_setting                     ? 
_symmetry.Int_Tables_number                78 
_symmetry.space_group_name_Hall            ? 
# 
_exptl.entry_id          4GLD 
_exptl.method            'X-RAY DIFFRACTION' 
_exptl.crystals_number   1 
# 
_exptl_crystal.id                    1 
_exptl_crystal.density_meas          ? 
_exptl_crystal.density_Matthews      2.23 
_exptl_crystal.density_percent_sol   44.84 
_exptl_crystal.description           ? 
_exptl_crystal.F_000                 ? 
_exptl_crystal.preparation           ? 
# 
_exptl_crystal_grow.crystal_id      1 
_exptl_crystal_grow.method          'VAPOR DIFFUSION, HANGING DROP' 
_exptl_crystal_grow.temp            298 
_exptl_crystal_grow.temp_details    ? 
_exptl_crystal_grow.pH              7.2 
_exptl_crystal_grow.pdbx_details    '0.3M AMMONIUM SULPHATE, 30% PEG 4000, pH 7.2, VAPOR DIFFUSION, HANGING DROP, temperature 298K' 
_exptl_crystal_grow.pdbx_pH_range   . 
# 
_diffrn.id                     1 
_diffrn.ambient_temp           77 
_diffrn.ambient_temp_details   ? 
_diffrn.crystal_id             1 
# 
_diffrn_detector.diffrn_id              1 
_diffrn_detector.detector               CCD 
_diffrn_detector.type                   MARRESEARCH 
_diffrn_detector.pdbx_collection_date   2004-04-25 
_diffrn_detector.details                mirror 
# 
_diffrn_radiation.diffrn_id                        1 
_diffrn_radiation.wavelength_id                    1 
_diffrn_radiation.pdbx_monochromatic_or_laue_m_l   M 
_diffrn_radiation.monochromator                    graphite 
_diffrn_radiation.pdbx_diffrn_protocol             'SINGLE WAVELENGTH' 
_diffrn_radiation.pdbx_scattering_type             x-ray 
# 
_diffrn_radiation_wavelength.id           1 
_diffrn_radiation_wavelength.wavelength   0.97 
_diffrn_radiation_wavelength.wt           1.0 
# 
_diffrn_source.diffrn_id                   1 
_diffrn_source.source                      SYNCHROTRON 
_diffrn_source.type                        'EMBL/DESY, HAMBURG BEAMLINE X11' 
_diffrn_source.pdbx_synchrotron_site       'EMBL/DESY, HAMBURG' 
_diffrn_source.pdbx_synchrotron_beamline   X11 
_diffrn_source.pdbx_wavelength             ? 
_diffrn_source.pdbx_wavelength_list        0.97 
# 
_reflns.entry_id                     4GLD 
_reflns.observed_criterion_sigma_I   0.0 
_reflns.observed_criterion_sigma_F   0.0 
_reflns.d_resolution_low             51.78 
_reflns.d_resolution_high            1.69 
_reflns.number_obs                   14002 
_reflns.number_all                   ? 
_reflns.percent_possible_obs         99.6 
_reflns.pdbx_Rmerge_I_obs            ? 
_reflns.pdbx_Rsym_value              0.052 
_reflns.pdbx_netI_over_sigmaI        17.0 
_reflns.B_iso_Wilson_estimate        ? 
_reflns.pdbx_redundancy              ? 
_reflns.R_free_details               ? 
_reflns.limit_h_max                  ? 
_reflns.limit_h_min                  ? 
_reflns.limit_k_max                  ? 
_reflns.limit_k_min                  ? 
_reflns.limit_l_max                  ? 
_reflns.limit_l_min                  ? 
_reflns.observed_criterion_F_max     ? 
_reflns.observed_criterion_F_min     ? 
_reflns.pdbx_chi_squared             ? 
_reflns.pdbx_scaling_rejects         ? 
_reflns.pdbx_ordinal                 1 
_reflns.pdbx_diffrn_id               1 
# 
_reflns_shell.d_res_high                  1.69 
_reflns_shell.d_res_low                   1.75 
_reflns_shell.percent_possible_all        100 
_reflns_shell.Rmerge_I_obs                ? 
_reflns_shell.pdbx_Rsym_value             0.196 
_reflns_shell.meanI_over_sigI_obs         5.0 
_reflns_shell.pdbx_redundancy             ? 
_reflns_shell.percent_possible_obs        ? 
_reflns_shell.number_unique_all           ? 
_reflns_shell.number_measured_all         ? 
_reflns_shell.number_measured_obs         ? 
_reflns_shell.number_unique_obs           ? 
_reflns_shell.pdbx_chi_squared            ? 
_reflns_shell.pdbx_rejects                ? 
_reflns_shell.pdbx_netI_over_sigmaI_obs   ? 
_reflns_shell.number_possible             ? 
_reflns_shell.Rmerge_F_all                ? 
_reflns_shell.Rmerge_F_obs                ? 
_reflns_shell.Rmerge_I_all                ? 
_reflns_shell.meanI_over_sigI_all         ? 
_reflns_shell.pdbx_Rrim_I_all             ? 
_reflns_shell.pdbx_Rpim_I_all             ? 
_reflns_shell.pdbx_ordinal                1 
_reflns_shell.pdbx_diffrn_id              1 
# 
_refine.entry_id                                 4GLD 
_refine.ls_number_reflns_obs                     13411 
_refine.ls_number_reflns_all                     14002 
_refine.pdbx_ls_sigma_I                          0.0 
_refine.pdbx_ls_sigma_F                          0.0 
_refine.pdbx_data_cutoff_high_absF               ? 
_refine.pdbx_data_cutoff_low_absF                ? 
_refine.pdbx_data_cutoff_high_rms_absF           ? 
_refine.ls_d_res_low                             51.78 
_refine.ls_d_res_high                            1.69 
_refine.ls_percent_reflns_obs                    99.64 
_refine.ls_R_factor_obs                          0.17534 
_refine.ls_R_factor_all                          0.17534 
_refine.ls_R_factor_R_work                       0.17410 
_refine.ls_R_factor_R_free                       0.19887 
_refine.ls_R_factor_R_free_error                 ? 
_refine.ls_R_factor_R_free_error_details         ? 
_refine.ls_percent_reflns_R_free                 5.0 
_refine.ls_number_reflns_R_free                  708 
_refine.ls_number_parameters                     ? 
_refine.ls_number_restraints                     ? 
_refine.occupancy_min                            ? 
_refine.occupancy_max                            ? 
_refine.correlation_coeff_Fo_to_Fc               0.956 
_refine.correlation_coeff_Fo_to_Fc_free          0.941 
_refine.B_iso_mean                               22.397 
_refine.aniso_B[1][1]                            0.14 
_refine.aniso_B[2][2]                            0.14 
_refine.aniso_B[3][3]                            -0.27 
_refine.aniso_B[1][2]                            0.00 
_refine.aniso_B[1][3]                            -0.00 
_refine.aniso_B[2][3]                            0.00 
_refine.solvent_model_details                    MASK 
_refine.solvent_model_param_ksol                 ? 
_refine.solvent_model_param_bsol                 ? 
_refine.pdbx_solvent_vdw_probe_radii             1.20 
_refine.pdbx_solvent_ion_probe_radii             0.80 
_refine.pdbx_solvent_shrinkage_radii             0.80 
_refine.pdbx_ls_cross_valid_method               THROUGHOUT 
_refine.details                                  'HYDROGENS HAVE BEEN USED IF PRESENT IN THE INPUT' 
_refine.pdbx_starting_model                      4FGA 
_refine.pdbx_method_to_determine_struct          'MOLECULAR REPLACEMENT' 
_refine.pdbx_isotropic_thermal_model             ? 
_refine.pdbx_stereochemistry_target_values       'MAXIMUM LIKELIHOOD' 
_refine.pdbx_stereochem_target_val_spec_case     ? 
_refine.pdbx_R_Free_selection_details            RANDOM 
_refine.pdbx_overall_ESU_R                       0.109 
_refine.pdbx_overall_ESU_R_Free                  0.101 
_refine.overall_SU_ML                            0.064 
_refine.pdbx_overall_phase_error                 ? 
_refine.overall_SU_B                             1.887 
_refine.overall_SU_R_Cruickshank_DPI             ? 
_refine.ls_redundancy_reflns_obs                 ? 
_refine.B_iso_min                                ? 
_refine.B_iso_max                                ? 
_refine.overall_SU_R_free                        ? 
_refine.ls_wR_factor_R_free                      ? 
_refine.ls_wR_factor_R_work                      ? 
_refine.overall_FOM_free_R_set                   ? 
_refine.overall_FOM_work_R_set                   ? 
_refine.pdbx_diffrn_id                           1 
_refine.pdbx_refine_id                           'X-RAY DIFFRACTION' 
_refine.pdbx_TLS_residual_ADP_flag               ? 
_refine.pdbx_overall_SU_R_free_Cruickshank_DPI   ? 
_refine.pdbx_overall_SU_R_Blow_DPI               ? 
_refine.pdbx_overall_SU_R_free_Blow_DPI          ? 
# 
_refine_hist.pdbx_refine_id                   'X-RAY DIFFRACTION' 
_refine_hist.cycle_id                         LAST 
_refine_hist.pdbx_number_atoms_protein        990 
_refine_hist.pdbx_number_atoms_nucleic_acid   0 
_refine_hist.pdbx_number_atoms_ligand         14 
_refine_hist.number_atoms_solvent             148 
_refine_hist.number_atoms_total               1152 
_refine_hist.d_res_high                       1.69 
_refine_hist.d_res_low                        51.78 
# 
loop_
_refine_ls_restr.type 
_refine_ls_restr.dev_ideal 
_refine_ls_restr.dev_ideal_target 
_refine_ls_restr.weight 
_refine_ls_restr.number 
_refine_ls_restr.pdbx_restraint_function 
_refine_ls_restr.pdbx_refine_id 
r_bond_refined_d       0.023  0.020  ? 1023 ? 'X-RAY DIFFRACTION' 
r_angle_refined_deg    2.320  1.998  ? 1367 ? 'X-RAY DIFFRACTION' 
r_dihedral_angle_1_deg 8.371  5.000  ? 117  ? 'X-RAY DIFFRACTION' 
r_dihedral_angle_2_deg 38.703 23.721 ? 43   ? 'X-RAY DIFFRACTION' 
r_dihedral_angle_3_deg 16.538 15.000 ? 182  ? 'X-RAY DIFFRACTION' 
r_dihedral_angle_4_deg 7.460  15.000 ? 5    ? 'X-RAY DIFFRACTION' 
r_chiral_restr         0.166  0.200  ? 141  ? 'X-RAY DIFFRACTION' 
r_gen_planes_refined   0.013  0.021  ? 736  ? 'X-RAY DIFFRACTION' 
# 
_refine_ls_shell.pdbx_refine_id                   'X-RAY DIFFRACTION' 
_refine_ls_shell.pdbx_total_number_of_bins_used   20 
_refine_ls_shell.d_res_high                       1.690 
_refine_ls_shell.d_res_low                        1.734 
_refine_ls_shell.number_reflns_R_work             942 
_refine_ls_shell.R_factor_R_work                  0.281 
_refine_ls_shell.percent_reflns_obs               100.00 
_refine_ls_shell.R_factor_R_free                  0.294 
_refine_ls_shell.R_factor_R_free_error            ? 
_refine_ls_shell.percent_reflns_R_free            ? 
_refine_ls_shell.number_reflns_R_free             50 
_refine_ls_shell.number_reflns_all                ? 
_refine_ls_shell.R_factor_all                     ? 
_refine_ls_shell.number_reflns_obs                ? 
_refine_ls_shell.redundancy_reflns_obs            ? 
# 
_struct.entry_id                  4GLD 
_struct.title                     
;Crystal Structure of the complex of type II phospholipase A2 with a designed peptide inhibitor Phe - Leu - Ala - Tyr - Lys at 1.69 A resolution
;
_struct.pdbx_model_details        ? 
_struct.pdbx_CASP_flag            ? 
_struct.pdbx_model_type_details   ? 
# 
_struct_keywords.entry_id        4GLD 
_struct_keywords.pdbx_keywords   'HYDROLASE/HYDROLASE INHIBITOR' 
_struct_keywords.text            
'PLA2, ANTI-INFLAMMATORY, ANTI-COAGULANT, PEPTIDE-INHIBITOR, HYDROLASE-HYDROLASE INHIBITOR complex' 
# 
loop_
_struct_asym.id 
_struct_asym.pdbx_blank_PDB_chainid_flag 
_struct_asym.pdbx_modified 
_struct_asym.entity_id 
_struct_asym.details 
A N N 1 ? 
B N N 2 ? 
C N N 3 ? 
D N N 4 ? 
E N N 4 ? 
F N N 5 ? 
# 
loop_
_struct_ref.id 
_struct_ref.db_name 
_struct_ref.db_code 
_struct_ref.pdbx_db_accession 
_struct_ref.entity_id 
_struct_ref.pdbx_seq_one_letter_code 
_struct_ref.pdbx_align_begin 
_struct_ref.pdbx_db_isoform 
1 UNP D0VX11_DABRP D0VX11 1 
;SLLEFGKMILEETGKLAIPSYSSYGCYCGWGGKGTPKDATDRCCFVHDCCYGNLPDCNPKSDRYKYKRVNGAIVCEKGTS
CENRICECDKAAAICFRQNLNTYSKKYMLYPDFLCKGELKC
;
1 ? 
2 PDB 4GLD         4GLD   2 ? ? ? 
# 
loop_
_struct_ref_seq.align_id 
_struct_ref_seq.ref_id 
_struct_ref_seq.pdbx_PDB_id_code 
_struct_ref_seq.pdbx_strand_id 
_struct_ref_seq.seq_align_beg 
_struct_ref_seq.pdbx_seq_align_beg_ins_code 
_struct_ref_seq.seq_align_end 
_struct_ref_seq.pdbx_seq_align_end_ins_code 
_struct_ref_seq.pdbx_db_accession 
_struct_ref_seq.db_align_beg 
_struct_ref_seq.pdbx_db_align_beg_ins_code 
_struct_ref_seq.db_align_end 
_struct_ref_seq.pdbx_db_align_end_ins_code 
_struct_ref_seq.pdbx_auth_seq_align_beg 
_struct_ref_seq.pdbx_auth_seq_align_end 
1 1 4GLD A 1 ? 121 ? D0VX11 1 ? 121 ? 1 133 
2 2 4GLD B 1 ? 5   ? 4GLD   1 ? 5   ? 1 5   
# 
_pdbx_struct_assembly.id                   1 
_pdbx_struct_assembly.details              author_and_software_defined_assembly 
_pdbx_struct_assembly.method_details       PISA 
_pdbx_struct_assembly.oligomeric_details   dimeric 
_pdbx_struct_assembly.oligomeric_count     2 
# 
loop_
_pdbx_struct_assembly_prop.biol_id 
_pdbx_struct_assembly_prop.type 
_pdbx_struct_assembly_prop.value 
_pdbx_struct_assembly_prop.details 
1 'ABSA (A^2)' 1450 ? 
1 MORE         -34  ? 
1 'SSA (A^2)'  7300 ? 
# 
_pdbx_struct_assembly_gen.assembly_id       1 
_pdbx_struct_assembly_gen.oper_expression   1 
_pdbx_struct_assembly_gen.asym_id_list      A,B,C,D,E,F 
# 
_pdbx_struct_oper_list.id                   1 
_pdbx_struct_oper_list.type                 'identity operation' 
_pdbx_struct_oper_list.name                 1_555 
_pdbx_struct_oper_list.symmetry_operation   x,y,z 
_pdbx_struct_oper_list.matrix[1][1]         1.0000000000 
_pdbx_struct_oper_list.matrix[1][2]         0.0000000000 
_pdbx_struct_oper_list.matrix[1][3]         0.0000000000 
_pdbx_struct_oper_list.vector[1]            0.0000000000 
_pdbx_struct_oper_list.matrix[2][1]         0.0000000000 
_pdbx_struct_oper_list.matrix[2][2]         1.0000000000 
_pdbx_struct_oper_list.matrix[2][3]         0.0000000000 
_pdbx_struct_oper_list.vector[2]            0.0000000000 
_pdbx_struct_oper_list.matrix[3][1]         0.0000000000 
_pdbx_struct_oper_list.matrix[3][2]         0.0000000000 
_pdbx_struct_oper_list.matrix[3][3]         1.0000000000 
_pdbx_struct_oper_list.vector[3]            0.0000000000 
# 
_struct_biol.id        1 
_struct_biol.details   ? 
# 
loop_
_struct_conf.conf_type_id 
_struct_conf.id 
_struct_conf.pdbx_PDB_helix_id 
_struct_conf.beg_label_comp_id 
_struct_conf.beg_label_asym_id 
_struct_conf.beg_label_seq_id 
_struct_conf.pdbx_beg_PDB_ins_code 
_struct_conf.end_label_comp_id 
_struct_conf.end_label_asym_id 
_struct_conf.end_label_seq_id 
_struct_conf.pdbx_end_PDB_ins_code 
_struct_conf.beg_auth_comp_id 
_struct_conf.beg_auth_asym_id 
_struct_conf.beg_auth_seq_id 
_struct_conf.end_auth_comp_id 
_struct_conf.end_auth_asym_id 
_struct_conf.end_auth_seq_id 
_struct_conf.pdbx_PDB_helix_class 
_struct_conf.details 
_struct_conf.pdbx_PDB_helix_length 
HELX_P HELX_P1 1 SER A 1   ? GLY A 14  ? SER A 1   GLY A 14  1 ? 14 
HELX_P HELX_P2 2 LEU A 16  ? TYR A 21  ? LEU A 17  TYR A 22  1 ? 6  
HELX_P HELX_P3 3 ASP A 38  ? ASN A 53  ? ASP A 39  ASN A 54  1 ? 16 
HELX_P HELX_P4 4 THR A 79  ? ASN A 99  ? THR A 89  ASN A 109 1 ? 21 
HELX_P HELX_P5 5 LEU A 100 ? TYR A 103 ? LEU A 110 TYR A 113 5 ? 4  
HELX_P HELX_P6 6 SER A 104 ? MET A 108 ? SER A 114 MET A 118 5 ? 5  
HELX_P HELX_P7 7 PRO A 111 ? CYS A 115 ? PRO A 121 CYS A 126 5 ? 5  
# 
_struct_conf_type.id          HELX_P 
_struct_conf_type.criteria    ? 
_struct_conf_type.reference   ? 
# 
loop_
_struct_conn.id 
_struct_conn.conn_type_id 
_struct_conn.pdbx_leaving_atom_flag 
_struct_conn.pdbx_PDB_id 
_struct_conn.ptnr1_label_asym_id 
_struct_conn.ptnr1_label_comp_id 
_struct_conn.ptnr1_label_seq_id 
_struct_conn.ptnr1_label_atom_id 
_struct_conn.pdbx_ptnr1_label_alt_id 
_struct_conn.pdbx_ptnr1_PDB_ins_code 
_struct_conn.pdbx_ptnr1_standard_comp_id 
_struct_conn.ptnr1_symmetry 
_struct_conn.ptnr2_label_asym_id 
_struct_conn.ptnr2_label_comp_id 
_struct_conn.ptnr2_label_seq_id 
_struct_conn.ptnr2_label_atom_id 
_struct_conn.pdbx_ptnr2_label_alt_id 
_struct_conn.pdbx_ptnr2_PDB_ins_code 
_struct_conn.ptnr1_auth_asym_id 
_struct_conn.ptnr1_auth_comp_id 
_struct_conn.ptnr1_auth_seq_id 
_struct_conn.ptnr2_auth_asym_id 
_struct_conn.ptnr2_auth_comp_id 
_struct_conn.ptnr2_auth_seq_id 
_struct_conn.ptnr2_symmetry 
_struct_conn.pdbx_ptnr3_label_atom_id 
_struct_conn.pdbx_ptnr3_label_seq_id 
_struct_conn.pdbx_ptnr3_label_comp_id 
_struct_conn.pdbx_ptnr3_label_asym_id 
_struct_conn.pdbx_ptnr3_label_alt_id 
_struct_conn.pdbx_ptnr3_PDB_ins_code 
_struct_conn.details 
_struct_conn.pdbx_dist_value 
_struct_conn.pdbx_value_order 
_struct_conn.pdbx_role 
disulf1 disulf ? ? A CYS 26 SG ? ? ? 1_555 A CYS 115 SG ? ? A CYS 27 A CYS 126 1_555 ? ? ? ? ? ? ? 2.053 ? ? 
disulf2 disulf ? ? A CYS 28 SG ? ? ? 1_555 A CYS 44  SG ? ? A CYS 29 A CYS 45  1_555 ? ? ? ? ? ? ? 2.042 ? ? 
disulf3 disulf ? ? A CYS 43 SG ? ? ? 1_555 A CYS 95  SG ? ? A CYS 44 A CYS 105 1_555 ? ? ? ? ? ? ? 2.027 ? ? 
disulf4 disulf ? ? A CYS 49 SG ? ? ? 1_555 A CYS 121 SG ? ? A CYS 50 A CYS 133 1_555 ? ? ? ? ? ? ? 2.041 ? ? 
disulf5 disulf ? ? A CYS 50 SG ? ? ? 1_555 A CYS 88  SG ? ? A CYS 51 A CYS 98  1_555 ? ? ? ? ? ? ? 2.039 ? ? 
disulf6 disulf ? ? A CYS 57 SG ? ? ? 1_555 A CYS 81  SG ? ? A CYS 61 A CYS 91  1_555 ? ? ? ? ? ? ? 2.055 ? ? 
disulf7 disulf ? ? A CYS 75 SG ? ? ? 1_555 A CYS 86  SG ? ? A CYS 84 A CYS 96  1_555 ? ? ? ? ? ? ? 2.028 ? ? 
# 
_struct_conn_type.id          disulf 
_struct_conn_type.criteria    ? 
_struct_conn_type.reference   ? 
# 
loop_
_pdbx_modification_feature.ordinal 
_pdbx_modification_feature.label_comp_id 
_pdbx_modification_feature.label_asym_id 
_pdbx_modification_feature.label_seq_id 
_pdbx_modification_feature.label_alt_id 
_pdbx_modification_feature.modified_residue_label_comp_id 
_pdbx_modification_feature.modified_residue_label_asym_id 
_pdbx_modification_feature.modified_residue_label_seq_id 
_pdbx_modification_feature.modified_residue_label_alt_id 
_pdbx_modification_feature.auth_comp_id 
_pdbx_modification_feature.auth_asym_id 
_pdbx_modification_feature.auth_seq_id 
_pdbx_modification_feature.PDB_ins_code 
_pdbx_modification_feature.symmetry 
_pdbx_modification_feature.modified_residue_auth_comp_id 
_pdbx_modification_feature.modified_residue_auth_asym_id 
_pdbx_modification_feature.modified_residue_auth_seq_id 
_pdbx_modification_feature.modified_residue_PDB_ins_code 
_pdbx_modification_feature.modified_residue_symmetry 
_pdbx_modification_feature.comp_id_linking_atom 
_pdbx_modification_feature.modified_residue_id_linking_atom 
_pdbx_modification_feature.modified_residue_id 
_pdbx_modification_feature.ref_pcm_id 
_pdbx_modification_feature.ref_comp_id 
_pdbx_modification_feature.type 
_pdbx_modification_feature.category 
1 CYS A 26 ? CYS A 115 ? CYS A 27 ? 1_555 CYS A 126 ? 1_555 SG SG . . . None 'Disulfide bridge' 
2 CYS A 28 ? CYS A 44  ? CYS A 29 ? 1_555 CYS A 45  ? 1_555 SG SG . . . None 'Disulfide bridge' 
3 CYS A 43 ? CYS A 95  ? CYS A 44 ? 1_555 CYS A 105 ? 1_555 SG SG . . . None 'Disulfide bridge' 
4 CYS A 49 ? CYS A 121 ? CYS A 50 ? 1_555 CYS A 133 ? 1_555 SG SG . . . None 'Disulfide bridge' 
5 CYS A 50 ? CYS A 88  ? CYS A 51 ? 1_555 CYS A 98  ? 1_555 SG SG . . . None 'Disulfide bridge' 
6 CYS A 57 ? CYS A 81  ? CYS A 61 ? 1_555 CYS A 91  ? 1_555 SG SG . . . None 'Disulfide bridge' 
7 CYS A 75 ? CYS A 86  ? CYS A 84 ? 1_555 CYS A 96  ? 1_555 SG SG . . . None 'Disulfide bridge' 
# 
_struct_mon_prot_cis.pdbx_id                1 
_struct_mon_prot_cis.label_comp_id          ILE 
_struct_mon_prot_cis.label_seq_id           18 
_struct_mon_prot_cis.label_asym_id          A 
_struct_mon_prot_cis.label_alt_id           . 
_struct_mon_prot_cis.pdbx_PDB_ins_code      ? 
_struct_mon_prot_cis.auth_comp_id           ILE 
_struct_mon_prot_cis.auth_seq_id            19 
_struct_mon_prot_cis.auth_asym_id           A 
_struct_mon_prot_cis.pdbx_label_comp_id_2   PRO 
_struct_mon_prot_cis.pdbx_label_seq_id_2    19 
_struct_mon_prot_cis.pdbx_label_asym_id_2   A 
_struct_mon_prot_cis.pdbx_PDB_ins_code_2    ? 
_struct_mon_prot_cis.pdbx_auth_comp_id_2    PRO 
_struct_mon_prot_cis.pdbx_auth_seq_id_2     20 
_struct_mon_prot_cis.pdbx_auth_asym_id_2    A 
_struct_mon_prot_cis.pdbx_PDB_model_num     1 
_struct_mon_prot_cis.pdbx_omega_angle       19.07 
# 
_struct_sheet.id               A 
_struct_sheet.type             ? 
_struct_sheet.number_strands   2 
_struct_sheet.details          ? 
# 
_struct_sheet_order.sheet_id     A 
_struct_sheet_order.range_id_1   1 
_struct_sheet_order.range_id_2   2 
_struct_sheet_order.offset       ? 
_struct_sheet_order.sense        anti-parallel 
# 
loop_
_struct_sheet_range.sheet_id 
_struct_sheet_range.id 
_struct_sheet_range.beg_label_comp_id 
_struct_sheet_range.beg_label_asym_id 
_struct_sheet_range.beg_label_seq_id 
_struct_sheet_range.pdbx_beg_PDB_ins_code 
_struct_sheet_range.end_label_comp_id 
_struct_sheet_range.end_label_asym_id 
_struct_sheet_range.end_label_seq_id 
_struct_sheet_range.pdbx_end_PDB_ins_code 
_struct_sheet_range.beg_auth_comp_id 
_struct_sheet_range.beg_auth_asym_id 
_struct_sheet_range.beg_auth_seq_id 
_struct_sheet_range.end_auth_comp_id 
_struct_sheet_range.end_auth_asym_id 
_struct_sheet_range.end_auth_seq_id 
A 1 TYR A 66 ? VAL A 69 ? TYR A 75 VAL A 78 
A 2 ALA A 72 ? CYS A 75 ? ALA A 81 CYS A 84 
# 
_pdbx_struct_sheet_hbond.sheet_id                A 
_pdbx_struct_sheet_hbond.range_id_1              1 
_pdbx_struct_sheet_hbond.range_id_2              2 
_pdbx_struct_sheet_hbond.range_1_label_atom_id   N 
_pdbx_struct_sheet_hbond.range_1_label_comp_id   LYS 
_pdbx_struct_sheet_hbond.range_1_label_asym_id   A 
_pdbx_struct_sheet_hbond.range_1_label_seq_id    67 
_pdbx_struct_sheet_hbond.range_1_PDB_ins_code    ? 
_pdbx_struct_sheet_hbond.range_1_auth_atom_id    N 
_pdbx_struct_sheet_hbond.range_1_auth_comp_id    LYS 
_pdbx_struct_sheet_hbond.range_1_auth_asym_id    A 
_pdbx_struct_sheet_hbond.range_1_auth_seq_id     76 
_pdbx_struct_sheet_hbond.range_2_label_atom_id   O 
_pdbx_struct_sheet_hbond.range_2_label_comp_id   VAL 
_pdbx_struct_sheet_hbond.range_2_label_asym_id   A 
_pdbx_struct_sheet_hbond.range_2_label_seq_id    74 
_pdbx_struct_sheet_hbond.range_2_PDB_ins_code    ? 
_pdbx_struct_sheet_hbond.range_2_auth_atom_id    O 
_pdbx_struct_sheet_hbond.range_2_auth_comp_id    VAL 
_pdbx_struct_sheet_hbond.range_2_auth_asym_id    A 
_pdbx_struct_sheet_hbond.range_2_auth_seq_id     83 
# 
loop_
_struct_site.id 
_struct_site.pdbx_evidence_code 
_struct_site.pdbx_auth_asym_id 
_struct_site.pdbx_auth_comp_id 
_struct_site.pdbx_auth_seq_id 
_struct_site.pdbx_auth_ins_code 
_struct_site.pdbx_num_residues 
_struct_site.details 
AC1 Software A ACT 201 ? 2  'BINDING SITE FOR RESIDUE ACT A 201' 
AC2 Software A SO4 202 ? 6  'BINDING SITE FOR RESIDUE SO4 A 202' 
AC3 Software A SO4 203 ? 3  'BINDING SITE FOR RESIDUE SO4 A 203' 
AC4 Software ? ?   ?   ? 18 'BINDING SITE FOR CHAIN B OF FLAYK'  
# 
loop_
_struct_site_gen.id 
_struct_site_gen.site_id 
_struct_site_gen.pdbx_num_res 
_struct_site_gen.label_comp_id 
_struct_site_gen.label_asym_id 
_struct_site_gen.label_seq_id 
_struct_site_gen.pdbx_auth_ins_code 
_struct_site_gen.auth_comp_id 
_struct_site_gen.auth_asym_id 
_struct_site_gen.auth_seq_id 
_struct_site_gen.label_atom_id 
_struct_site_gen.label_alt_id 
_struct_site_gen.symmetry 
_struct_site_gen.details 
1  AC1 2  GLU A 11  ? GLU A 11  . ? 1_555 ? 
2  AC1 2  TYR A 66  ? TYR A 75  . ? 1_555 ? 
3  AC2 6  SER A 1   ? SER A 1   . ? 1_555 ? 
4  AC2 6  LEU A 3   ? LEU A 3   . ? 1_555 ? 
5  AC2 6  ARG A 63  ? ARG A 72  . ? 1_555 ? 
6  AC2 6  HOH F .   ? HOH A 375 . ? 1_555 ? 
7  AC2 6  HOH F .   ? HOH A 389 . ? 1_555 ? 
8  AC2 6  HOH F .   ? HOH A 399 . ? 1_555 ? 
9  AC3 3  SER A 104 ? SER A 114 . ? 1_555 ? 
10 AC3 3  LYS A 105 ? LYS A 115 . ? 1_555 ? 
11 AC3 3  LYS A 120 ? LYS A 131 . ? 4_565 ? 
12 AC4 18 LEU A 2   ? LEU A 2   . ? 1_555 ? 
13 AC4 18 LEU A 3   ? LEU A 3   . ? 1_555 ? 
14 AC4 18 PHE A 5   ? PHE A 5   . ? 1_555 ? 
15 AC4 18 GLY A 6   ? GLY A 6   . ? 1_555 ? 
16 AC4 18 LYS A 7   ? LYS A 7   . ? 1_555 ? 
17 AC4 18 LEU A 10  ? LEU A 10  . ? 1_555 ? 
18 AC4 18 LEU A 16  ? LEU A 17  . ? 1_555 ? 
19 AC4 18 ALA A 17  ? ALA A 18  . ? 1_555 ? 
20 AC4 18 ILE A 18  ? ILE A 19  . ? 1_555 ? 
21 AC4 18 TYR A 21  ? TYR A 22  . ? 1_555 ? 
22 AC4 18 SER A 22  ? SER A 23  . ? 1_555 ? 
23 AC4 18 GLY A 29  ? GLY A 30  . ? 1_555 ? 
24 AC4 18 CYS A 44  ? CYS A 45  . ? 1_555 ? 
25 AC4 18 HIS A 47  ? HIS A 48  . ? 1_555 ? 
26 AC4 18 ASP A 48  ? ASP A 49  . ? 1_555 ? 
27 AC4 18 TYR A 66  ? TYR A 75  . ? 3_564 ? 
28 AC4 18 GLU A 76  ? GLU A 85  . ? 3_564 ? 
29 AC4 18 ASN A 101 ? ASN A 111 . ? 2_564 ? 
# 
_pdbx_entry_details.entry_id                   4GLD 
_pdbx_entry_details.compound_details           ? 
_pdbx_entry_details.source_details             ? 
_pdbx_entry_details.nonpolymer_details         ? 
_pdbx_entry_details.sequence_details           ? 
_pdbx_entry_details.has_ligand_of_interest     ? 
_pdbx_entry_details.has_protein_modification   Y 
# 
loop_
_pdbx_validate_torsion.id 
_pdbx_validate_torsion.PDB_model_num 
_pdbx_validate_torsion.auth_comp_id 
_pdbx_validate_torsion.auth_asym_id 
_pdbx_validate_torsion.auth_seq_id 
_pdbx_validate_torsion.PDB_ins_code 
_pdbx_validate_torsion.label_alt_id 
_pdbx_validate_torsion.phi 
_pdbx_validate_torsion.psi 
1 1 SER A 24 ? ? -141.53 57.69   
2 1 ASN A 79 ? ? 50.93   -123.43 
3 1 ALA B 3  ? ? -91.60  -83.02  
4 1 TYR B 4  ? ? -73.09  -154.31 
# 
loop_
_pdbx_validate_peptide_omega.id 
_pdbx_validate_peptide_omega.PDB_model_num 
_pdbx_validate_peptide_omega.auth_comp_id_1 
_pdbx_validate_peptide_omega.auth_asym_id_1 
_pdbx_validate_peptide_omega.auth_seq_id_1 
_pdbx_validate_peptide_omega.PDB_ins_code_1 
_pdbx_validate_peptide_omega.label_alt_id_1 
_pdbx_validate_peptide_omega.auth_comp_id_2 
_pdbx_validate_peptide_omega.auth_asym_id_2 
_pdbx_validate_peptide_omega.auth_seq_id_2 
_pdbx_validate_peptide_omega.PDB_ins_code_2 
_pdbx_validate_peptide_omega.label_alt_id_2 
_pdbx_validate_peptide_omega.omega 
1 1 LEU B 2 ? ? ALA B 3 ? ? 134.36  
2 1 ALA B 3 ? ? TYR B 4 ? ? -146.26 
3 1 TYR B 4 ? ? LYS B 5 ? ? -139.43 
# 
loop_
_chem_comp_atom.comp_id 
_chem_comp_atom.atom_id 
_chem_comp_atom.type_symbol 
_chem_comp_atom.pdbx_aromatic_flag 
_chem_comp_atom.pdbx_stereo_config 
_chem_comp_atom.pdbx_ordinal 
ACT C    C N N 1   
ACT O    O N N 2   
ACT OXT  O N N 3   
ACT CH3  C N N 4   
ACT H1   H N N 5   
ACT H2   H N N 6   
ACT H3   H N N 7   
ALA N    N N N 8   
ALA CA   C N S 9   
ALA C    C N N 10  
ALA O    O N N 11  
ALA CB   C N N 12  
ALA OXT  O N N 13  
ALA H    H N N 14  
ALA H2   H N N 15  
ALA HA   H N N 16  
ALA HB1  H N N 17  
ALA HB2  H N N 18  
ALA HB3  H N N 19  
ALA HXT  H N N 20  
ARG N    N N N 21  
ARG CA   C N S 22  
ARG C    C N N 23  
ARG O    O N N 24  
ARG CB   C N N 25  
ARG CG   C N N 26  
ARG CD   C N N 27  
ARG NE   N N N 28  
ARG CZ   C N N 29  
ARG NH1  N N N 30  
ARG NH2  N N N 31  
ARG OXT  O N N 32  
ARG H    H N N 33  
ARG H2   H N N 34  
ARG HA   H N N 35  
ARG HB2  H N N 36  
ARG HB3  H N N 37  
ARG HG2  H N N 38  
ARG HG3  H N N 39  
ARG HD2  H N N 40  
ARG HD3  H N N 41  
ARG HE   H N N 42  
ARG HH11 H N N 43  
ARG HH12 H N N 44  
ARG HH21 H N N 45  
ARG HH22 H N N 46  
ARG HXT  H N N 47  
ASN N    N N N 48  
ASN CA   C N S 49  
ASN C    C N N 50  
ASN O    O N N 51  
ASN CB   C N N 52  
ASN CG   C N N 53  
ASN OD1  O N N 54  
ASN ND2  N N N 55  
ASN OXT  O N N 56  
ASN H    H N N 57  
ASN H2   H N N 58  
ASN HA   H N N 59  
ASN HB2  H N N 60  
ASN HB3  H N N 61  
ASN HD21 H N N 62  
ASN HD22 H N N 63  
ASN HXT  H N N 64  
ASP N    N N N 65  
ASP CA   C N S 66  
ASP C    C N N 67  
ASP O    O N N 68  
ASP CB   C N N 69  
ASP CG   C N N 70  
ASP OD1  O N N 71  
ASP OD2  O N N 72  
ASP OXT  O N N 73  
ASP H    H N N 74  
ASP H2   H N N 75  
ASP HA   H N N 76  
ASP HB2  H N N 77  
ASP HB3  H N N 78  
ASP HD2  H N N 79  
ASP HXT  H N N 80  
CYS N    N N N 81  
CYS CA   C N R 82  
CYS C    C N N 83  
CYS O    O N N 84  
CYS CB   C N N 85  
CYS SG   S N N 86  
CYS OXT  O N N 87  
CYS H    H N N 88  
CYS H2   H N N 89  
CYS HA   H N N 90  
CYS HB2  H N N 91  
CYS HB3  H N N 92  
CYS HG   H N N 93  
CYS HXT  H N N 94  
GLN N    N N N 95  
GLN CA   C N S 96  
GLN C    C N N 97  
GLN O    O N N 98  
GLN CB   C N N 99  
GLN CG   C N N 100 
GLN CD   C N N 101 
GLN OE1  O N N 102 
GLN NE2  N N N 103 
GLN OXT  O N N 104 
GLN H    H N N 105 
GLN H2   H N N 106 
GLN HA   H N N 107 
GLN HB2  H N N 108 
GLN HB3  H N N 109 
GLN HG2  H N N 110 
GLN HG3  H N N 111 
GLN HE21 H N N 112 
GLN HE22 H N N 113 
GLN HXT  H N N 114 
GLU N    N N N 115 
GLU CA   C N S 116 
GLU C    C N N 117 
GLU O    O N N 118 
GLU CB   C N N 119 
GLU CG   C N N 120 
GLU CD   C N N 121 
GLU OE1  O N N 122 
GLU OE2  O N N 123 
GLU OXT  O N N 124 
GLU H    H N N 125 
GLU H2   H N N 126 
GLU HA   H N N 127 
GLU HB2  H N N 128 
GLU HB3  H N N 129 
GLU HG2  H N N 130 
GLU HG3  H N N 131 
GLU HE2  H N N 132 
GLU HXT  H N N 133 
GLY N    N N N 134 
GLY CA   C N N 135 
GLY C    C N N 136 
GLY O    O N N 137 
GLY OXT  O N N 138 
GLY H    H N N 139 
GLY H2   H N N 140 
GLY HA2  H N N 141 
GLY HA3  H N N 142 
GLY HXT  H N N 143 
HIS N    N N N 144 
HIS CA   C N S 145 
HIS C    C N N 146 
HIS O    O N N 147 
HIS CB   C N N 148 
HIS CG   C Y N 149 
HIS ND1  N Y N 150 
HIS CD2  C Y N 151 
HIS CE1  C Y N 152 
HIS NE2  N Y N 153 
HIS OXT  O N N 154 
HIS H    H N N 155 
HIS H2   H N N 156 
HIS HA   H N N 157 
HIS HB2  H N N 158 
HIS HB3  H N N 159 
HIS HD1  H N N 160 
HIS HD2  H N N 161 
HIS HE1  H N N 162 
HIS HE2  H N N 163 
HIS HXT  H N N 164 
HOH O    O N N 165 
HOH H1   H N N 166 
HOH H2   H N N 167 
ILE N    N N N 168 
ILE CA   C N S 169 
ILE C    C N N 170 
ILE O    O N N 171 
ILE CB   C N S 172 
ILE CG1  C N N 173 
ILE CG2  C N N 174 
ILE CD1  C N N 175 
ILE OXT  O N N 176 
ILE H    H N N 177 
ILE H2   H N N 178 
ILE HA   H N N 179 
ILE HB   H N N 180 
ILE HG12 H N N 181 
ILE HG13 H N N 182 
ILE HG21 H N N 183 
ILE HG22 H N N 184 
ILE HG23 H N N 185 
ILE HD11 H N N 186 
ILE HD12 H N N 187 
ILE HD13 H N N 188 
ILE HXT  H N N 189 
LEU N    N N N 190 
LEU CA   C N S 191 
LEU C    C N N 192 
LEU O    O N N 193 
LEU CB   C N N 194 
LEU CG   C N N 195 
LEU CD1  C N N 196 
LEU CD2  C N N 197 
LEU OXT  O N N 198 
LEU H    H N N 199 
LEU H2   H N N 200 
LEU HA   H N N 201 
LEU HB2  H N N 202 
LEU HB3  H N N 203 
LEU HG   H N N 204 
LEU HD11 H N N 205 
LEU HD12 H N N 206 
LEU HD13 H N N 207 
LEU HD21 H N N 208 
LEU HD22 H N N 209 
LEU HD23 H N N 210 
LEU HXT  H N N 211 
LYS N    N N N 212 
LYS CA   C N S 213 
LYS C    C N N 214 
LYS O    O N N 215 
LYS CB   C N N 216 
LYS CG   C N N 217 
LYS CD   C N N 218 
LYS CE   C N N 219 
LYS NZ   N N N 220 
LYS OXT  O N N 221 
LYS H    H N N 222 
LYS H2   H N N 223 
LYS HA   H N N 224 
LYS HB2  H N N 225 
LYS HB3  H N N 226 
LYS HG2  H N N 227 
LYS HG3  H N N 228 
LYS HD2  H N N 229 
LYS HD3  H N N 230 
LYS HE2  H N N 231 
LYS HE3  H N N 232 
LYS HZ1  H N N 233 
LYS HZ2  H N N 234 
LYS HZ3  H N N 235 
LYS HXT  H N N 236 
MET N    N N N 237 
MET CA   C N S 238 
MET C    C N N 239 
MET O    O N N 240 
MET CB   C N N 241 
MET CG   C N N 242 
MET SD   S N N 243 
MET CE   C N N 244 
MET OXT  O N N 245 
MET H    H N N 246 
MET H2   H N N 247 
MET HA   H N N 248 
MET HB2  H N N 249 
MET HB3  H N N 250 
MET HG2  H N N 251 
MET HG3  H N N 252 
MET HE1  H N N 253 
MET HE2  H N N 254 
MET HE3  H N N 255 
MET HXT  H N N 256 
PHE N    N N N 257 
PHE CA   C N S 258 
PHE C    C N N 259 
PHE O    O N N 260 
PHE CB   C N N 261 
PHE CG   C Y N 262 
PHE CD1  C Y N 263 
PHE CD2  C Y N 264 
PHE CE1  C Y N 265 
PHE CE2  C Y N 266 
PHE CZ   C Y N 267 
PHE OXT  O N N 268 
PHE H    H N N 269 
PHE H2   H N N 270 
PHE HA   H N N 271 
PHE HB2  H N N 272 
PHE HB3  H N N 273 
PHE HD1  H N N 274 
PHE HD2  H N N 275 
PHE HE1  H N N 276 
PHE HE2  H N N 277 
PHE HZ   H N N 278 
PHE HXT  H N N 279 
PRO N    N N N 280 
PRO CA   C N S 281 
PRO C    C N N 282 
PRO O    O N N 283 
PRO CB   C N N 284 
PRO CG   C N N 285 
PRO CD   C N N 286 
PRO OXT  O N N 287 
PRO H    H N N 288 
PRO HA   H N N 289 
PRO HB2  H N N 290 
PRO HB3  H N N 291 
PRO HG2  H N N 292 
PRO HG3  H N N 293 
PRO HD2  H N N 294 
PRO HD3  H N N 295 
PRO HXT  H N N 296 
SER N    N N N 297 
SER CA   C N S 298 
SER C    C N N 299 
SER O    O N N 300 
SER CB   C N N 301 
SER OG   O N N 302 
SER OXT  O N N 303 
SER H    H N N 304 
SER H2   H N N 305 
SER HA   H N N 306 
SER HB2  H N N 307 
SER HB3  H N N 308 
SER HG   H N N 309 
SER HXT  H N N 310 
SO4 S    S N N 311 
SO4 O1   O N N 312 
SO4 O2   O N N 313 
SO4 O3   O N N 314 
SO4 O4   O N N 315 
THR N    N N N 316 
THR CA   C N S 317 
THR C    C N N 318 
THR O    O N N 319 
THR CB   C N R 320 
THR OG1  O N N 321 
THR CG2  C N N 322 
THR OXT  O N N 323 
THR H    H N N 324 
THR H2   H N N 325 
THR HA   H N N 326 
THR HB   H N N 327 
THR HG1  H N N 328 
THR HG21 H N N 329 
THR HG22 H N N 330 
THR HG23 H N N 331 
THR HXT  H N N 332 
TRP N    N N N 333 
TRP CA   C N S 334 
TRP C    C N N 335 
TRP O    O N N 336 
TRP CB   C N N 337 
TRP CG   C Y N 338 
TRP CD1  C Y N 339 
TRP CD2  C Y N 340 
TRP NE1  N Y N 341 
TRP CE2  C Y N 342 
TRP CE3  C Y N 343 
TRP CZ2  C Y N 344 
TRP CZ3  C Y N 345 
TRP CH2  C Y N 346 
TRP OXT  O N N 347 
TRP H    H N N 348 
TRP H2   H N N 349 
TRP HA   H N N 350 
TRP HB2  H N N 351 
TRP HB3  H N N 352 
TRP HD1  H N N 353 
TRP HE1  H N N 354 
TRP HE3  H N N 355 
TRP HZ2  H N N 356 
TRP HZ3  H N N 357 
TRP HH2  H N N 358 
TRP HXT  H N N 359 
TYR N    N N N 360 
TYR CA   C N S 361 
TYR C    C N N 362 
TYR O    O N N 363 
TYR CB   C N N 364 
TYR CG   C Y N 365 
TYR CD1  C Y N 366 
TYR CD2  C Y N 367 
TYR CE1  C Y N 368 
TYR CE2  C Y N 369 
TYR CZ   C Y N 370 
TYR OH   O N N 371 
TYR OXT  O N N 372 
TYR H    H N N 373 
TYR H2   H N N 374 
TYR HA   H N N 375 
TYR HB2  H N N 376 
TYR HB3  H N N 377 
TYR HD1  H N N 378 
TYR HD2  H N N 379 
TYR HE1  H N N 380 
TYR HE2  H N N 381 
TYR HH   H N N 382 
TYR HXT  H N N 383 
VAL N    N N N 384 
VAL CA   C N S 385 
VAL C    C N N 386 
VAL O    O N N 387 
VAL CB   C N N 388 
VAL CG1  C N N 389 
VAL CG2  C N N 390 
VAL OXT  O N N 391 
VAL H    H N N 392 
VAL H2   H N N 393 
VAL HA   H N N 394 
VAL HB   H N N 395 
VAL HG11 H N N 396 
VAL HG12 H N N 397 
VAL HG13 H N N 398 
VAL HG21 H N N 399 
VAL HG22 H N N 400 
VAL HG23 H N N 401 
VAL HXT  H N N 402 
# 
loop_
_chem_comp_bond.comp_id 
_chem_comp_bond.atom_id_1 
_chem_comp_bond.atom_id_2 
_chem_comp_bond.value_order 
_chem_comp_bond.pdbx_aromatic_flag 
_chem_comp_bond.pdbx_stereo_config 
_chem_comp_bond.pdbx_ordinal 
ACT C   O    doub N N 1   
ACT C   OXT  sing N N 2   
ACT C   CH3  sing N N 3   
ACT CH3 H1   sing N N 4   
ACT CH3 H2   sing N N 5   
ACT CH3 H3   sing N N 6   
ALA N   CA   sing N N 7   
ALA N   H    sing N N 8   
ALA N   H2   sing N N 9   
ALA CA  C    sing N N 10  
ALA CA  CB   sing N N 11  
ALA CA  HA   sing N N 12  
ALA C   O    doub N N 13  
ALA C   OXT  sing N N 14  
ALA CB  HB1  sing N N 15  
ALA CB  HB2  sing N N 16  
ALA CB  HB3  sing N N 17  
ALA OXT HXT  sing N N 18  
ARG N   CA   sing N N 19  
ARG N   H    sing N N 20  
ARG N   H2   sing N N 21  
ARG CA  C    sing N N 22  
ARG CA  CB   sing N N 23  
ARG CA  HA   sing N N 24  
ARG C   O    doub N N 25  
ARG C   OXT  sing N N 26  
ARG CB  CG   sing N N 27  
ARG CB  HB2  sing N N 28  
ARG CB  HB3  sing N N 29  
ARG CG  CD   sing N N 30  
ARG CG  HG2  sing N N 31  
ARG CG  HG3  sing N N 32  
ARG CD  NE   sing N N 33  
ARG CD  HD2  sing N N 34  
ARG CD  HD3  sing N N 35  
ARG NE  CZ   sing N N 36  
ARG NE  HE   sing N N 37  
ARG CZ  NH1  sing N N 38  
ARG CZ  NH2  doub N N 39  
ARG NH1 HH11 sing N N 40  
ARG NH1 HH12 sing N N 41  
ARG NH2 HH21 sing N N 42  
ARG NH2 HH22 sing N N 43  
ARG OXT HXT  sing N N 44  
ASN N   CA   sing N N 45  
ASN N   H    sing N N 46  
ASN N   H2   sing N N 47  
ASN CA  C    sing N N 48  
ASN CA  CB   sing N N 49  
ASN CA  HA   sing N N 50  
ASN C   O    doub N N 51  
ASN C   OXT  sing N N 52  
ASN CB  CG   sing N N 53  
ASN CB  HB2  sing N N 54  
ASN CB  HB3  sing N N 55  
ASN CG  OD1  doub N N 56  
ASN CG  ND2  sing N N 57  
ASN ND2 HD21 sing N N 58  
ASN ND2 HD22 sing N N 59  
ASN OXT HXT  sing N N 60  
ASP N   CA   sing N N 61  
ASP N   H    sing N N 62  
ASP N   H2   sing N N 63  
ASP CA  C    sing N N 64  
ASP CA  CB   sing N N 65  
ASP CA  HA   sing N N 66  
ASP C   O    doub N N 67  
ASP C   OXT  sing N N 68  
ASP CB  CG   sing N N 69  
ASP CB  HB2  sing N N 70  
ASP CB  HB3  sing N N 71  
ASP CG  OD1  doub N N 72  
ASP CG  OD2  sing N N 73  
ASP OD2 HD2  sing N N 74  
ASP OXT HXT  sing N N 75  
CYS N   CA   sing N N 76  
CYS N   H    sing N N 77  
CYS N   H2   sing N N 78  
CYS CA  C    sing N N 79  
CYS CA  CB   sing N N 80  
CYS CA  HA   sing N N 81  
CYS C   O    doub N N 82  
CYS C   OXT  sing N N 83  
CYS CB  SG   sing N N 84  
CYS CB  HB2  sing N N 85  
CYS CB  HB3  sing N N 86  
CYS SG  HG   sing N N 87  
CYS OXT HXT  sing N N 88  
GLN N   CA   sing N N 89  
GLN N   H    sing N N 90  
GLN N   H2   sing N N 91  
GLN CA  C    sing N N 92  
GLN CA  CB   sing N N 93  
GLN CA  HA   sing N N 94  
GLN C   O    doub N N 95  
GLN C   OXT  sing N N 96  
GLN CB  CG   sing N N 97  
GLN CB  HB2  sing N N 98  
GLN CB  HB3  sing N N 99  
GLN CG  CD   sing N N 100 
GLN CG  HG2  sing N N 101 
GLN CG  HG3  sing N N 102 
GLN CD  OE1  doub N N 103 
GLN CD  NE2  sing N N 104 
GLN NE2 HE21 sing N N 105 
GLN NE2 HE22 sing N N 106 
GLN OXT HXT  sing N N 107 
GLU N   CA   sing N N 108 
GLU N   H    sing N N 109 
GLU N   H2   sing N N 110 
GLU CA  C    sing N N 111 
GLU CA  CB   sing N N 112 
GLU CA  HA   sing N N 113 
GLU C   O    doub N N 114 
GLU C   OXT  sing N N 115 
GLU CB  CG   sing N N 116 
GLU CB  HB2  sing N N 117 
GLU CB  HB3  sing N N 118 
GLU CG  CD   sing N N 119 
GLU CG  HG2  sing N N 120 
GLU CG  HG3  sing N N 121 
GLU CD  OE1  doub N N 122 
GLU CD  OE2  sing N N 123 
GLU OE2 HE2  sing N N 124 
GLU OXT HXT  sing N N 125 
GLY N   CA   sing N N 126 
GLY N   H    sing N N 127 
GLY N   H2   sing N N 128 
GLY CA  C    sing N N 129 
GLY CA  HA2  sing N N 130 
GLY CA  HA3  sing N N 131 
GLY C   O    doub N N 132 
GLY C   OXT  sing N N 133 
GLY OXT HXT  sing N N 134 
HIS N   CA   sing N N 135 
HIS N   H    sing N N 136 
HIS N   H2   sing N N 137 
HIS CA  C    sing N N 138 
HIS CA  CB   sing N N 139 
HIS CA  HA   sing N N 140 
HIS C   O    doub N N 141 
HIS C   OXT  sing N N 142 
HIS CB  CG   sing N N 143 
HIS CB  HB2  sing N N 144 
HIS CB  HB3  sing N N 145 
HIS CG  ND1  sing Y N 146 
HIS CG  CD2  doub Y N 147 
HIS ND1 CE1  doub Y N 148 
HIS ND1 HD1  sing N N 149 
HIS CD2 NE2  sing Y N 150 
HIS CD2 HD2  sing N N 151 
HIS CE1 NE2  sing Y N 152 
HIS CE1 HE1  sing N N 153 
HIS NE2 HE2  sing N N 154 
HIS OXT HXT  sing N N 155 
HOH O   H1   sing N N 156 
HOH O   H2   sing N N 157 
ILE N   CA   sing N N 158 
ILE N   H    sing N N 159 
ILE N   H2   sing N N 160 
ILE CA  C    sing N N 161 
ILE CA  CB   sing N N 162 
ILE CA  HA   sing N N 163 
ILE C   O    doub N N 164 
ILE C   OXT  sing N N 165 
ILE CB  CG1  sing N N 166 
ILE CB  CG2  sing N N 167 
ILE CB  HB   sing N N 168 
ILE CG1 CD1  sing N N 169 
ILE CG1 HG12 sing N N 170 
ILE CG1 HG13 sing N N 171 
ILE CG2 HG21 sing N N 172 
ILE CG2 HG22 sing N N 173 
ILE CG2 HG23 sing N N 174 
ILE CD1 HD11 sing N N 175 
ILE CD1 HD12 sing N N 176 
ILE CD1 HD13 sing N N 177 
ILE OXT HXT  sing N N 178 
LEU N   CA   sing N N 179 
LEU N   H    sing N N 180 
LEU N   H2   sing N N 181 
LEU CA  C    sing N N 182 
LEU CA  CB   sing N N 183 
LEU CA  HA   sing N N 184 
LEU C   O    doub N N 185 
LEU C   OXT  sing N N 186 
LEU CB  CG   sing N N 187 
LEU CB  HB2  sing N N 188 
LEU CB  HB3  sing N N 189 
LEU CG  CD1  sing N N 190 
LEU CG  CD2  sing N N 191 
LEU CG  HG   sing N N 192 
LEU CD1 HD11 sing N N 193 
LEU CD1 HD12 sing N N 194 
LEU CD1 HD13 sing N N 195 
LEU CD2 HD21 sing N N 196 
LEU CD2 HD22 sing N N 197 
LEU CD2 HD23 sing N N 198 
LEU OXT HXT  sing N N 199 
LYS N   CA   sing N N 200 
LYS N   H    sing N N 201 
LYS N   H2   sing N N 202 
LYS CA  C    sing N N 203 
LYS CA  CB   sing N N 204 
LYS CA  HA   sing N N 205 
LYS C   O    doub N N 206 
LYS C   OXT  sing N N 207 
LYS CB  CG   sing N N 208 
LYS CB  HB2  sing N N 209 
LYS CB  HB3  sing N N 210 
LYS CG  CD   sing N N 211 
LYS CG  HG2  sing N N 212 
LYS CG  HG3  sing N N 213 
LYS CD  CE   sing N N 214 
LYS CD  HD2  sing N N 215 
LYS CD  HD3  sing N N 216 
LYS CE  NZ   sing N N 217 
LYS CE  HE2  sing N N 218 
LYS CE  HE3  sing N N 219 
LYS NZ  HZ1  sing N N 220 
LYS NZ  HZ2  sing N N 221 
LYS NZ  HZ3  sing N N 222 
LYS OXT HXT  sing N N 223 
MET N   CA   sing N N 224 
MET N   H    sing N N 225 
MET N   H2   sing N N 226 
MET CA  C    sing N N 227 
MET CA  CB   sing N N 228 
MET CA  HA   sing N N 229 
MET C   O    doub N N 230 
MET C   OXT  sing N N 231 
MET CB  CG   sing N N 232 
MET CB  HB2  sing N N 233 
MET CB  HB3  sing N N 234 
MET CG  SD   sing N N 235 
MET CG  HG2  sing N N 236 
MET CG  HG3  sing N N 237 
MET SD  CE   sing N N 238 
MET CE  HE1  sing N N 239 
MET CE  HE2  sing N N 240 
MET CE  HE3  sing N N 241 
MET OXT HXT  sing N N 242 
PHE N   CA   sing N N 243 
PHE N   H    sing N N 244 
PHE N   H2   sing N N 245 
PHE CA  C    sing N N 246 
PHE CA  CB   sing N N 247 
PHE CA  HA   sing N N 248 
PHE C   O    doub N N 249 
PHE C   OXT  sing N N 250 
PHE CB  CG   sing N N 251 
PHE CB  HB2  sing N N 252 
PHE CB  HB3  sing N N 253 
PHE CG  CD1  doub Y N 254 
PHE CG  CD2  sing Y N 255 
PHE CD1 CE1  sing Y N 256 
PHE CD1 HD1  sing N N 257 
PHE CD2 CE2  doub Y N 258 
PHE CD2 HD2  sing N N 259 
PHE CE1 CZ   doub Y N 260 
PHE CE1 HE1  sing N N 261 
PHE CE2 CZ   sing Y N 262 
PHE CE2 HE2  sing N N 263 
PHE CZ  HZ   sing N N 264 
PHE OXT HXT  sing N N 265 
PRO N   CA   sing N N 266 
PRO N   CD   sing N N 267 
PRO N   H    sing N N 268 
PRO CA  C    sing N N 269 
PRO CA  CB   sing N N 270 
PRO CA  HA   sing N N 271 
PRO C   O    doub N N 272 
PRO C   OXT  sing N N 273 
PRO CB  CG   sing N N 274 
PRO CB  HB2  sing N N 275 
PRO CB  HB3  sing N N 276 
PRO CG  CD   sing N N 277 
PRO CG  HG2  sing N N 278 
PRO CG  HG3  sing N N 279 
PRO CD  HD2  sing N N 280 
PRO CD  HD3  sing N N 281 
PRO OXT HXT  sing N N 282 
SER N   CA   sing N N 283 
SER N   H    sing N N 284 
SER N   H2   sing N N 285 
SER CA  C    sing N N 286 
SER CA  CB   sing N N 287 
SER CA  HA   sing N N 288 
SER C   O    doub N N 289 
SER C   OXT  sing N N 290 
SER CB  OG   sing N N 291 
SER CB  HB2  sing N N 292 
SER CB  HB3  sing N N 293 
SER OG  HG   sing N N 294 
SER OXT HXT  sing N N 295 
SO4 S   O1   doub N N 296 
SO4 S   O2   doub N N 297 
SO4 S   O3   sing N N 298 
SO4 S   O4   sing N N 299 
THR N   CA   sing N N 300 
THR N   H    sing N N 301 
THR N   H2   sing N N 302 
THR CA  C    sing N N 303 
THR CA  CB   sing N N 304 
THR CA  HA   sing N N 305 
THR C   O    doub N N 306 
THR C   OXT  sing N N 307 
THR CB  OG1  sing N N 308 
THR CB  CG2  sing N N 309 
THR CB  HB   sing N N 310 
THR OG1 HG1  sing N N 311 
THR CG2 HG21 sing N N 312 
THR CG2 HG22 sing N N 313 
THR CG2 HG23 sing N N 314 
THR OXT HXT  sing N N 315 
TRP N   CA   sing N N 316 
TRP N   H    sing N N 317 
TRP N   H2   sing N N 318 
TRP CA  C    sing N N 319 
TRP CA  CB   sing N N 320 
TRP CA  HA   sing N N 321 
TRP C   O    doub N N 322 
TRP C   OXT  sing N N 323 
TRP CB  CG   sing N N 324 
TRP CB  HB2  sing N N 325 
TRP CB  HB3  sing N N 326 
TRP CG  CD1  doub Y N 327 
TRP CG  CD2  sing Y N 328 
TRP CD1 NE1  sing Y N 329 
TRP CD1 HD1  sing N N 330 
TRP CD2 CE2  doub Y N 331 
TRP CD2 CE3  sing Y N 332 
TRP NE1 CE2  sing Y N 333 
TRP NE1 HE1  sing N N 334 
TRP CE2 CZ2  sing Y N 335 
TRP CE3 CZ3  doub Y N 336 
TRP CE3 HE3  sing N N 337 
TRP CZ2 CH2  doub Y N 338 
TRP CZ2 HZ2  sing N N 339 
TRP CZ3 CH2  sing Y N 340 
TRP CZ3 HZ3  sing N N 341 
TRP CH2 HH2  sing N N 342 
TRP OXT HXT  sing N N 343 
TYR N   CA   sing N N 344 
TYR N   H    sing N N 345 
TYR N   H2   sing N N 346 
TYR CA  C    sing N N 347 
TYR CA  CB   sing N N 348 
TYR CA  HA   sing N N 349 
TYR C   O    doub N N 350 
TYR C   OXT  sing N N 351 
TYR CB  CG   sing N N 352 
TYR CB  HB2  sing N N 353 
TYR CB  HB3  sing N N 354 
TYR CG  CD1  doub Y N 355 
TYR CG  CD2  sing Y N 356 
TYR CD1 CE1  sing Y N 357 
TYR CD1 HD1  sing N N 358 
TYR CD2 CE2  doub Y N 359 
TYR CD2 HD2  sing N N 360 
TYR CE1 CZ   doub Y N 361 
TYR CE1 HE1  sing N N 362 
TYR CE2 CZ   sing Y N 363 
TYR CE2 HE2  sing N N 364 
TYR CZ  OH   sing N N 365 
TYR OH  HH   sing N N 366 
TYR OXT HXT  sing N N 367 
VAL N   CA   sing N N 368 
VAL N   H    sing N N 369 
VAL N   H2   sing N N 370 
VAL CA  C    sing N N 371 
VAL CA  CB   sing N N 372 
VAL CA  HA   sing N N 373 
VAL C   O    doub N N 374 
VAL C   OXT  sing N N 375 
VAL CB  CG1  sing N N 376 
VAL CB  CG2  sing N N 377 
VAL CB  HB   sing N N 378 
VAL CG1 HG11 sing N N 379 
VAL CG1 HG12 sing N N 380 
VAL CG1 HG13 sing N N 381 
VAL CG2 HG21 sing N N 382 
VAL CG2 HG22 sing N N 383 
VAL CG2 HG23 sing N N 384 
VAL OXT HXT  sing N N 385 
# 
_pdbx_initial_refinement_model.id               1 
_pdbx_initial_refinement_model.entity_id_list   ? 
_pdbx_initial_refinement_model.type             'experimental model' 
_pdbx_initial_refinement_model.source_name      PDB 
_pdbx_initial_refinement_model.accession_code   4FGA 
_pdbx_initial_refinement_model.details          ? 
# 
_atom_sites.entry_id                    4GLD 
_atom_sites.fract_transf_matrix[1][1]   0.01036508 
_atom_sites.fract_transf_matrix[1][2]   -0.01502274 
_atom_sites.fract_transf_matrix[1][3]   0.00631767 
_atom_sites.fract_transf_matrix[2][1]   -0.01530228 
_atom_sites.fract_transf_matrix[2][2]   -0.01154719 
_atom_sites.fract_transf_matrix[2][3]   -0.00235231 
_atom_sites.fract_transf_matrix[3][1]   0.00611365 
_atom_sites.fract_transf_matrix[3][2]   -0.00408140 
_atom_sites.fract_transf_matrix[3][3]   -0.01973548 
_atom_sites.fract_transf_vector[1]      -0.031212 
_atom_sites.fract_transf_vector[2]      0.343825 
_atom_sites.fract_transf_vector[3]      -0.009710 
# 
loop_
_atom_type.symbol 
C 
N 
O 
S 
# 
loop_
_atom_site.group_PDB 
_atom_site.id 
_atom_site.type_symbol 
_atom_site.label_atom_id 
_atom_site.label_alt_id 
_atom_site.label_comp_id 
_atom_site.label_asym_id 
_atom_site.label_entity_id 
_atom_site.label_seq_id 
_atom_site.pdbx_PDB_ins_code 
_atom_site.Cartn_x 
_atom_site.Cartn_y 
_atom_site.Cartn_z 
_atom_site.occupancy 
_atom_site.B_iso_or_equiv 
_atom_site.pdbx_formal_charge 
_atom_site.auth_seq_id 
_atom_site.auth_comp_id 
_atom_site.auth_asym_id 
_atom_site.auth_atom_id 
_atom_site.pdbx_PDB_model_num 
ATOM   1    N N   . SER A 1 1   ? -1.869  10.863  0.658   1.00 13.06 ? 1   SER A N   1 
ATOM   2    C CA  . SER A 1 1   ? -2.878  10.665  1.708   1.00 14.40 ? 1   SER A CA  1 
ATOM   3    C C   . SER A 1 1   ? -3.620  9.363   1.472   1.00 16.48 ? 1   SER A C   1 
ATOM   4    O O   . SER A 1 1   ? -3.587  8.748   0.367   1.00 14.84 ? 1   SER A O   1 
ATOM   5    C CB  . SER A 1 1   ? -3.845  11.829  1.742   1.00 16.19 ? 1   SER A CB  1 
ATOM   6    O OG  . SER A 1 1   ? -4.708  11.683  0.587   1.00 17.77 ? 1   SER A OG  1 
ATOM   7    N N   . LEU A 1 2   ? -4.207  8.879   2.568   1.00 18.14 ? 2   LEU A N   1 
ATOM   8    C CA  . LEU A 1 2   ? -4.828  7.552   2.576   1.00 21.43 ? 2   LEU A CA  1 
ATOM   9    C C   . LEU A 1 2   ? -5.908  7.480   1.494   1.00 18.90 ? 2   LEU A C   1 
ATOM   10   O O   . LEU A 1 2   ? -5.969  6.480   0.760   1.00 19.08 ? 2   LEU A O   1 
ATOM   11   C CB  . LEU A 1 2   ? -5.436  7.302   3.984   1.00 25.38 ? 2   LEU A CB  1 
ATOM   12   C CG  . LEU A 1 2   ? -5.917  5.896   4.330   1.00 31.73 ? 2   LEU A CG  1 
ATOM   13   C CD1 . LEU A 1 2   ? -4.856  4.790   4.334   1.00 37.23 ? 2   LEU A CD1 1 
ATOM   14   C CD2 . LEU A 1 2   ? -6.580  6.042   5.705   1.00 33.16 ? 2   LEU A CD2 1 
ATOM   15   N N   . LEU A 1 3   ? -6.756  8.478   1.384   1.00 21.20 ? 3   LEU A N   1 
ATOM   16   C CA  . LEU A 1 3   ? -7.854  8.432   0.399   1.00 21.90 ? 3   LEU A CA  1 
ATOM   17   C C   . LEU A 1 3   ? -7.313  8.467   -1.037  1.00 21.24 ? 3   LEU A C   1 
ATOM   18   O O   . LEU A 1 3   ? -7.788  7.772   -1.949  1.00 18.47 ? 3   LEU A O   1 
ATOM   19   C CB  . LEU A 1 3   ? -8.870  9.582   0.591   1.00 25.32 ? 3   LEU A CB  1 
ATOM   20   C CG  . LEU A 1 3   ? -9.887  9.291   1.709   1.00 32.71 ? 3   LEU A CG  1 
ATOM   21   C CD1 . LEU A 1 3   ? -10.898 10.413  1.745   1.00 33.41 ? 3   LEU A CD1 1 
ATOM   22   C CD2 . LEU A 1 3   ? -10.644 7.984   1.481   1.00 32.34 ? 3   LEU A CD2 1 
ATOM   23   N N   . GLU A 1 4   ? -6.338  9.345   -1.241  1.00 18.86 ? 4   GLU A N   1 
ATOM   24   C CA  . GLU A 1 4   ? -5.640  9.407   -2.484  1.00 17.62 ? 4   GLU A CA  1 
ATOM   25   C C   . GLU A 1 4   ? -4.988  8.039   -2.854  1.00 15.16 ? 4   GLU A C   1 
ATOM   26   O O   . GLU A 1 4   ? -5.016  7.627   -4.052  1.00 15.14 ? 4   GLU A O   1 
ATOM   27   C CB  . GLU A 1 4   ? -4.571  10.455  -2.276  1.00 18.91 ? 4   GLU A CB  1 
ATOM   28   C CG  . GLU A 1 4   ? -3.638  10.599  -3.417  1.00 20.82 ? 4   GLU A CG  1 
ATOM   29   C CD  . GLU A 1 4   ? -2.813  11.841  -3.287  1.00 20.07 ? 4   GLU A CD  1 
ATOM   30   O OE1 . GLU A 1 4   ? -2.640  12.461  -4.354  1.00 21.51 ? 4   GLU A OE1 1 
ATOM   31   O OE2 . GLU A 1 4   ? -2.334  12.187  -2.151  1.00 17.73 ? 4   GLU A OE2 1 
ATOM   32   N N   . PHE A 1 5   ? -4.306  7.394   -1.902  1.00 13.85 ? 5   PHE A N   1 
ATOM   33   C CA  . PHE A 1 5   ? -3.659  6.097   -2.163  1.00 12.32 ? 5   PHE A CA  1 
ATOM   34   C C   . PHE A 1 5   ? -4.769  5.111   -2.519  1.00 13.93 ? 5   PHE A C   1 
ATOM   35   O O   . PHE A 1 5   ? -4.628  4.304   -3.453  1.00 13.48 ? 5   PHE A O   1 
ATOM   36   C CB  . PHE A 1 5   ? -2.888  5.714   -0.910  1.00 12.24 ? 5   PHE A CB  1 
ATOM   37   C CG  . PHE A 1 5   ? -2.236  4.350   -0.983  1.00 11.95 ? 5   PHE A CG  1 
ATOM   38   C CD1 . PHE A 1 5   ? -1.660  3.891   -2.194  1.00 12.41 ? 5   PHE A CD1 1 
ATOM   39   C CD2 . PHE A 1 5   ? -2.105  3.595   0.152   1.00 12.96 ? 5   PHE A CD2 1 
ATOM   40   C CE1 . PHE A 1 5   ? -0.971  2.686   -2.203  1.00 12.84 ? 5   PHE A CE1 1 
ATOM   41   C CE2 . PHE A 1 5   ? -1.507  2.343   0.151   1.00 13.39 ? 5   PHE A CE2 1 
ATOM   42   C CZ  . PHE A 1 5   ? -0.860  1.913   -1.045  1.00 13.64 ? 5   PHE A CZ  1 
ATOM   43   N N   . GLY A 1 6   ? -5.896  5.194   -1.824  1.00 13.84 ? 6   GLY A N   1 
ATOM   44   C CA  . GLY A 1 6   ? -7.027  4.300   -2.138  1.00 14.40 ? 6   GLY A CA  1 
ATOM   45   C C   . GLY A 1 6   ? -7.501  4.445   -3.568  1.00 13.58 ? 6   GLY A C   1 
ATOM   46   O O   . GLY A 1 6   ? -7.858  3.414   -4.204  1.00 14.59 ? 6   GLY A O   1 
ATOM   47   N N   . LYS A 1 7   ? -7.592  5.658   -4.057  1.00 15.94 ? 7   LYS A N   1 
ATOM   48   C CA  . LYS A 1 7   ? -8.022  5.908   -5.404  1.00 15.66 ? 7   LYS A CA  1 
ATOM   49   C C   . LYS A 1 7   ? -7.002  5.435   -6.426  1.00 15.86 ? 7   LYS A C   1 
ATOM   50   O O   . LYS A 1 7   ? -7.362  4.796   -7.447  1.00 15.15 ? 7   LYS A O   1 
ATOM   51   C CB  . LYS A 1 7   ? -8.336  7.376   -5.587  1.00 16.52 ? 7   LYS A CB  1 
ATOM   52   C CG  . LYS A 1 7   ? -8.733  7.641   -6.988  1.00 20.24 ? 7   LYS A CG  1 
ATOM   53   C CD  . LYS A 1 7   ? -9.121  9.113   -7.038  1.00 25.19 ? 7   LYS A CD  1 
ATOM   54   C CE  . LYS A 1 7   ? -9.430  9.406   -8.466  1.00 27.03 ? 7   LYS A CE  1 
ATOM   55   N NZ  . LYS A 1 7   ? -9.663  10.878  -8.615  1.00 34.12 ? 7   LYS A NZ  1 
ATOM   56   N N   . MET A 1 8   ? -5.729  5.654   -6.092  1.00 14.72 ? 8   MET A N   1 
ATOM   57   C CA  . MET A 1 8   ? -4.652  5.117   -6.922  1.00 13.37 ? 8   MET A CA  1 
ATOM   58   C C   . MET A 1 8   ? -4.755  3.559   -7.050  1.00 13.17 ? 8   MET A C   1 
ATOM   59   O O   . MET A 1 8   ? -4.645  3.010   -8.154  1.00 14.04 ? 8   MET A O   1 
ATOM   60   C CB  . MET A 1 8   ? -3.266  5.533   -6.331  1.00 13.61 ? 8   MET A CB  1 
ATOM   61   C CG  . MET A 1 8   ? -2.142  5.180   -7.299  1.00 14.32 ? 8   MET A CG  1 
ATOM   62   S SD  . MET A 1 8   ? -0.530  5.360   -6.452  1.00 13.82 ? 8   MET A SD  1 
ATOM   63   C CE  . MET A 1 8   ? -0.329  7.153   -6.498  1.00 12.94 ? 8   MET A CE  1 
ATOM   64   N N   . ILE A 1 9   ? -4.992  2.882   -5.913  1.00 12.45 ? 9   ILE A N   1 
ATOM   65   C CA  . ILE A 1 9   ? -5.175  1.417   -5.898  1.00 11.81 ? 9   ILE A CA  1 
ATOM   66   C C   . ILE A 1 9   ? -6.346  1.020   -6.750  1.00 12.64 ? 9   ILE A C   1 
ATOM   67   O O   . ILE A 1 9   ? -6.244  0.105   -7.564  1.00 13.12 ? 9   ILE A O   1 
ATOM   68   C CB  . ILE A 1 9   ? -5.426  0.955   -4.464  1.00 12.60 ? 9   ILE A CB  1 
ATOM   69   C CG1 . ILE A 1 9   ? -4.107  1.090   -3.665  1.00 11.96 ? 9   ILE A CG1 1 
ATOM   70   C CG2 . ILE A 1 9   ? -5.820  -0.539  -4.430  1.00 12.01 ? 9   ILE A CG2 1 
ATOM   71   C CD1 . ILE A 1 9   ? -4.248  0.944   -2.156  1.00 12.43 ? 9   ILE A CD1 1 
ATOM   72   N N   . LEU A 1 10  ? -7.462  1.707   -6.568  1.00 13.89 ? 10  LEU A N   1 
ATOM   73   C CA  . LEU A 1 10  ? -8.661  1.344   -7.392  1.00 14.05 ? 10  LEU A CA  1 
ATOM   74   C C   . LEU A 1 10  ? -8.364  1.526   -8.899  1.00 14.13 ? 10  LEU A C   1 
ATOM   75   O O   . LEU A 1 10  ? -8.714  0.647   -9.749  1.00 15.26 ? 10  LEU A O   1 
ATOM   76   C CB  . LEU A 1 10  ? -9.860  2.211   -6.951  1.00 16.90 ? 10  LEU A CB  1 
ATOM   77   C CG  . LEU A 1 10  ? -11.146 2.018   -7.826  1.00 17.20 ? 10  LEU A CG  1 
ATOM   78   C CD1 . LEU A 1 10  ? -11.670 0.564   -7.880  1.00 19.20 ? 10  LEU A CD1 1 
ATOM   79   C CD2 . LEU A 1 10  ? -12.173 3.003   -7.268  1.00 21.25 ? 10  LEU A CD2 1 
ATOM   80   N N   . GLU A 1 11  ? -7.795  2.668   -9.250  1.00 15.13 ? 11  GLU A N   1 
ATOM   81   C CA  . GLU A 1 11  ? -7.488  2.994   -10.663 1.00 14.53 ? 11  GLU A CA  1 
ATOM   82   C C   . GLU A 1 11  ? -6.530  1.946   -11.213 1.00 14.03 ? 11  GLU A C   1 
ATOM   83   O O   . GLU A 1 11  ? -6.614  1.563   -12.367 1.00 14.17 ? 11  GLU A O   1 
ATOM   84   C CB  . GLU A 1 11  ? -6.980  4.417   -10.799 1.00 16.09 ? 11  GLU A CB  1 
ATOM   85   C CG  . GLU A 1 11  ? -8.216  5.287   -10.710 1.00 20.53 ? 11  GLU A CG  1 
ATOM   86   C CD  . GLU A 1 11  ? -7.994  6.769   -10.980 1.00 25.81 ? 11  GLU A CD  1 
ATOM   87   O OE1 . GLU A 1 11  ? -6.813  7.215   -11.063 1.00 23.46 ? 11  GLU A OE1 1 
ATOM   88   O OE2 . GLU A 1 11  ? -9.061  7.501   -11.098 1.00 27.68 ? 11  GLU A OE2 1 
ATOM   89   N N   . GLU A 1 12  ? -5.633  1.459   -10.376 1.00 14.62 ? 12  GLU A N   1 
ATOM   90   C CA  . GLU A 1 12  ? -4.594  0.541   -10.816 1.00 14.73 ? 12  GLU A CA  1 
ATOM   91   C C   . GLU A 1 12  ? -5.150  -0.879  -10.992 1.00 14.90 ? 12  GLU A C   1 
ATOM   92   O O   . GLU A 1 12  ? -4.909  -1.528  -11.999 1.00 15.00 ? 12  GLU A O   1 
ATOM   93   C CB  . GLU A 1 12  ? -3.449  0.488   -9.792  1.00 15.02 ? 12  GLU A CB  1 
ATOM   94   C CG  . GLU A 1 12  ? -2.295  -0.243  -10.318 1.00 18.16 ? 12  GLU A CG  1 
ATOM   95   C CD  . GLU A 1 12  ? -1.531  0.435   -11.448 1.00 17.50 ? 12  GLU A CD  1 
ATOM   96   O OE1 . GLU A 1 12  ? -0.714  -0.330  -11.971 1.00 21.49 ? 12  GLU A OE1 1 
ATOM   97   O OE2 . GLU A 1 12  ? -1.756  1.590   -11.843 1.00 16.56 ? 12  GLU A OE2 1 
ATOM   98   N N   . THR A 1 13  ? -5.862  -1.328  -9.981  1.00 14.20 ? 13  THR A N   1 
ATOM   99   C CA  . THR A 1 13  ? -6.232  -2.709  -9.879  1.00 13.20 ? 13  THR A CA  1 
ATOM   100  C C   . THR A 1 13  ? -7.686  -3.020  -10.187 1.00 14.28 ? 13  THR A C   1 
ATOM   101  O O   . THR A 1 13  ? -8.006  -4.101  -10.454 1.00 17.48 ? 13  THR A O   1 
ATOM   102  C CB  . THR A 1 13  ? -6.032  -3.256  -8.457  1.00 12.85 ? 13  THR A CB  1 
ATOM   103  O OG1 . THR A 1 13  ? -6.921  -2.616  -7.576  1.00 14.43 ? 13  THR A OG1 1 
ATOM   104  C CG2 . THR A 1 13  ? -4.613  -3.079  -8.005  1.00 14.64 ? 13  THR A CG2 1 
ATOM   105  N N   . GLY A 1 14  ? -8.534  -2.037  -10.071 1.00 15.69 ? 14  GLY A N   1 
ATOM   106  C CA  . GLY A 1 14  ? -9.962  -2.249  -10.146 1.00 17.84 ? 14  GLY A CA  1 
ATOM   107  C C   . GLY A 1 14  ? -10.603 -2.832  -8.891  1.00 17.97 ? 14  GLY A C   1 
ATOM   108  O O   . GLY A 1 14  ? -11.767 -3.091  -8.871  1.00 20.17 ? 14  GLY A O   1 
ATOM   109  N N   . LYS A 1 15  ? -9.824  -3.003  -7.845  1.00 16.32 ? 16  LYS A N   1 
ATOM   110  C CA  . LYS A 1 15  ? -10.305 -3.401  -6.557  1.00 15.32 ? 16  LYS A CA  1 
ATOM   111  C C   . LYS A 1 15  ? -10.430 -2.185  -5.652  1.00 17.61 ? 16  LYS A C   1 
ATOM   112  O O   . LYS A 1 15  ? -9.619  -1.345  -5.709  1.00 15.70 ? 16  LYS A O   1 
ATOM   113  C CB  . LYS A 1 15  ? -9.336  -4.366  -5.917  1.00 15.88 ? 16  LYS A CB  1 
ATOM   114  C CG  . LYS A 1 15  ? -9.301  -5.719  -6.544  1.00 18.93 ? 16  LYS A CG  1 
ATOM   115  C CD  . LYS A 1 15  ? -8.486  -6.731  -5.779  1.00 18.94 ? 16  LYS A CD  1 
ATOM   116  C CE  . LYS A 1 15  ? -8.727  -8.133  -6.306  1.00 21.14 ? 16  LYS A CE  1 
ATOM   117  N NZ  . LYS A 1 15  ? -9.920  -8.803  -5.699  1.00 21.35 ? 16  LYS A NZ  1 
ATOM   118  N N   . LEU A 1 16  ? -11.443 -2.151  -4.811  1.00 17.63 ? 17  LEU A N   1 
ATOM   119  C CA  . LEU A 1 16  ? -11.571 -1.020  -3.875  1.00 16.76 ? 17  LEU A CA  1 
ATOM   120  C C   . LEU A 1 16  ? -10.550 -1.265  -2.786  1.00 15.39 ? 17  LEU A C   1 
ATOM   121  O O   . LEU A 1 16  ? -10.448 -2.366  -2.248  1.00 13.62 ? 17  LEU A O   1 
ATOM   122  C CB  . LEU A 1 16  ? -12.963 -1.038  -3.255  1.00 17.84 ? 17  LEU A CB  1 
ATOM   123  C CG  . LEU A 1 16  ? -14.073 -0.643  -4.229  1.00 18.56 ? 17  LEU A CG  1 
ATOM   124  C CD1 . LEU A 1 16  ? -15.385 -1.030  -3.575  1.00 21.06 ? 17  LEU A CD1 1 
ATOM   125  C CD2 . LEU A 1 16  ? -13.985 0.867   -4.413  1.00 20.91 ? 17  LEU A CD2 1 
ATOM   126  N N   . ALA A 1 17  ? -9.839  -0.223  -2.368  1.00 15.28 ? 18  ALA A N   1 
ATOM   127  C CA  . ALA A 1 17  ? -8.784  -0.432  -1.388  1.00 15.69 ? 18  ALA A CA  1 
ATOM   128  C C   . ALA A 1 17  ? -9.353  -0.965  -0.089  1.00 17.39 ? 18  ALA A C   1 
ATOM   129  O O   . ALA A 1 17  ? -8.775  -1.888  0.484   1.00 16.84 ? 18  ALA A O   1 
ATOM   130  C CB  . ALA A 1 17  ? -8.051  0.885   -1.208  1.00 17.08 ? 18  ALA A CB  1 
ATOM   131  N N   . ILE A 1 18  ? -10.490 -0.400  0.350   1.00 16.79 ? 19  ILE A N   1 
ATOM   132  C CA  . ILE A 1 18  ? -11.247 -0.985  1.446   1.00 20.06 ? 19  ILE A CA  1 
ATOM   133  C C   . ILE A 1 18  ? -12.424 -1.721  0.692   1.00 19.68 ? 19  ILE A C   1 
ATOM   134  O O   . ILE A 1 18  ? -13.257 -1.061  0.080   1.00 20.17 ? 19  ILE A O   1 
ATOM   135  C CB  . ILE A 1 18  ? -11.873 0.143   2.325   1.00 19.89 ? 19  ILE A CB  1 
ATOM   136  C CG1 . ILE A 1 18  ? -10.858 1.003   3.048   1.00 23.97 ? 19  ILE A CG1 1 
ATOM   137  C CG2 . ILE A 1 18  ? -12.823 -0.457  3.352   1.00 20.77 ? 19  ILE A CG2 1 
ATOM   138  C CD1 . ILE A 1 18  ? -11.472 2.372   3.377   1.00 25.09 ? 19  ILE A CD1 1 
ATOM   139  N N   . PRO A 1 19  ? -12.570 -3.027  0.781   1.00 20.08 ? 20  PRO A N   1 
ATOM   140  C CA  . PRO A 1 19  ? -12.061 -3.933  1.730   1.00 22.62 ? 20  PRO A CA  1 
ATOM   141  C C   . PRO A 1 19  ? -10.896 -4.780  1.157   1.00 19.17 ? 20  PRO A C   1 
ATOM   142  O O   . PRO A 1 19  ? -10.375 -5.649  1.889   1.00 22.17 ? 20  PRO A O   1 
ATOM   143  C CB  . PRO A 1 19  ? -13.265 -4.825  1.994   1.00 22.30 ? 20  PRO A CB  1 
ATOM   144  C CG  . PRO A 1 19  ? -13.811 -5.007  0.590   1.00 20.75 ? 20  PRO A CG  1 
ATOM   145  C CD  . PRO A 1 19  ? -13.713 -3.601  0.007   1.00 19.42 ? 20  PRO A CD  1 
ATOM   146  N N   . SER A 1 20  ? -10.490 -4.539  -0.115  1.00 16.26 ? 21  SER A N   1 
ATOM   147  C CA  . SER A 1 20  ? -9.562  -5.511  -0.702  1.00 15.98 ? 21  SER A CA  1 
ATOM   148  C C   . SER A 1 20  ? -8.144  -5.528  -0.142  1.00 16.88 ? 21  SER A C   1 
ATOM   149  O O   . SER A 1 20  ? -7.475  -6.609  -0.132  1.00 16.51 ? 21  SER A O   1 
ATOM   150  C CB  . SER A 1 20  ? -9.449  -5.399  -2.252  1.00 15.82 ? 21  SER A CB  1 
ATOM   151  O OG  . SER A 1 20  ? -10.704 -5.628  -2.789  1.00 17.61 ? 21  SER A OG  1 
ATOM   152  N N   . TYR A 1 21  ? -7.664  -4.353  0.248   1.00 16.37 ? 22  TYR A N   1 
ATOM   153  C CA  . TYR A 1 21  ? -6.295  -4.241  0.727   1.00 16.08 ? 22  TYR A CA  1 
ATOM   154  C C   . TYR A 1 21  ? -6.215  -3.651  2.116   1.00 20.17 ? 22  TYR A C   1 
ATOM   155  O O   . TYR A 1 21  ? -5.136  -3.373  2.624   1.00 24.04 ? 22  TYR A O   1 
ATOM   156  C CB  . TYR A 1 21  ? -5.547  -3.348  -0.211  1.00 15.44 ? 22  TYR A CB  1 
ATOM   157  C CG  . TYR A 1 21  ? -5.340  -4.011  -1.594  1.00 14.96 ? 22  TYR A CG  1 
ATOM   158  C CD1 . TYR A 1 21  ? -4.383  -5.068  -1.781  1.00 15.84 ? 22  TYR A CD1 1 
ATOM   159  C CD2 . TYR A 1 21  ? -6.096  -3.573  -2.683  1.00 14.30 ? 22  TYR A CD2 1 
ATOM   160  C CE1 . TYR A 1 21  ? -4.206  -5.629  -3.040  1.00 13.45 ? 22  TYR A CE1 1 
ATOM   161  C CE2 . TYR A 1 21  ? -5.958  -4.166  -3.931  1.00 13.93 ? 22  TYR A CE2 1 
ATOM   162  C CZ  . TYR A 1 21  ? -5.006  -5.194  -4.069  1.00 13.83 ? 22  TYR A CZ  1 
ATOM   163  O OH  . TYR A 1 21  ? -4.855  -5.757  -5.325  1.00 13.93 ? 22  TYR A OH  1 
ATOM   164  N N   . SER A 1 22  ? -7.335  -3.319  2.714   1.00 16.63 ? 23  SER A N   1 
ATOM   165  C CA  . SER A 1 22  ? -7.292  -2.667  4.027   1.00 17.03 ? 23  SER A CA  1 
ATOM   166  C C   . SER A 1 22  ? -7.110  -3.582  5.239   1.00 18.48 ? 23  SER A C   1 
ATOM   167  O O   . SER A 1 22  ? -6.750  -3.164  6.294   1.00 18.85 ? 23  SER A O   1 
ATOM   168  C CB  . SER A 1 22  ? -8.504  -1.798  4.235   1.00 17.82 ? 23  SER A CB  1 
ATOM   169  O OG  . SER A 1 22  ? -9.639  -2.558  4.060   1.00 25.50 ? 23  SER A OG  1 
ATOM   170  N N   . SER A 1 23  ? -7.419  -4.842  5.057   1.00 17.66 ? 24  SER A N   1 
ATOM   171  C CA  . SER A 1 23  ? -7.113  -5.820  6.049   1.00 18.87 ? 24  SER A CA  1 
ATOM   172  C C   . SER A 1 23  ? -6.658  -7.121  5.427   1.00 21.90 ? 24  SER A C   1 
ATOM   173  O O   . SER A 1 23  ? -7.214  -8.121  5.720   1.00 30.33 ? 24  SER A O   1 
ATOM   174  C CB  . SER A 1 23  ? -8.335  -6.112  6.892   1.00 19.58 ? 24  SER A CB  1 
ATOM   175  O OG  . SER A 1 23  ? -9.299  -6.687  6.091   1.00 25.52 ? 24  SER A OG  1 
ATOM   176  N N   . TYR A 1 24  ? -5.616  -7.105  4.631   1.00 17.22 ? 25  TYR A N   1 
ATOM   177  C CA  . TYR A 1 24  ? -5.248  -8.304  3.933   1.00 17.04 ? 25  TYR A CA  1 
ATOM   178  C C   . TYR A 1 24  ? -3.961  -8.804  4.506   1.00 15.67 ? 25  TYR A C   1 
ATOM   179  O O   . TYR A 1 24  ? -3.067  -8.069  4.751   1.00 15.07 ? 25  TYR A O   1 
ATOM   180  C CB  . TYR A 1 24  ? -5.221  -8.036  2.441   1.00 15.73 ? 25  TYR A CB  1 
ATOM   181  C CG  . TYR A 1 24  ? -4.850  -9.135  1.512   1.00 15.36 ? 25  TYR A CG  1 
ATOM   182  C CD1 . TYR A 1 24  ? -3.556  -9.568  1.422   1.00 15.17 ? 25  TYR A CD1 1 
ATOM   183  C CD2 . TYR A 1 24  ? -5.760  -9.685  0.671   1.00 16.03 ? 25  TYR A CD2 1 
ATOM   184  C CE1 . TYR A 1 24  ? -3.199  -10.531 0.527   1.00 15.09 ? 25  TYR A CE1 1 
ATOM   185  C CE2 . TYR A 1 24  ? -5.416  -10.663 -0.233  1.00 15.43 ? 25  TYR A CE2 1 
ATOM   186  C CZ  . TYR A 1 24  ? -4.136  -11.085 -0.300  1.00 15.62 ? 25  TYR A CZ  1 
ATOM   187  O OH  . TYR A 1 24  ? -3.774  -12.020 -1.173  1.00 15.91 ? 25  TYR A OH  1 
ATOM   188  N N   . GLY A 1 25  ? -3.934  -10.082 4.771   1.00 14.32 ? 26  GLY A N   1 
ATOM   189  C CA  . GLY A 1 25  ? -2.686  -10.652 5.249   1.00 15.12 ? 26  GLY A CA  1 
ATOM   190  C C   . GLY A 1 25  ? -2.181  -10.082 6.578   1.00 17.10 ? 26  GLY A C   1 
ATOM   191  O O   . GLY A 1 25  ? -2.963  -9.636  7.473   1.00 17.29 ? 26  GLY A O   1 
ATOM   192  N N   . CYS A 1 26  ? -0.866  -10.134 6.721   1.00 15.27 ? 27  CYS A N   1 
ATOM   193  C CA  . CYS A 1 26  ? -0.250  -9.601  7.910   1.00 16.41 ? 27  CYS A CA  1 
ATOM   194  C C   . CYS A 1 26  ? 0.100   -8.138  7.864   1.00 14.83 ? 27  CYS A C   1 
ATOM   195  O O   . CYS A 1 26  ? 0.330   -7.544  8.912   1.00 17.51 ? 27  CYS A O   1 
ATOM   196  C CB  . CYS A 1 26  ? 0.991   -10.404 8.321   1.00 16.76 ? 27  CYS A CB  1 
ATOM   197  S SG  . CYS A 1 26  ? 0.636   -12.148 8.717   1.00 18.64 ? 27  CYS A SG  1 
ATOM   198  N N   . TYR A 1 27  ? 0.190   -7.553  6.680   1.00 15.73 ? 28  TYR A N   1 
ATOM   199  C CA  . TYR A 1 27  ? 0.754   -6.205  6.563   1.00 14.22 ? 28  TYR A CA  1 
ATOM   200  C C   . TYR A 1 27  ? -0.166  -5.212  5.885   1.00 16.22 ? 28  TYR A C   1 
ATOM   201  O O   . TYR A 1 27  ? 0.105   -4.015  5.889   1.00 17.21 ? 28  TYR A O   1 
ATOM   202  C CB  . TYR A 1 27  ? 2.114   -6.282  5.811   1.00 14.29 ? 28  TYR A CB  1 
ATOM   203  C CG  . TYR A 1 27  ? 3.122   -6.861  6.719   1.00 15.76 ? 28  TYR A CG  1 
ATOM   204  C CD1 . TYR A 1 27  ? 3.430   -8.185  6.647   1.00 16.16 ? 28  TYR A CD1 1 
ATOM   205  C CD2 . TYR A 1 27  ? 3.750   -6.061  7.746   1.00 16.43 ? 28  TYR A CD2 1 
ATOM   206  C CE1 . TYR A 1 27  ? 4.372   -8.752  7.544   1.00 15.74 ? 28  TYR A CE1 1 
ATOM   207  C CE2 . TYR A 1 27  ? 4.604   -6.620  8.640   1.00 16.13 ? 28  TYR A CE2 1 
ATOM   208  C CZ  . TYR A 1 27  ? 4.951   -7.949  8.525   1.00 16.01 ? 28  TYR A CZ  1 
ATOM   209  O OH  . TYR A 1 27  ? 5.902   -8.505  9.401   1.00 20.09 ? 28  TYR A OH  1 
ATOM   210  N N   . CYS A 1 28  ? -1.208  -5.664  5.212   1.00 14.03 ? 29  CYS A N   1 
ATOM   211  C CA  . CYS A 1 28  ? -1.990  -4.729  4.451   1.00 16.29 ? 29  CYS A CA  1 
ATOM   212  C C   . CYS A 1 28  ? -3.010  -4.114  5.339   1.00 23.45 ? 29  CYS A C   1 
ATOM   213  O O   . CYS A 1 28  ? -3.978  -4.740  5.714   1.00 25.08 ? 29  CYS A O   1 
ATOM   214  C CB  . CYS A 1 28  ? -2.745  -5.380  3.322   1.00 15.72 ? 29  CYS A CB  1 
ATOM   215  S SG  . CYS A 1 28  ? -1.758  -5.983  1.946   1.00 16.60 ? 29  CYS A SG  1 
ATOM   216  N N   . GLY A 1 29  ? -2.778  -2.870  5.633   1.00 22.05 ? 30  GLY A N   1 
ATOM   217  C CA  . GLY A 1 29  ? -3.696  -2.082  6.387   1.00 32.37 ? 30  GLY A CA  1 
ATOM   218  C C   . GLY A 1 29  ? -3.564  -2.054  7.905   1.00 41.42 ? 30  GLY A C   1 
ATOM   219  O O   . GLY A 1 29  ? -4.007  -1.125  8.513   1.00 44.62 ? 30  GLY A O   1 
ATOM   220  N N   . TRP A 1 30  ? -2.996  -3.064  8.498   1.00 43.41 ? 31  TRP A N   1 
ATOM   221  C CA  . TRP A 1 30  ? -2.740  -3.028  9.916   1.00 56.60 ? 31  TRP A CA  1 
ATOM   222  C C   . TRP A 1 30  ? -1.733  -4.085  10.082  1.00 59.87 ? 31  TRP A C   1 
ATOM   223  O O   . TRP A 1 30  ? -1.644  -5.027  9.266   1.00 57.28 ? 31  TRP A O   1 
ATOM   224  C CB  . TRP A 1 30  ? -3.974  -3.324  10.832  1.00 55.77 ? 31  TRP A CB  1 
ATOM   225  C CG  . TRP A 1 30  ? -4.137  -2.317  11.995  1.00 63.86 ? 31  TRP A CG  1 
ATOM   226  C CD1 . TRP A 1 30  ? -4.414  -0.974  11.895  1.00 57.34 ? 31  TRP A CD1 1 
ATOM   227  C CD2 . TRP A 1 30  ? -3.973  -2.548  13.456  1.00 60.33 ? 31  TRP A CD2 1 
ATOM   228  N NE1 . TRP A 1 30  ? -4.402  -0.384  13.108  1.00 61.14 ? 31  TRP A NE1 1 
ATOM   229  C CE2 . TRP A 1 30  ? -4.170  -1.280  14.084  1.00 61.09 ? 31  TRP A CE2 1 
ATOM   230  C CE3 . TRP A 1 30  ? -3.699  -3.630  14.235  1.00 65.88 ? 31  TRP A CE3 1 
ATOM   231  C CZ2 . TRP A 1 30  ? -4.091  -1.125  15.436  1.00 60.54 ? 31  TRP A CZ2 1 
ATOM   232  C CZ3 . TRP A 1 30  ? -3.632  -3.474  15.616  1.00 63.34 ? 31  TRP A CZ3 1 
ATOM   233  C CH2 . TRP A 1 30  ? -3.816  -2.242  16.193  1.00 65.73 ? 31  TRP A CH2 1 
ATOM   234  N N   . GLY A 1 31  ? -1.023  -3.963  11.178  1.00 59.77 ? 32  GLY A N   1 
ATOM   235  C CA  . GLY A 1 31  ? -0.088  -4.955  11.650  1.00 44.94 ? 32  GLY A CA  1 
ATOM   236  C C   . GLY A 1 31  ? 1.315   -4.707  11.217  1.00 40.48 ? 32  GLY A C   1 
ATOM   237  O O   . GLY A 1 31  ? 1.577   -4.120  10.224  1.00 48.12 ? 32  GLY A O   1 
ATOM   238  N N   . GLY A 1 32  ? 2.199   -5.193  12.060  1.00 48.87 ? 33  GLY A N   1 
ATOM   239  C CA  . GLY A 1 32  ? 3.600   -5.015  11.948  1.00 34.60 ? 33  GLY A CA  1 
ATOM   240  C C   . GLY A 1 32  ? 4.342   -6.263  12.232  1.00 37.25 ? 33  GLY A C   1 
ATOM   241  O O   . GLY A 1 32  ? 5.491   -6.188  12.570  1.00 35.53 ? 33  GLY A O   1 
ATOM   242  N N   . LYS A 1 33  ? 3.823   -7.433  12.086  1.00 32.51 ? 34  LYS A N   1 
ATOM   243  C CA  . LYS A 1 33  ? 4.595   -8.611  12.417  1.00 29.66 ? 34  LYS A CA  1 
ATOM   244  C C   . LYS A 1 33  ? 4.284   -9.775  11.550  1.00 21.79 ? 34  LYS A C   1 
ATOM   245  O O   . LYS A 1 33  ? 3.311   -9.781  10.888  1.00 22.24 ? 34  LYS A O   1 
ATOM   246  C CB  . LYS A 1 33  ? 4.460   -8.977  13.885  1.00 31.72 ? 34  LYS A CB  1 
ATOM   247  C CG  . LYS A 1 33  ? 3.047   -9.356  14.225  1.00 38.76 ? 34  LYS A CG  1 
ATOM   248  C CD  . LYS A 1 33  ? 2.784   -9.771  15.681  1.00 41.69 ? 34  LYS A CD  1 
ATOM   249  C CE  . LYS A 1 33  ? 1.301   -10.140 15.932  1.00 53.26 ? 34  LYS A CE  1 
ATOM   250  N NZ  . LYS A 1 33  ? 0.780   -10.585 17.287  1.00 57.91 ? 34  LYS A NZ  1 
ATOM   251  N N   . GLY A 1 34  ? 5.102   -10.714 11.583  1.00 21.70 ? 35  GLY A N   1 
ATOM   252  C CA  . GLY A 1 34  ? 4.932   -11.974 10.929  1.00 20.38 ? 35  GLY A CA  1 
ATOM   253  C C   . GLY A 1 34  ? 5.476   -12.091 9.512   1.00 20.68 ? 35  GLY A C   1 
ATOM   254  O O   . GLY A 1 34  ? 5.971   -11.137 8.948   1.00 17.74 ? 35  GLY A O   1 
ATOM   255  N N   . THR A 1 35  ? 5.406   -13.276 8.960   1.00 20.85 ? 36  THR A N   1 
ATOM   256  C CA  . THR A 1 35  ? 5.904   -13.454 7.615   1.00 19.51 ? 36  THR A CA  1 
ATOM   257  C C   . THR A 1 35  ? 4.759   -13.092 6.656   1.00 18.97 ? 36  THR A C   1 
ATOM   258  O O   . THR A 1 35  ? 3.677   -13.628 6.789   1.00 18.84 ? 36  THR A O   1 
ATOM   259  C CB  . THR A 1 35  ? 6.294   -14.909 7.391   1.00 24.87 ? 36  THR A CB  1 
ATOM   260  O OG1 . THR A 1 35  ? 7.425   -15.196 8.223   1.00 27.99 ? 36  THR A OG1 1 
ATOM   261  C CG2 . THR A 1 35  ? 6.622   -15.173 5.892   1.00 24.85 ? 36  THR A CG2 1 
ATOM   262  N N   . PRO A 1 36  ? 5.030   -12.221 5.641   1.00 16.93 ? 37  PRO A N   1 
ATOM   263  C CA  . PRO A 1 36  ? 3.950   -11.870 4.705   1.00 16.37 ? 37  PRO A CA  1 
ATOM   264  C C   . PRO A 1 36  ? 3.380   -13.116 4.052   1.00 15.42 ? 37  PRO A C   1 
ATOM   265  O O   . PRO A 1 36  ? 4.145   -14.094 3.754   1.00 17.30 ? 37  PRO A O   1 
ATOM   266  C CB  . PRO A 1 36  ? 4.633   -10.922 3.691   1.00 16.46 ? 37  PRO A CB  1 
ATOM   267  C CG  . PRO A 1 36  ? 5.773   -10.351 4.466   1.00 19.12 ? 37  PRO A CG  1 
ATOM   268  C CD  . PRO A 1 36  ? 6.288   -11.496 5.335   1.00 17.13 ? 37  PRO A CD  1 
ATOM   269  N N   . LYS A 1 37  ? 2.066   -13.142 3.883   1.00 15.33 ? 38  LYS A N   1 
ATOM   270  C CA  . LYS A 1 37  ? 1.425   -14.397 3.516   1.00 15.73 ? 38  LYS A CA  1 
ATOM   271  C C   . LYS A 1 37  ? 1.628   -14.771 2.044   1.00 17.02 ? 38  LYS A C   1 
ATOM   272  O O   . LYS A 1 37  ? 1.511   -15.945 1.636   1.00 16.93 ? 38  LYS A O   1 
ATOM   273  C CB  . LYS A 1 37  ? -0.076  -14.288 3.796   1.00 17.91 ? 38  LYS A CB  1 
ATOM   274  C CG  . LYS A 1 37  ? -0.530  -14.154 5.268   1.00 17.59 ? 38  LYS A CG  1 
ATOM   275  C CD  . LYS A 1 37  ? 0.270   -15.093 6.185   1.00 19.47 ? 38  LYS A CD  1 
ATOM   276  C CE  . LYS A 1 37  ? -0.025  -16.533 5.817   1.00 20.67 ? 38  LYS A CE  1 
ATOM   277  N NZ  . LYS A 1 37  ? 0.650   -17.469 6.770   1.00 21.98 ? 38  LYS A NZ  1 
ATOM   278  N N   . ASP A 1 38  ? 1.850   -13.722 1.230   1.00 14.67 ? 39  ASP A N   1 
ATOM   279  C CA  . ASP A 1 38  ? 1.883   -13.890 -0.224  1.00 15.16 ? 39  ASP A CA  1 
ATOM   280  C C   . ASP A 1 38  ? 2.491   -12.668 -0.861  1.00 13.37 ? 39  ASP A C   1 
ATOM   281  O O   . ASP A 1 38  ? 2.872   -11.722 -0.168  1.00 13.64 ? 39  ASP A O   1 
ATOM   282  C CB  . ASP A 1 38  ? 0.506   -14.280 -0.847  1.00 13.61 ? 39  ASP A CB  1 
ATOM   283  C CG  . ASP A 1 38  ? -0.503  -13.145 -0.873  1.00 15.26 ? 39  ASP A CG  1 
ATOM   284  O OD1 . ASP A 1 38  ? -0.251  -12.071 -0.316  1.00 14.36 ? 39  ASP A OD1 1 
ATOM   285  O OD2 . ASP A 1 38  ? -1.588  -13.383 -1.397  1.00 16.90 ? 39  ASP A OD2 1 
ATOM   286  N N   . ALA A 1 39  ? 2.546   -12.635 -2.193  1.00 12.72 ? 40  ALA A N   1 
ATOM   287  C CA  . ALA A 1 39  ? 3.216   -11.510 -2.838  1.00 12.84 ? 40  ALA A CA  1 
ATOM   288  C C   . ALA A 1 39  ? 2.486   -10.158 -2.568  1.00 12.65 ? 40  ALA A C   1 
ATOM   289  O O   . ALA A 1 39  ? 3.109   -9.126  -2.382  1.00 12.67 ? 40  ALA A O   1 
ATOM   290  C CB  . ALA A 1 39  ? 3.243   -11.753 -4.351  1.00 13.15 ? 40  ALA A CB  1 
ATOM   291  N N   . THR A 1 40  ? 1.155   -10.187 -2.610  1.00 11.61 ? 41  THR A N   1 
ATOM   292  C CA  . THR A 1 40  ? 0.321   -8.989  -2.301  1.00 11.97 ? 41  THR A CA  1 
ATOM   293  C C   . THR A 1 40  ? 0.648   -8.472  -0.899  1.00 12.23 ? 41  THR A C   1 
ATOM   294  O O   . THR A 1 40  ? 0.900   -7.277  -0.679  1.00 13.06 ? 41  THR A O   1 
ATOM   295  C CB  . THR A 1 40  ? -1.201  -9.270  -2.439  1.00 12.09 ? 41  THR A CB  1 
ATOM   296  O OG1 . THR A 1 40  ? -1.456  -9.369  -3.848  1.00 12.34 ? 41  THR A OG1 1 
ATOM   297  C CG2 . THR A 1 40  ? -2.051  -8.074  -1.895  1.00 12.53 ? 41  THR A CG2 1 
ATOM   298  N N   . ASP A 1 41  ? 0.723   -9.364  0.063   1.00 11.77 ? 42  ASP A N   1 
ATOM   299  C CA  . ASP A 1 41  ? 1.086   -8.993  1.436   1.00 13.60 ? 42  ASP A CA  1 
ATOM   300  C C   . ASP A 1 41  ? 2.494   -8.435  1.506   1.00 12.49 ? 42  ASP A C   1 
ATOM   301  O O   . ASP A 1 41  ? 2.736   -7.559  2.227   1.00 12.29 ? 42  ASP A O   1 
ATOM   302  C CB  . ASP A 1 41  ? 0.926   -10.194 2.389   1.00 12.85 ? 42  ASP A CB  1 
ATOM   303  C CG  . ASP A 1 41  ? 0.707   -9.818  3.813   1.00 15.16 ? 42  ASP A CG  1 
ATOM   304  O OD1 . ASP A 1 41  ? 0.426   -8.672  4.105   1.00 14.00 ? 42  ASP A OD1 1 
ATOM   305  O OD2 . ASP A 1 41  ? 0.807   -10.736 4.624   1.00 14.70 ? 42  ASP A OD2 1 
ATOM   306  N N   . ARG A 1 42  ? 3.388   -9.017  0.722   1.00 12.62 ? 43  ARG A N   1 
ATOM   307  C CA  . ARG A 1 42  ? 4.722   -8.475  0.622   1.00 13.48 ? 43  ARG A CA  1 
ATOM   308  C C   . ARG A 1 42  ? 4.703   -7.065  0.085   1.00 12.97 ? 43  ARG A C   1 
ATOM   309  O O   . ARG A 1 42  ? 5.486   -6.303  0.483   1.00 13.25 ? 43  ARG A O   1 
ATOM   310  C CB  . ARG A 1 42  ? 5.688   -9.331  -0.157  1.00 12.06 ? 43  ARG A CB  1 
ATOM   311  C CG  . ARG A 1 42  ? 5.964   -10.649 0.480   1.00 15.88 ? 43  ARG A CG  1 
ATOM   312  C CD  . ARG A 1 42  ? 7.116   -11.384 -0.160  1.00 19.13 ? 43  ARG A CD  1 
ATOM   313  N NE  . ARG A 1 42  ? 6.717   -12.005 -1.402  1.00 20.59 ? 43  ARG A NE  1 
ATOM   314  C CZ  . ARG A 1 42  ? 6.146   -13.184 -1.525  1.00 23.08 ? 43  ARG A CZ  1 
ATOM   315  N NH1 . ARG A 1 42  ? 5.809   -13.905 -0.467  1.00 19.52 ? 43  ARG A NH1 1 
ATOM   316  N NH2 . ARG A 1 42  ? 5.869   -13.623 -2.720  1.00 20.35 ? 43  ARG A NH2 1 
ATOM   317  N N   . CYS A 1 43  ? 3.800   -6.766  -0.833  1.00 13.26 ? 44  CYS A N   1 
ATOM   318  C CA  . CYS A 1 43  ? 3.719   -5.412  -1.325  1.00 12.82 ? 44  CYS A CA  1 
ATOM   319  C C   . CYS A 1 43  ? 3.418   -4.506  -0.140  1.00 13.18 ? 44  CYS A C   1 
ATOM   320  O O   . CYS A 1 43  ? 3.940   -3.463  -0.028  1.00 12.24 ? 44  CYS A O   1 
ATOM   321  C CB  . CYS A 1 43  ? 2.567   -5.240  -2.264  1.00 12.97 ? 44  CYS A CB  1 
ATOM   322  S SG  . CYS A 1 43  ? 2.660   -6.078  -3.817  1.00 14.62 ? 44  CYS A SG  1 
ATOM   323  N N   . CYS A 1 44  ? 2.500   -4.937  0.711   1.00 12.75 ? 45  CYS A N   1 
ATOM   324  C CA  . CYS A 1 44  ? 2.174   -4.108  1.871   1.00 13.88 ? 45  CYS A CA  1 
ATOM   325  C C   . CYS A 1 44  ? 3.302   -4.023  2.896   1.00 13.23 ? 45  CYS A C   1 
ATOM   326  O O   . CYS A 1 44  ? 3.498   -2.967  3.501   1.00 12.39 ? 45  CYS A O   1 
ATOM   327  C CB  . CYS A 1 44  ? 0.947   -4.703  2.574   1.00 14.16 ? 45  CYS A CB  1 
ATOM   328  S SG  . CYS A 1 44  ? -0.498  -4.441  1.495   1.00 15.50 ? 45  CYS A SG  1 
ATOM   329  N N   . PHE A 1 45  ? 4.033   -5.121  3.095   1.00 11.09 ? 46  PHE A N   1 
ATOM   330  C CA  . PHE A 1 45  ? 5.221   -5.075  3.958   1.00 11.41 ? 46  PHE A CA  1 
ATOM   331  C C   . PHE A 1 45  ? 6.227   -4.025  3.477   1.00 11.62 ? 46  PHE A C   1 
ATOM   332  O O   . PHE A 1 45  ? 6.697   -3.151  4.249   1.00 10.71 ? 46  PHE A O   1 
ATOM   333  C CB  . PHE A 1 45  ? 5.938   -6.433  3.922   1.00 13.24 ? 46  PHE A CB  1 
ATOM   334  C CG  . PHE A 1 45  ? 7.161   -6.432  4.833   1.00 14.21 ? 46  PHE A CG  1 
ATOM   335  C CD1 . PHE A 1 45  ? 7.049   -6.575  6.193   1.00 19.56 ? 46  PHE A CD1 1 
ATOM   336  C CD2 . PHE A 1 45  ? 8.428   -6.234  4.290   1.00 15.83 ? 46  PHE A CD2 1 
ATOM   337  C CE1 . PHE A 1 45  ? 8.182   -6.540  7.015   1.00 21.65 ? 46  PHE A CE1 1 
ATOM   338  C CE2 . PHE A 1 45  ? 9.542   -6.192  5.113   1.00 16.87 ? 46  PHE A CE2 1 
ATOM   339  C CZ  . PHE A 1 45  ? 9.413   -6.345  6.466   1.00 17.98 ? 46  PHE A CZ  1 
ATOM   340  N N   . VAL A 1 46  ? 6.516   -4.106  2.193   1.00 10.49 ? 47  VAL A N   1 
ATOM   341  C CA  . VAL A 1 46  ? 7.441   -3.111  1.594   1.00 10.40 ? 47  VAL A CA  1 
ATOM   342  C C   . VAL A 1 46  ? 6.905   -1.710  1.667   1.00 10.99 ? 47  VAL A C   1 
ATOM   343  O O   . VAL A 1 46  ? 7.639   -0.794  1.953   1.00 11.76 ? 47  VAL A O   1 
ATOM   344  C CB  . VAL A 1 46  ? 7.720   -3.516  0.123   1.00 10.45 ? 47  VAL A CB  1 
ATOM   345  C CG1 . VAL A 1 46  ? 8.552   -2.447  -0.587  1.00 11.03 ? 47  VAL A CG1 1 
ATOM   346  C CG2 . VAL A 1 46  ? 8.534   -4.795  0.187   1.00 11.98 ? 47  VAL A CG2 1 
ATOM   347  N N   . HIS A 1 47  ? 5.616   -1.520  1.461   1.00 12.11 ? 48  HIS A N   1 
ATOM   348  C CA  . HIS A 1 47  ? 5.039   -0.184  1.562   1.00 11.60 ? 48  HIS A CA  1 
ATOM   349  C C   . HIS A 1 47  ? 5.109   0.306   3.003   1.00 11.89 ? 48  HIS A C   1 
ATOM   350  O O   . HIS A 1 47  ? 5.355   1.472   3.256   1.00 12.94 ? 48  HIS A O   1 
ATOM   351  C CB  . HIS A 1 47  ? 3.571   -0.328  1.097   1.00 11.12 ? 48  HIS A CB  1 
ATOM   352  C CG  . HIS A 1 47  ? 2.828   0.994   1.054   1.00 12.39 ? 48  HIS A CG  1 
ATOM   353  N ND1 . HIS A 1 47  ? 1.804   1.278   1.953   1.00 13.19 ? 48  HIS A ND1 1 
ATOM   354  C CD2 . HIS A 1 47  ? 2.950   2.064   0.219   1.00 11.64 ? 48  HIS A CD2 1 
ATOM   355  C CE1 . HIS A 1 47  ? 1.326   2.525   1.681   1.00 12.22 ? 48  HIS A CE1 1 
ATOM   356  N NE2 . HIS A 1 47  ? 2.016   2.995   0.615   1.00 12.27 ? 48  HIS A NE2 1 
ATOM   357  N N   . ASP A 1 48  ? 4.897   -0.587  3.954   1.00 12.50 ? 49  ASP A N   1 
ATOM   358  C CA  . ASP A 1 48  ? 5.009   -0.199  5.368   1.00 12.17 ? 49  ASP A CA  1 
ATOM   359  C C   . ASP A 1 48  ? 6.468   0.230   5.622   1.00 12.76 ? 49  ASP A C   1 
ATOM   360  O O   . ASP A 1 48  ? 6.704   1.193   6.298   1.00 13.11 ? 49  ASP A O   1 
ATOM   361  C CB  . ASP A 1 48  ? 4.721   -1.350  6.295   1.00 14.75 ? 49  ASP A CB  1 
ATOM   362  C CG  . ASP A 1 48  ? 3.203   -1.678  6.422   1.00 19.30 ? 49  ASP A CG  1 
ATOM   363  O OD1 . ASP A 1 48  ? 2.369   -0.994  5.855   1.00 16.27 ? 49  ASP A OD1 1 
ATOM   364  O OD2 . ASP A 1 48  ? 2.950   -2.750  7.017   1.00 22.09 ? 49  ASP A OD2 1 
ATOM   365  N N   . CYS A 1 49  ? 7.446   -0.498  5.068   1.00 11.53 ? 50  CYS A N   1 
ATOM   366  C CA  . CYS A 1 49  ? 8.868   -0.155  5.261   1.00 12.40 ? 50  CYS A CA  1 
ATOM   367  C C   . CYS A 1 49  ? 9.121   1.195   4.576   1.00 12.70 ? 50  CYS A C   1 
ATOM   368  O O   . CYS A 1 49  ? 9.888   2.060   5.082   1.00 13.35 ? 50  CYS A O   1 
ATOM   369  C CB  . CYS A 1 49  ? 9.706   -1.179  4.590   1.00 11.93 ? 50  CYS A CB  1 
ATOM   370  S SG  . CYS A 1 49  ? 9.692   -2.786  5.491   1.00 15.13 ? 50  CYS A SG  1 
ATOM   371  N N   . CYS A 1 50  ? 8.478   1.394   3.414   1.00 12.69 ? 51  CYS A N   1 
ATOM   372  C CA  . CYS A 1 50  ? 8.629   2.645   2.689   1.00 11.99 ? 51  CYS A CA  1 
ATOM   373  C C   . CYS A 1 50  ? 8.176   3.854   3.505   1.00 11.79 ? 51  CYS A C   1 
ATOM   374  O O   . CYS A 1 50  ? 8.918   4.821   3.591   1.00 12.56 ? 51  CYS A O   1 
ATOM   375  C CB  . CYS A 1 50  ? 7.903   2.557   1.386   1.00 12.06 ? 51  CYS A CB  1 
ATOM   376  S SG  . CYS A 1 50  ? 8.470   3.705   0.077   1.00 12.06 ? 51  CYS A SG  1 
ATOM   377  N N   . TYR A 1 51  ? 7.020   3.729   4.142   1.00 11.38 ? 52  TYR A N   1 
ATOM   378  C CA  . TYR A 1 51  ? 6.509   4.785   4.997   1.00 12.74 ? 52  TYR A CA  1 
ATOM   379  C C   . TYR A 1 51  ? 7.446   4.892   6.174   1.00 14.07 ? 52  TYR A C   1 
ATOM   380  O O   . TYR A 1 51  ? 7.636   5.991   6.685   1.00 15.39 ? 52  TYR A O   1 
ATOM   381  C CB  . TYR A 1 51  ? 5.109   4.419   5.507   1.00 12.11 ? 52  TYR A CB  1 
ATOM   382  C CG  . TYR A 1 51  ? 4.011   4.770   4.542   1.00 12.14 ? 52  TYR A CG  1 
ATOM   383  C CD1 . TYR A 1 51  ? 4.300   5.276   3.229   1.00 10.76 ? 52  TYR A CD1 1 
ATOM   384  C CD2 . TYR A 1 51  ? 2.686   4.596   4.938   1.00 11.56 ? 52  TYR A CD2 1 
ATOM   385  C CE1 . TYR A 1 51  ? 3.232   5.631   2.377   1.00 10.47 ? 52  TYR A CE1 1 
ATOM   386  C CE2 . TYR A 1 51  ? 1.610   4.951   4.103   1.00 13.67 ? 52  TYR A CE2 1 
ATOM   387  C CZ  . TYR A 1 51  ? 1.888   5.464   2.846   1.00 11.32 ? 52  TYR A CZ  1 
ATOM   388  O OH  . TYR A 1 51  ? 0.783   5.726   2.041   1.00 12.53 ? 52  TYR A OH  1 
ATOM   389  N N   . GLY A 1 52  ? 7.945   3.754   6.664   1.00 13.39 ? 53  GLY A N   1 
ATOM   390  C CA  . GLY A 1 52  ? 8.839   3.735   7.857   1.00 16.08 ? 53  GLY A CA  1 
ATOM   391  C C   . GLY A 1 52  ? 10.135  4.490   7.617   1.00 17.92 ? 53  GLY A C   1 
ATOM   392  O O   . GLY A 1 52  ? 10.772  4.952   8.602   1.00 20.70 ? 53  GLY A O   1 
ATOM   393  N N   . ASN A 1 53  ? 10.539  4.589   6.366   1.00 17.01 ? 54  ASN A N   1 
ATOM   394  C CA  . ASN A 1 53  ? 11.736  5.350   5.912   1.00 17.45 ? 54  ASN A CA  1 
ATOM   395  C C   . ASN A 1 53  ? 11.506  6.878   6.087   1.00 17.26 ? 54  ASN A C   1 
ATOM   396  O O   . ASN A 1 53  ? 12.461  7.623   5.875   1.00 17.96 ? 54  ASN A O   1 
ATOM   397  C CB  . ASN A 1 53  ? 12.118  5.195   4.435   1.00 19.88 ? 54  ASN A CB  1 
ATOM   398  C CG  . ASN A 1 53  ? 12.463  3.783   4.002   1.00 21.38 ? 54  ASN A CG  1 
ATOM   399  O OD1 . ASN A 1 53  ? 13.057  3.047   4.806   1.00 28.57 ? 54  ASN A OD1 1 
ATOM   400  N ND2 . ASN A 1 53  ? 12.094  3.367   2.693   1.00 17.74 ? 54  ASN A ND2 1 
ATOM   401  N N   . LEU A 1 54  ? 10.262  7.274   6.376   1.00 16.92 ? 55  LEU A N   1 
ATOM   402  C CA  . LEU A 1 54  ? 9.807   8.717   6.357   1.00 16.40 ? 55  LEU A CA  1 
ATOM   403  C C   . LEU A 1 54  ? 9.188   9.085   7.692   1.00 16.62 ? 55  LEU A C   1 
ATOM   404  O O   . LEU A 1 54  ? 8.009   9.483   7.809   1.00 15.69 ? 55  LEU A O   1 
ATOM   405  C CB  . LEU A 1 54  ? 8.822   9.017   5.184   1.00 14.51 ? 55  LEU A CB  1 
ATOM   406  C CG  . LEU A 1 54  ? 9.112   8.362   3.853   1.00 14.23 ? 55  LEU A CG  1 
ATOM   407  C CD1 . LEU A 1 54  ? 7.950   8.496   2.882   1.00 15.10 ? 55  LEU A CD1 1 
ATOM   408  C CD2 . LEU A 1 54  ? 10.390  9.071   3.382   1.00 15.19 ? 55  LEU A CD2 1 
ATOM   409  N N   . PRO A 1 55  ? 9.952   8.948   8.771   1.00 16.83 ? 56  PRO A N   1 
ATOM   410  C CA  . PRO A 1 55  ? 9.388   9.115   10.130  1.00 17.86 ? 56  PRO A CA  1 
ATOM   411  C C   . PRO A 1 55  ? 8.883   10.563  10.471  1.00 16.97 ? 56  PRO A C   1 
ATOM   412  O O   . PRO A 1 55  ? 8.058   10.759  11.386  1.00 18.84 ? 56  PRO A O   1 
ATOM   413  C CB  . PRO A 1 55  ? 10.592  8.809   11.029  1.00 20.11 ? 56  PRO A CB  1 
ATOM   414  C CG  . PRO A 1 55  ? 11.767  9.043   10.214  1.00 20.48 ? 56  PRO A CG  1 
ATOM   415  C CD  . PRO A 1 55  ? 11.398  8.622   8.799   1.00 20.96 ? 56  PRO A CD  1 
ATOM   416  N N   . ASP A 1 56  ? 9.399   11.587  9.569   1.00 15.49 ? 59  ASP A N   1 
ATOM   417  C CA  . ASP A 1 56  ? 8.979   12.998  9.770   1.00 15.35 ? 59  ASP A CA  1 
ATOM   418  C C   . ASP A 1 56  ? 8.020   13.415  8.679   1.00 14.34 ? 59  ASP A C   1 
ATOM   419  O O   . ASP A 1 56  ? 7.703   14.599  8.464   1.00 15.62 ? 59  ASP A O   1 
ATOM   420  C CB  . ASP A 1 56  ? 10.248  13.857  9.815   1.00 18.78 ? 59  ASP A CB  1 
ATOM   421  C CG  . ASP A 1 56  ? 11.089  13.503  11.006  1.00 22.70 ? 59  ASP A CG  1 
ATOM   422  O OD1 . ASP A 1 56  ? 12.302  13.667  10.947  1.00 24.86 ? 59  ASP A OD1 1 
ATOM   423  O OD2 . ASP A 1 56  ? 10.481  13.030  11.985  1.00 22.40 ? 59  ASP A OD2 1 
ATOM   424  N N   . CYS A 1 57  ? 7.388   12.397  7.972   1.00 12.11 ? 61  CYS A N   1 
ATOM   425  C CA  . CYS A 1 57  ? 6.290   12.701  7.057   1.00 10.96 ? 61  CYS A CA  1 
ATOM   426  C C   . CYS A 1 57  ? 5.035   12.080  7.567   1.00 11.42 ? 61  CYS A C   1 
ATOM   427  O O   . CYS A 1 57  ? 5.072   11.216  8.464   1.00 13.87 ? 61  CYS A O   1 
ATOM   428  C CB  . CYS A 1 57  ? 6.611   12.116  5.632   1.00 10.87 ? 61  CYS A CB  1 
ATOM   429  S SG  . CYS A 1 57  ? 8.171   12.666  4.954   1.00 12.85 ? 61  CYS A SG  1 
ATOM   430  N N   . ASN A 1 58  ? 3.890   12.393  6.950   1.00 10.78 ? 67  ASN A N   1 
ATOM   431  C CA  . ASN A 1 58  ? 2.606   11.996  7.431   1.00 13.22 ? 67  ASN A CA  1 
ATOM   432  C C   . ASN A 1 58  ? 1.774   11.453  6.264   1.00 13.46 ? 67  ASN A C   1 
ATOM   433  O O   . ASN A 1 58  ? 0.929   12.125  5.729   1.00 15.75 ? 67  ASN A O   1 
ATOM   434  C CB  . ASN A 1 58  ? 1.914   13.213  8.135   1.00 14.43 ? 67  ASN A CB  1 
ATOM   435  C CG  . ASN A 1 58  ? 2.680   13.652  9.384   1.00 14.07 ? 67  ASN A CG  1 
ATOM   436  O OD1 . ASN A 1 58  ? 2.484   13.048  10.443  1.00 17.78 ? 67  ASN A OD1 1 
ATOM   437  N ND2 . ASN A 1 58  ? 3.580   14.647  9.280   1.00 12.62 ? 67  ASN A ND2 1 
ATOM   438  N N   . PRO A 1 59  ? 2.055   10.226  5.904   1.00 14.46 ? 68  PRO A N   1 
ATOM   439  C CA  . PRO A 1 59  ? 1.471   9.664   4.663   1.00 17.67 ? 68  PRO A CA  1 
ATOM   440  C C   . PRO A 1 59  ? -0.029  9.477   4.704   1.00 18.84 ? 68  PRO A C   1 
ATOM   441  O O   . PRO A 1 59  ? -0.708  9.477   3.637   1.00 18.01 ? 68  PRO A O   1 
ATOM   442  C CB  . PRO A 1 59  ? 2.174   8.328   4.485   1.00 17.91 ? 68  PRO A CB  1 
ATOM   443  C CG  . PRO A 1 59  ? 2.927   8.047   5.713   1.00 18.33 ? 68  PRO A CG  1 
ATOM   444  C CD  . PRO A 1 59  ? 3.055   9.353   6.535   1.00 15.69 ? 68  PRO A CD  1 
ATOM   445  N N   . LYS A 1 60  ? -0.598  9.350   5.905   1.00 19.03 ? 69  LYS A N   1 
ATOM   446  C CA  . LYS A 1 60  ? -2.048  9.244   5.972   1.00 21.75 ? 69  LYS A CA  1 
ATOM   447  C C   . LYS A 1 60  ? -2.775  10.490  5.517   1.00 21.41 ? 69  LYS A C   1 
ATOM   448  O O   . LYS A 1 60  ? -3.826  10.372  4.887   1.00 19.63 ? 69  LYS A O   1 
ATOM   449  C CB  . LYS A 1 60  ? -2.533  8.868   7.419   1.00 23.42 ? 69  LYS A CB  1 
ATOM   450  C CG  . LYS A 1 60  ? -2.139  7.477   7.846   1.00 33.87 ? 69  LYS A CG  1 
ATOM   451  C CD  . LYS A 1 60  ? -2.843  7.052   9.163   1.00 37.52 ? 69  LYS A CD  1 
ATOM   452  C CE  . LYS A 1 60  ? -4.343  7.392   9.201   1.00 40.00 ? 69  LYS A CE  1 
ATOM   453  N NZ  . LYS A 1 60  ? -5.051  6.785   10.391  1.00 43.58 ? 69  LYS A NZ  1 
ATOM   454  N N   . SER A 1 61  ? -2.246  11.712  5.824   1.00 15.11 ? 70  SER A N   1 
ATOM   455  C CA  . SER A 1 61  ? -2.971  12.894  5.606   1.00 16.44 ? 70  SER A CA  1 
ATOM   456  C C   . SER A 1 61  ? -2.382  13.789  4.559   1.00 15.42 ? 70  SER A C   1 
ATOM   457  O O   . SER A 1 61  ? -3.084  14.662  4.020   1.00 19.10 ? 70  SER A O   1 
ATOM   458  C CB  . SER A 1 61  ? -3.053  13.703  6.947   1.00 18.13 ? 70  SER A CB  1 
ATOM   459  O OG  . SER A 1 61  ? -1.679  13.945  7.398   1.00 19.70 ? 70  SER A OG  1 
ATOM   460  N N   . ASP A 1 62  ? -1.077  13.657  4.251   1.00 13.08 ? 71  ASP A N   1 
ATOM   461  C CA  . ASP A 1 62  ? -0.436  14.593  3.380   1.00 11.71 ? 71  ASP A CA  1 
ATOM   462  C C   . ASP A 1 62  ? -0.790  14.219  1.938   1.00 13.20 ? 71  ASP A C   1 
ATOM   463  O O   . ASP A 1 62  ? -0.523  13.087  1.496   1.00 13.27 ? 71  ASP A O   1 
ATOM   464  C CB  . ASP A 1 62  ? 1.066   14.541  3.648   1.00 11.43 ? 71  ASP A CB  1 
ATOM   465  C CG  . ASP A 1 62  ? 1.824   15.656  2.959   1.00 12.43 ? 71  ASP A CG  1 
ATOM   466  O OD1 . ASP A 1 62  ? 1.216   16.488  2.256   1.00 12.52 ? 71  ASP A OD1 1 
ATOM   467  O OD2 . ASP A 1 62  ? 3.076   15.723  3.139   1.00 13.10 ? 71  ASP A OD2 1 
ATOM   468  N N   . ARG A 1 63  ? -1.343  15.175  1.203   1.00 12.75 ? 72  ARG A N   1 
ATOM   469  C CA  . ARG A 1 63  ? -1.754  14.944  -0.206  1.00 14.21 ? 72  ARG A CA  1 
ATOM   470  C C   . ARG A 1 63  ? -0.640  15.266  -1.135  1.00 14.09 ? 72  ARG A C   1 
ATOM   471  O O   . ARG A 1 63  ? 0.018   16.290  -1.012  1.00 14.89 ? 72  ARG A O   1 
ATOM   472  C CB  . ARG A 1 63  ? -2.925  15.900  -0.497  1.00 17.08 ? 72  ARG A CB  1 
ATOM   473  C CG  . ARG A 1 63  ? -4.155  15.417  0.244   1.00 19.31 ? 72  ARG A CG  1 
ATOM   474  C CD  . ARG A 1 63  ? -5.367  16.158  -0.378  1.00 23.45 ? 72  ARG A CD  1 
ATOM   475  N NE  . ARG A 1 63  ? -6.525  16.053  0.533   1.00 28.07 ? 72  ARG A NE  1 
ATOM   476  C CZ  . ARG A 1 63  ? -7.771  16.461  0.222   1.00 30.47 ? 72  ARG A CZ  1 
ATOM   477  N NH1 . ARG A 1 63  ? -8.760  16.360  1.123   1.00 32.28 ? 72  ARG A NH1 1 
ATOM   478  N NH2 . ARG A 1 63  ? -7.999  16.986  -0.961  1.00 25.82 ? 72  ARG A NH2 1 
ATOM   479  N N   . TYR A 1 64  ? -0.327  14.329  -2.040  1.00 14.14 ? 73  TYR A N   1 
ATOM   480  C CA  . TYR A 1 64  ? 0.652   14.619  -3.076  1.00 12.87 ? 73  TYR A CA  1 
ATOM   481  C C   . TYR A 1 64  ? -0.082  14.777  -4.397  1.00 13.92 ? 73  TYR A C   1 
ATOM   482  O O   . TYR A 1 64  ? -1.256  14.383  -4.540  1.00 15.17 ? 73  TYR A O   1 
ATOM   483  C CB  . TYR A 1 64  ? 1.725   13.464  -3.158  1.00 13.67 ? 73  TYR A CB  1 
ATOM   484  C CG  . TYR A 1 64  ? 1.119   12.129  -3.211  1.00 12.39 ? 73  TYR A CG  1 
ATOM   485  C CD1 . TYR A 1 64  ? 0.576   11.603  -4.423  1.00 11.28 ? 73  TYR A CD1 1 
ATOM   486  C CD2 . TYR A 1 64  ? 0.992   11.353  -2.007  1.00 12.02 ? 73  TYR A CD2 1 
ATOM   487  C CE1 . TYR A 1 64  ? 0.001   10.320  -4.422  1.00 12.94 ? 73  TYR A CE1 1 
ATOM   488  C CE2 . TYR A 1 64  ? 0.407   10.077  -2.036  1.00 11.39 ? 73  TYR A CE2 1 
ATOM   489  C CZ  . TYR A 1 64  ? -0.089  9.588   -3.217  1.00 12.45 ? 73  TYR A CZ  1 
ATOM   490  O OH  . TYR A 1 64  ? -0.708  8.351   -3.212  1.00 13.17 ? 73  TYR A OH  1 
ATOM   491  N N   . LYS A 1 65  ? 0.609   15.316  -5.395  1.00 14.14 ? 74  LYS A N   1 
ATOM   492  C CA  . LYS A 1 65  ? 0.036   15.419  -6.741  1.00 17.38 ? 74  LYS A CA  1 
ATOM   493  C C   . LYS A 1 65  ? 0.703   14.363  -7.654  1.00 16.50 ? 74  LYS A C   1 
ATOM   494  O O   . LYS A 1 65  ? 1.937   14.197  -7.650  1.00 16.21 ? 74  LYS A O   1 
ATOM   495  C CB  . LYS A 1 65  ? 0.236   16.810  -7.376  1.00 21.49 ? 74  LYS A CB  1 
ATOM   496  C CG  . LYS A 1 65  ? -0.555  18.034  -6.794  1.00 26.03 ? 74  LYS A CG  1 
ATOM   497  C CD  . LYS A 1 65  ? -1.828  17.777  -5.976  1.00 37.56 ? 74  LYS A CD  1 
ATOM   498  C CE  . LYS A 1 65  ? -2.891  16.798  -6.498  1.00 41.61 ? 74  LYS A CE  1 
ATOM   499  N NZ  . LYS A 1 65  ? -3.740  16.297  -5.349  1.00 50.54 ? 74  LYS A NZ  1 
ATOM   500  N N   . TYR A 1 66  ? -0.115  13.698  -8.446  1.00 15.62 ? 75  TYR A N   1 
ATOM   501  C CA  . TYR A 1 66  ? 0.498   12.828  -9.427  1.00 16.74 ? 75  TYR A CA  1 
ATOM   502  C C   . TYR A 1 66  ? -0.359  12.889  -10.666 1.00 17.88 ? 75  TYR A C   1 
ATOM   503  O O   . TYR A 1 66  ? -1.545  13.310  -10.600 1.00 18.38 ? 75  TYR A O   1 
ATOM   504  C CB  . TYR A 1 66  ? 0.678   11.389  -8.829  1.00 14.87 ? 75  TYR A CB  1 
ATOM   505  C CG  . TYR A 1 66  ? -0.567  10.593  -8.747  1.00 15.23 ? 75  TYR A CG  1 
ATOM   506  C CD1 . TYR A 1 66  ? -0.918  9.695   -9.742  1.00 14.58 ? 75  TYR A CD1 1 
ATOM   507  C CD2 . TYR A 1 66  ? -1.403  10.728  -7.649  1.00 13.98 ? 75  TYR A CD2 1 
ATOM   508  C CE1 . TYR A 1 66  ? -2.097  8.949   -9.650  1.00 14.43 ? 75  TYR A CE1 1 
ATOM   509  C CE2 . TYR A 1 66  ? -2.549  9.975   -7.543  1.00 14.45 ? 75  TYR A CE2 1 
ATOM   510  C CZ  . TYR A 1 66  ? -2.903  9.091   -8.541  1.00 14.53 ? 75  TYR A CZ  1 
ATOM   511  O OH  . TYR A 1 66  ? -4.043  8.276   -8.421  1.00 15.69 ? 75  TYR A OH  1 
ATOM   512  N N   . LYS A 1 67  ? 0.207   12.412  -11.778 1.00 16.67 ? 76  LYS A N   1 
ATOM   513  C CA  . LYS A 1 67  ? -0.581  12.342  -13.033 1.00 17.76 ? 76  LYS A CA  1 
ATOM   514  C C   . LYS A 1 67  ? -0.433  10.932  -13.632 1.00 17.19 ? 76  LYS A C   1 
ATOM   515  O O   . LYS A 1 67  ? 0.470   10.153  -13.264 1.00 17.58 ? 76  LYS A O   1 
ATOM   516  C CB  . LYS A 1 67  ? -0.167  13.372  -14.068 1.00 18.03 ? 76  LYS A CB  1 
ATOM   517  C CG  . LYS A 1 67  ? 1.286   13.365  -14.377 1.00 17.69 ? 76  LYS A CG  1 
ATOM   518  C CD  . LYS A 1 67  ? 1.709   14.512  -15.267 1.00 20.44 ? 76  LYS A CD  1 
ATOM   519  C CE  . LYS A 1 67  ? 3.222   14.355  -15.490 1.00 22.89 ? 76  LYS A CE  1 
ATOM   520  N NZ  . LYS A 1 67  ? 3.981   15.419  -16.262 1.00 25.13 ? 76  LYS A NZ  1 
ATOM   521  N N   . ARG A 1 68  ? -1.337  10.637  -14.538 1.00 20.04 ? 77  ARG A N   1 
ATOM   522  C CA  . ARG A 1 68  ? -1.231  9.442   -15.307 1.00 20.38 ? 77  ARG A CA  1 
ATOM   523  C C   . ARG A 1 68  ? -0.769  9.910   -16.652 1.00 24.07 ? 77  ARG A C   1 
ATOM   524  O O   . ARG A 1 68  ? -1.313  10.921  -17.217 1.00 26.77 ? 77  ARG A O   1 
ATOM   525  C CB  . ARG A 1 68  ? -2.559  8.701   -15.384 1.00 19.93 ? 77  ARG A CB  1 
ATOM   526  C CG  . ARG A 1 68  ? -3.033  7.972   -14.113 1.00 23.43 ? 77  ARG A CG  1 
ATOM   527  C CD  . ARG A 1 68  ? -2.343  6.657   -13.881 1.00 19.84 ? 77  ARG A CD  1 
ATOM   528  N NE  . ARG A 1 68  ? -2.889  5.996   -12.702 1.00 18.09 ? 77  ARG A NE  1 
ATOM   529  C CZ  . ARG A 1 68  ? -2.609  4.759   -12.422 1.00 16.96 ? 77  ARG A CZ  1 
ATOM   530  N NH1 . ARG A 1 68  ? -3.130  4.230   -11.310 1.00 16.71 ? 77  ARG A NH1 1 
ATOM   531  N NH2 . ARG A 1 68  ? -1.796  4.066   -13.258 1.00 17.37 ? 77  ARG A NH2 1 
ATOM   532  N N   . VAL A 1 69  ? 0.286   9.286   -17.143 1.00 23.57 ? 78  VAL A N   1 
ATOM   533  C CA  . VAL A 1 69  ? 0.812   9.555   -18.460 1.00 24.76 ? 78  VAL A CA  1 
ATOM   534  C C   . VAL A 1 69  ? 0.645   8.290   -19.278 1.00 26.07 ? 78  VAL A C   1 
ATOM   535  O O   . VAL A 1 69  ? 1.362   7.366   -19.146 1.00 24.46 ? 78  VAL A O   1 
ATOM   536  C CB  . VAL A 1 69  ? 2.251   10.016  -18.407 1.00 25.18 ? 78  VAL A CB  1 
ATOM   537  C CG1 . VAL A 1 69  ? 2.763   10.333  -19.801 1.00 28.13 ? 78  VAL A CG1 1 
ATOM   538  C CG2 . VAL A 1 69  ? 2.343   11.255  -17.532 1.00 24.75 ? 78  VAL A CG2 1 
ATOM   539  N N   . ASN A 1 70  ? -0.395  8.322   -20.065 1.00 28.37 ? 79  ASN A N   1 
ATOM   540  C CA  . ASN A 1 70  ? -1.050  7.143   -20.494 1.00 35.92 ? 79  ASN A CA  1 
ATOM   541  C C   . ASN A 1 70  ? -1.317  6.353   -19.205 1.00 32.22 ? 79  ASN A C   1 
ATOM   542  O O   . ASN A 1 70  ? -1.979  6.863   -18.353 1.00 34.45 ? 79  ASN A O   1 
ATOM   543  C CB  . ASN A 1 70  ? -0.323  6.565   -21.633 1.00 43.25 ? 79  ASN A CB  1 
ATOM   544  C CG  . ASN A 1 70  ? -0.628  7.350   -22.880 1.00 44.14 ? 79  ASN A CG  1 
ATOM   545  O OD1 . ASN A 1 70  ? -1.434  6.950   -23.638 1.00 55.53 ? 79  ASN A OD1 1 
ATOM   546  N ND2 . ASN A 1 70  ? -0.095  8.530   -22.993 1.00 44.50 ? 79  ASN A ND2 1 
ATOM   547  N N   . GLY A 1 71  ? -0.865  5.137   -19.086 1.00 29.57 ? 80  GLY A N   1 
ATOM   548  C CA  . GLY A 1 71  ? -1.027  4.485   -17.821 1.00 27.40 ? 80  GLY A CA  1 
ATOM   549  C C   . GLY A 1 71  ? -0.026  4.784   -16.717 1.00 21.42 ? 80  GLY A C   1 
ATOM   550  O O   . GLY A 1 71  ? -0.277  4.479   -15.606 1.00 23.02 ? 80  GLY A O   1 
ATOM   551  N N   . ALA A 1 72  ? 1.099   5.363   -17.048 1.00 18.30 ? 81  ALA A N   1 
ATOM   552  C CA  . ALA A 1 72  ? 2.204   5.482   -16.094 1.00 18.22 ? 81  ALA A CA  1 
ATOM   553  C C   . ALA A 1 72  ? 1.835   6.461   -14.990 1.00 16.21 ? 81  ALA A C   1 
ATOM   554  O O   . ALA A 1 72  ? 1.182   7.464   -15.230 1.00 17.36 ? 81  ALA A O   1 
ATOM   555  C CB  . ALA A 1 72  ? 3.491   5.915   -16.791 1.00 18.77 ? 81  ALA A CB  1 
ATOM   556  N N   . ILE A 1 73  ? 2.199   6.097   -13.756 1.00 14.79 ? 82  ILE A N   1 
ATOM   557  C CA  . ILE A 1 73  ? 1.966   6.982   -12.623 1.00 12.99 ? 82  ILE A CA  1 
ATOM   558  C C   . ILE A 1 73  ? 3.231   7.842   -12.553 1.00 13.52 ? 82  ILE A C   1 
ATOM   559  O O   . ILE A 1 73  ? 4.380   7.348   -12.481 1.00 14.89 ? 82  ILE A O   1 
ATOM   560  C CB  . ILE A 1 73  ? 1.847   6.153   -11.307 1.00 11.58 ? 82  ILE A CB  1 
ATOM   561  C CG1 . ILE A 1 73  ? 0.575   5.314   -11.358 1.00 13.49 ? 82  ILE A CG1 1 
ATOM   562  C CG2 . ILE A 1 73  ? 1.800   7.114   -10.108 1.00 11.58 ? 82  ILE A CG2 1 
ATOM   563  C CD1 . ILE A 1 73  ? 0.457   4.205   -10.291 1.00 13.33 ? 82  ILE A CD1 1 
ATOM   564  N N   . VAL A 1 74  ? 3.047   9.180   -12.626 1.00 12.86 ? 83  VAL A N   1 
ATOM   565  C CA  . VAL A 1 74  ? 4.164   10.082  -12.480 1.00 14.99 ? 83  VAL A CA  1 
ATOM   566  C C   . VAL A 1 74  ? 3.923   11.014  -11.312 1.00 14.95 ? 83  VAL A C   1 
ATOM   567  O O   . VAL A 1 74  ? 2.969   11.766  -11.313 1.00 14.51 ? 83  VAL A O   1 
ATOM   568  C CB  . VAL A 1 74  ? 4.375   10.899  -13.773 1.00 15.95 ? 83  VAL A CB  1 
ATOM   569  C CG1 . VAL A 1 74  ? 5.541   11.846  -13.566 1.00 17.41 ? 83  VAL A CG1 1 
ATOM   570  C CG2 . VAL A 1 74  ? 4.613   9.932   -14.962 1.00 15.88 ? 83  VAL A CG2 1 
ATOM   571  N N   . CYS A 1 75  ? 4.754   10.873  -10.291 1.00 14.62 ? 84  CYS A N   1 
ATOM   572  C CA  . CYS A 1 75  ? 4.618   11.737  -9.115  1.00 13.70 ? 84  CYS A CA  1 
ATOM   573  C C   . CYS A 1 75  ? 5.083   13.144  -9.513  1.00 16.57 ? 84  CYS A C   1 
ATOM   574  O O   . CYS A 1 75  ? 6.154   13.294  -10.089 1.00 16.07 ? 84  CYS A O   1 
ATOM   575  C CB  . CYS A 1 75  ? 5.462   11.178  -7.984  1.00 14.98 ? 84  CYS A CB  1 
ATOM   576  S SG  . CYS A 1 75  ? 4.839   9.614   -7.319  1.00 15.02 ? 84  CYS A SG  1 
ATOM   577  N N   . GLU A 1 76  ? 4.302   14.143  -9.165  1.00 15.89 ? 85  GLU A N   1 
ATOM   578  C CA  . GLU A 1 76  ? 4.638   15.539  -9.537  1.00 17.07 ? 85  GLU A CA  1 
ATOM   579  C C   . GLU A 1 76  ? 5.343   16.157  -8.357  1.00 18.58 ? 85  GLU A C   1 
ATOM   580  O O   . GLU A 1 76  ? 5.246   15.635  -7.234  1.00 21.73 ? 85  GLU A O   1 
ATOM   581  C CB  . GLU A 1 76  ? 3.368   16.303  -9.880  1.00 17.51 ? 85  GLU A CB  1 
ATOM   582  C CG  . GLU A 1 76  ? 2.893   15.808  -11.256 1.00 21.12 ? 85  GLU A CG  1 
ATOM   583  C CD  . GLU A 1 76  ? 1.535   16.273  -11.656 1.00 26.04 ? 85  GLU A CD  1 
ATOM   584  O OE1 . GLU A 1 76  ? 0.554   15.909  -11.006 1.00 28.22 ? 85  GLU A OE1 1 
ATOM   585  O OE2 . GLU A 1 76  ? 1.450   16.895  -12.736 1.00 30.13 ? 85  GLU A OE2 1 
ATOM   586  N N   . LYS A 1 77  ? 6.093   17.243  -8.609  1.00 16.38 ? 86  LYS A N   1 
ATOM   587  C CA  . LYS A 1 77  ? 6.996   17.712  -7.600  1.00 17.95 ? 86  LYS A CA  1 
ATOM   588  C C   . LYS A 1 77  ? 6.181   18.472  -6.583  1.00 18.20 ? 86  LYS A C   1 
ATOM   589  O O   . LYS A 1 77  ? 5.363   19.314  -6.892  1.00 18.57 ? 86  LYS A O   1 
ATOM   590  C CB  . LYS A 1 77  ? 8.056   18.632  -8.202  1.00 23.61 ? 86  LYS A CB  1 
ATOM   591  C CG  . LYS A 1 77  ? 9.080   19.178  -7.219  1.00 33.18 ? 86  LYS A CG  1 
ATOM   592  C CD  . LYS A 1 77  ? 10.447  19.423  -7.915  1.00 33.92 ? 86  LYS A CD  1 
ATOM   593  C CE  . LYS A 1 77  ? 11.447  20.203  -7.056  1.00 39.32 ? 86  LYS A CE  1 
ATOM   594  N NZ  . LYS A 1 77  ? 12.161  19.298  -6.114  1.00 37.19 ? 86  LYS A NZ  1 
ATOM   595  N N   . GLY A 1 78  ? 6.131   18.077  -5.273  1.00 17.03 ? 88  GLY A N   1 
ATOM   596  C CA  . GLY A 1 78  ? 5.565   18.882  -4.141  1.00 14.50 ? 88  GLY A CA  1 
ATOM   597  C C   . GLY A 1 78  ? 6.651   19.015  -3.125  1.00 13.76 ? 88  GLY A C   1 
ATOM   598  O O   . GLY A 1 78  ? 7.812   19.277  -3.451  1.00 14.73 ? 88  GLY A O   1 
ATOM   599  N N   . THR A 1 79  ? 6.282   18.905  -1.883  1.00 11.73 ? 89  THR A N   1 
ATOM   600  C CA  . THR A 1 79  ? 7.332   18.930  -0.835  1.00 11.63 ? 89  THR A CA  1 
ATOM   601  C C   . THR A 1 79  ? 8.108   17.612  -0.877  1.00 11.86 ? 89  THR A C   1 
ATOM   602  O O   . THR A 1 79  ? 7.687   16.670  -1.537  1.00 11.59 ? 89  THR A O   1 
ATOM   603  C CB  . THR A 1 79  ? 6.681   19.006  0.550   1.00 11.30 ? 89  THR A CB  1 
ATOM   604  O OG1 . THR A 1 79  ? 5.928   17.777  0.862   1.00 12.03 ? 89  THR A OG1 1 
ATOM   605  C CG2 . THR A 1 79  ? 5.650   20.262  0.597   1.00 10.46 ? 89  THR A CG2 1 
ATOM   606  N N   . SER A 1 80  ? 9.270   17.550  -0.201  1.00 11.80 ? 90  SER A N   1 
ATOM   607  C CA  . SER A 1 80  ? 10.011  16.300  -0.183  1.00 12.56 ? 90  SER A CA  1 
ATOM   608  C C   . SER A 1 80  ? 9.221   15.176  0.409   1.00 12.37 ? 90  SER A C   1 
ATOM   609  O O   . SER A 1 80  ? 9.193   14.090  -0.177  1.00 11.86 ? 90  SER A O   1 
ATOM   610  C CB  . SER A 1 80  ? 11.391  16.472  0.484   1.00 19.16 ? 90  SER A CB  1 
ATOM   611  O OG  . SER A 1 80  ? 11.078  16.874  1.751   1.00 26.83 ? 90  SER A OG  1 
ATOM   612  N N   . CYS A 1 81  ? 8.472   15.431  1.482   1.00 11.52 ? 91  CYS A N   1 
ATOM   613  C CA  . CYS A 1 81  ? 7.632   14.376  2.010   1.00 11.79 ? 91  CYS A CA  1 
ATOM   614  C C   . CYS A 1 81  ? 6.601   13.934  0.992   1.00 11.83 ? 91  CYS A C   1 
ATOM   615  O O   . CYS A 1 81  ? 6.409   12.715  0.831   1.00 11.88 ? 91  CYS A O   1 
ATOM   616  C CB  . CYS A 1 81  ? 6.879   14.855  3.244   1.00 11.81 ? 91  CYS A CB  1 
ATOM   617  S SG  . CYS A 1 81  ? 7.855   14.690  4.792   1.00 12.76 ? 91  CYS A SG  1 
ATOM   618  N N   . GLU A 1 82  ? 5.931   14.868  0.324   1.00 10.87 ? 92  GLU A N   1 
ATOM   619  C CA  . GLU A 1 82  ? 4.910   14.424  -0.663  1.00 11.48 ? 92  GLU A CA  1 
ATOM   620  C C   . GLU A 1 82  ? 5.529   13.585  -1.780  1.00 12.56 ? 92  GLU A C   1 
ATOM   621  O O   . GLU A 1 82  ? 4.952   12.543  -2.130  1.00 11.21 ? 92  GLU A O   1 
ATOM   622  C CB  . GLU A 1 82  ? 4.236   15.652  -1.257  1.00 11.83 ? 92  GLU A CB  1 
ATOM   623  C CG  . GLU A 1 82  ? 3.306   16.227  -0.190  1.00 11.01 ? 92  GLU A CG  1 
ATOM   624  C CD  . GLU A 1 82  ? 2.908   17.696  -0.363  1.00 12.00 ? 92  GLU A CD  1 
ATOM   625  O OE1 . GLU A 1 82  ? 3.364   18.343  -1.293  1.00 13.65 ? 92  GLU A OE1 1 
ATOM   626  O OE2 . GLU A 1 82  ? 2.112   18.163  0.503   1.00 13.05 ? 92  GLU A OE2 1 
ATOM   627  N N   . ASN A 1 83  ? 6.707   14.000  -2.254  1.00 11.81 ? 93  ASN A N   1 
ATOM   628  C CA  . ASN A 1 83  ? 7.387   13.238  -3.332  1.00 12.37 ? 93  ASN A CA  1 
ATOM   629  C C   . ASN A 1 83  ? 7.697   11.817  -2.894  1.00 12.20 ? 93  ASN A C   1 
ATOM   630  O O   . ASN A 1 83  ? 7.409   10.846  -3.620  1.00 11.44 ? 93  ASN A O   1 
ATOM   631  C CB  . ASN A 1 83  ? 8.672   13.904  -3.678  1.00 13.56 ? 93  ASN A CB  1 
ATOM   632  C CG  . ASN A 1 83  ? 8.487   15.312  -4.267  1.00 15.69 ? 93  ASN A CG  1 
ATOM   633  O OD1 . ASN A 1 83  ? 7.401   15.708  -4.641  1.00 17.63 ? 93  ASN A OD1 1 
ATOM   634  N ND2 . ASN A 1 83  ? 9.597   16.084  -4.270  1.00 20.13 ? 93  ASN A ND2 1 
ATOM   635  N N   . ARG A 1 84  ? 8.240   11.697  -1.678  1.00 11.75 ? 94  ARG A N   1 
ATOM   636  C CA  . ARG A 1 84  ? 8.608   10.414  -1.148  1.00 11.70 ? 94  ARG A CA  1 
ATOM   637  C C   . ARG A 1 84  ? 7.379   9.553   -0.853  1.00 11.98 ? 94  ARG A C   1 
ATOM   638  O O   . ARG A 1 84  ? 7.369   8.316   -1.089  1.00 12.72 ? 94  ARG A O   1 
ATOM   639  C CB  . ARG A 1 84  ? 9.448   10.589  0.087   1.00 12.15 ? 94  ARG A CB  1 
ATOM   640  C CG  . ARG A 1 84  ? 10.818  11.184  -0.375  1.00 13.12 ? 94  ARG A CG  1 
ATOM   641  C CD  . ARG A 1 84  ? 11.471  11.782  0.851   1.00 18.02 ? 94  ARG A CD  1 
ATOM   642  N NE  . ARG A 1 84  ? 12.342  10.814  1.435   1.00 22.36 ? 94  ARG A NE  1 
ATOM   643  C CZ  . ARG A 1 84  ? 13.013  10.944  2.604   1.00 29.55 ? 94  ARG A CZ  1 
ATOM   644  N NH1 . ARG A 1 84  ? 12.790  12.017  3.424   1.00 28.21 ? 94  ARG A NH1 1 
ATOM   645  N NH2 . ARG A 1 84  ? 13.882  9.947   2.960   1.00 23.93 ? 94  ARG A NH2 1 
ATOM   646  N N   . ILE A 1 85  ? 6.370   10.161  -0.270  1.00 11.06 ? 95  ILE A N   1 
ATOM   647  C CA  . ILE A 1 85  ? 5.130   9.396   0.005   1.00 10.13 ? 95  ILE A CA  1 
ATOM   648  C C   . ILE A 1 85  ? 4.510   8.917   -1.308  1.00 10.63 ? 95  ILE A C   1 
ATOM   649  O O   . ILE A 1 85  ? 4.106   7.721   -1.461  1.00 11.03 ? 95  ILE A O   1 
ATOM   650  C CB  . ILE A 1 85  ? 4.105   10.324  0.706   1.00 10.61 ? 95  ILE A CB  1 
ATOM   651  C CG1 . ILE A 1 85  ? 4.566   10.581  2.153   1.00 10.68 ? 95  ILE A CG1 1 
ATOM   652  C CG2 . ILE A 1 85  ? 2.762   9.561   0.780   1.00 11.47 ? 95  ILE A CG2 1 
ATOM   653  C CD1 . ILE A 1 85  ? 3.857   11.860  2.684   1.00 10.95 ? 95  ILE A CD1 1 
ATOM   654  N N   . CYS A 1 86  ? 4.493   9.780   -2.298  1.00 9.84  ? 96  CYS A N   1 
ATOM   655  C CA  . CYS A 1 86  ? 3.943   9.410   -3.620  1.00 10.52 ? 96  CYS A CA  1 
ATOM   656  C C   . CYS A 1 86  ? 4.711   8.192   -4.186  1.00 10.84 ? 96  CYS A C   1 
ATOM   657  O O   . CYS A 1 86  ? 4.080   7.261   -4.680  1.00 11.25 ? 96  CYS A O   1 
ATOM   658  C CB  . CYS A 1 86  ? 4.035   10.601  -4.588  1.00 11.29 ? 96  CYS A CB  1 
ATOM   659  S SG  . CYS A 1 86  ? 3.273   10.233  -6.188  1.00 12.92 ? 96  CYS A SG  1 
ATOM   660  N N   . GLU A 1 87  ? 6.046   8.206   -4.114  1.00 9.90  ? 97  GLU A N   1 
ATOM   661  C CA  . GLU A 1 87  ? 6.793   7.109   -4.714  1.00 9.87  ? 97  GLU A CA  1 
ATOM   662  C C   . GLU A 1 87  ? 6.484   5.863   -3.948  1.00 10.27 ? 97  GLU A C   1 
ATOM   663  O O   . GLU A 1 87  ? 6.423   4.790   -4.552  1.00 11.09 ? 97  GLU A O   1 
ATOM   664  C CB  . GLU A 1 87  ? 8.307   7.406   -4.650  1.00 11.34 ? 97  GLU A CB  1 
ATOM   665  C CG  . GLU A 1 87  ? 8.649   8.530   -5.649  1.00 12.48 ? 97  GLU A CG  1 
ATOM   666  C CD  . GLU A 1 87  ? 8.493   8.167   -7.102  1.00 15.31 ? 97  GLU A CD  1 
ATOM   667  O OE1 . GLU A 1 87  ? 8.449   6.979   -7.487  1.00 17.23 ? 97  GLU A OE1 1 
ATOM   668  O OE2 . GLU A 1 87  ? 8.322   9.096   -7.896  1.00 16.14 ? 97  GLU A OE2 1 
ATOM   669  N N   . CYS A 1 88  ? 6.310   5.925   -2.629  1.00 9.63  ? 98  CYS A N   1 
ATOM   670  C CA  . CYS A 1 88  ? 5.893   4.730   -1.882  1.00 10.59 ? 98  CYS A CA  1 
ATOM   671  C C   . CYS A 1 88  ? 4.551   4.149   -2.380  1.00 10.32 ? 98  CYS A C   1 
ATOM   672  O O   . CYS A 1 88  ? 4.401   2.916   -2.509  1.00 10.43 ? 98  CYS A O   1 
ATOM   673  C CB  . CYS A 1 88  ? 5.746   4.980   -0.376  1.00 11.00 ? 98  CYS A CB  1 
ATOM   674  S SG  . CYS A 1 88  ? 7.337   5.357   0.452   1.00 12.43 ? 98  CYS A SG  1 
ATOM   675  N N   . ASP A 1 89  ? 3.589   5.046   -2.529  1.00 10.39 ? 99  ASP A N   1 
ATOM   676  C CA  . ASP A 1 89  ? 2.249   4.622   -2.888  1.00 10.12 ? 99  ASP A CA  1 
ATOM   677  C C   . ASP A 1 89  ? 2.213   4.131   -4.328  1.00 11.11 ? 99  ASP A C   1 
ATOM   678  O O   . ASP A 1 89  ? 1.604   3.073   -4.582  1.00 10.42 ? 99  ASP A O   1 
ATOM   679  C CB  . ASP A 1 89  ? 1.316   5.797   -2.748  1.00 11.09 ? 99  ASP A CB  1 
ATOM   680  C CG  . ASP A 1 89  ? 0.945   6.055   -1.303  1.00 11.31 ? 99  ASP A CG  1 
ATOM   681  O OD1 . ASP A 1 89  ? 1.490   5.427   -0.375  1.00 11.82 ? 99  ASP A OD1 1 
ATOM   682  O OD2 . ASP A 1 89  ? 0.163   7.042   -1.110  1.00 11.14 ? 99  ASP A OD2 1 
ATOM   683  N N   . LYS A 1 90  ? 2.902   4.835   -5.237  1.00 11.50 ? 100 LYS A N   1 
ATOM   684  C CA  . LYS A 1 90  ? 3.031   4.404   -6.652  1.00 10.10 ? 100 LYS A CA  1 
ATOM   685  C C   . LYS A 1 90  ? 3.597   2.940   -6.657  1.00 9.87  ? 100 LYS A C   1 
ATOM   686  O O   . LYS A 1 90  ? 3.097   2.082   -7.382  1.00 10.95 ? 100 LYS A O   1 
ATOM   687  C CB  . LYS A 1 90  ? 4.026   5.314   -7.339  1.00 10.63 ? 100 LYS A CB  1 
ATOM   688  C CG  . LYS A 1 90  ? 4.357   4.833   -8.781  1.00 10.12 ? 100 LYS A CG  1 
ATOM   689  C CD  . LYS A 1 90  ? 5.356   5.793   -9.439  1.00 10.46 ? 100 LYS A CD  1 
ATOM   690  C CE  . LYS A 1 90  ? 5.797   5.163   -10.749 1.00 11.94 ? 100 LYS A CE  1 
ATOM   691  N NZ  . LYS A 1 90  ? 6.723   6.084   -11.540 1.00 12.50 ? 100 LYS A NZ  1 
ATOM   692  N N   . ALA A 1 91  ? 4.669   2.700   -5.896  1.00 9.89  ? 101 ALA A N   1 
ATOM   693  C CA  . ALA A 1 91  ? 5.294   1.364   -5.912  1.00 11.05 ? 101 ALA A CA  1 
ATOM   694  C C   . ALA A 1 91  ? 4.246   0.338   -5.416  1.00 10.28 ? 101 ALA A C   1 
ATOM   695  O O   . ALA A 1 91  ? 4.117   -0.744  -5.959  1.00 11.03 ? 101 ALA A O   1 
ATOM   696  C CB  . ALA A 1 91  ? 6.493   1.344   -4.980  1.00 10.34 ? 101 ALA A CB  1 
ATOM   697  N N   . ALA A 1 92  ? 3.529   0.631   -4.332  1.00 9.18  ? 102 ALA A N   1 
ATOM   698  C CA  . ALA A 1 92  ? 2.575   -0.358  -3.802  1.00 9.70  ? 102 ALA A CA  1 
ATOM   699  C C   . ALA A 1 92  ? 1.464   -0.611  -4.825  1.00 10.29 ? 102 ALA A C   1 
ATOM   700  O O   . ALA A 1 92  ? 1.097   -1.745  -5.014  1.00 11.56 ? 102 ALA A O   1 
ATOM   701  C CB  . ALA A 1 92  ? 1.948   0.175   -2.502  1.00 9.14  ? 102 ALA A CB  1 
ATOM   702  N N   . ALA A 1 93  ? 0.963   0.437   -5.517  1.00 11.41 ? 103 ALA A N   1 
ATOM   703  C CA  . ALA A 1 93  ? -0.098  0.238   -6.481  1.00 11.88 ? 103 ALA A CA  1 
ATOM   704  C C   . ALA A 1 93  ? 0.411   -0.627  -7.626  1.00 11.99 ? 103 ALA A C   1 
ATOM   705  O O   . ALA A 1 93  ? -0.307  -1.549  -8.089  1.00 11.88 ? 103 ALA A O   1 
ATOM   706  C CB  . ALA A 1 93  ? -0.627  1.559   -7.008  1.00 11.40 ? 103 ALA A CB  1 
ATOM   707  N N   . ILE A 1 94  ? 1.623   -0.354  -8.109  1.00 11.38 ? 104 ILE A N   1 
ATOM   708  C CA  . ILE A 1 94  ? 2.220   -1.210  -9.159  1.00 11.33 ? 104 ILE A CA  1 
ATOM   709  C C   . ILE A 1 94  ? 2.399   -2.620  -8.594  1.00 11.30 ? 104 ILE A C   1 
ATOM   710  O O   . ILE A 1 94  ? 2.086   -3.630  -9.301  1.00 13.01 ? 104 ILE A O   1 
ATOM   711  C CB  . ILE A 1 94  ? 3.544   -0.615  -9.603  1.00 12.80 ? 104 ILE A CB  1 
ATOM   712  C CG1 . ILE A 1 94  ? 3.219   0.682   -10.418 1.00 13.11 ? 104 ILE A CG1 1 
ATOM   713  C CG2 . ILE A 1 94  ? 4.351   -1.648  -10.416 1.00 13.25 ? 104 ILE A CG2 1 
ATOM   714  C CD1 . ILE A 1 94  ? 4.423   1.578   -10.650 1.00 14.88 ? 104 ILE A CD1 1 
ATOM   715  N N   . CYS A 1 95  ? 2.897   -2.748  -7.378  1.00 11.51 ? 105 CYS A N   1 
ATOM   716  C CA  . CYS A 1 95  ? 3.131   -4.073  -6.819  1.00 12.75 ? 105 CYS A CA  1 
ATOM   717  C C   . CYS A 1 95  ? 1.776   -4.832  -6.774  1.00 12.66 ? 105 CYS A C   1 
ATOM   718  O O   . CYS A 1 95  ? 1.700   -6.060  -7.093  1.00 11.47 ? 105 CYS A O   1 
ATOM   719  C CB  . CYS A 1 95  ? 3.753   -3.925  -5.472  1.00 11.22 ? 105 CYS A CB  1 
ATOM   720  S SG  . CYS A 1 95  ? 4.338   -5.451  -4.766  1.00 13.94 ? 105 CYS A SG  1 
ATOM   721  N N   . PHE A 1 96  ? 0.718   -4.121  -6.315  1.00 12.30 ? 106 PHE A N   1 
ATOM   722  C CA  . PHE A 1 96  ? -0.581  -4.813  -6.248  1.00 11.44 ? 106 PHE A CA  1 
ATOM   723  C C   . PHE A 1 96  ? -1.019  -5.267  -7.630  1.00 12.74 ? 106 PHE A C   1 
ATOM   724  O O   . PHE A 1 96  ? -1.467  -6.401  -7.799  1.00 12.75 ? 106 PHE A O   1 
ATOM   725  C CB  . PHE A 1 96  ? -1.665  -3.864  -5.697  1.00 11.15 ? 106 PHE A CB  1 
ATOM   726  C CG  . PHE A 1 96  ? -1.493  -3.542  -4.246  1.00 10.87 ? 106 PHE A CG  1 
ATOM   727  C CD1 . PHE A 1 96  ? -0.853  -4.382  -3.362  1.00 12.16 ? 106 PHE A CD1 1 
ATOM   728  C CD2 . PHE A 1 96  ? -2.042  -2.350  -3.784  1.00 12.28 ? 106 PHE A CD2 1 
ATOM   729  C CE1 . PHE A 1 96  ? -0.835  -4.058  -1.999  1.00 13.57 ? 106 PHE A CE1 1 
ATOM   730  C CE2 . PHE A 1 96  ? -1.945  -1.961  -2.461  1.00 13.30 ? 106 PHE A CE2 1 
ATOM   731  C CZ  . PHE A 1 96  ? -1.367  -2.815  -1.544  1.00 12.29 ? 106 PHE A CZ  1 
ATOM   732  N N   . ARG A 1 97  ? -0.824  -4.441  -8.643  1.00 13.19 ? 107 ARG A N   1 
ATOM   733  C CA  . ARG A 1 97  ? -1.219  -4.792  -10.009 1.00 14.79 ? 107 ARG A CA  1 
ATOM   734  C C   . ARG A 1 97  ? -0.410  -5.992  -10.509 1.00 16.39 ? 107 ARG A C   1 
ATOM   735  O O   . ARG A 1 97  ? -0.964  -6.947  -11.157 1.00 15.48 ? 107 ARG A O   1 
ATOM   736  C CB  . ARG A 1 97  ? -0.983  -3.572  -10.895 1.00 15.61 ? 107 ARG A CB  1 
ATOM   737  C CG  . ARG A 1 97  ? -1.320  -3.827  -12.386 1.00 15.31 ? 107 ARG A CG  1 
ATOM   738  C CD  . ARG A 1 97  ? -2.793  -4.049  -12.515 1.00 17.93 ? 107 ARG A CD  1 
ATOM   739  N NE  . ARG A 1 97  ? -3.016  -4.420  -13.935 1.00 25.50 ? 107 ARG A NE  1 
ATOM   740  C CZ  . ARG A 1 97  ? -3.000  -5.682  -14.359 1.00 26.85 ? 107 ARG A CZ  1 
ATOM   741  N NH1 . ARG A 1 97  ? -3.224  -5.987  -15.637 1.00 30.01 ? 107 ARG A NH1 1 
ATOM   742  N NH2 . ARG A 1 97  ? -2.734  -6.666  -13.521 1.00 24.23 ? 107 ARG A NH2 1 
ATOM   743  N N   . GLN A 1 98  ? 0.866   -5.994  -10.228 1.00 14.11 ? 108 GLN A N   1 
ATOM   744  C CA  . GLN A 1 98  ? 1.750   -7.101  -10.632 1.00 14.85 ? 108 GLN A CA  1 
ATOM   745  C C   . GLN A 1 98  ? 1.382   -8.401  -9.942  1.00 15.25 ? 108 GLN A C   1 
ATOM   746  O O   . GLN A 1 98  ? 1.747   -9.503  -10.433 1.00 17.17 ? 108 GLN A O   1 
ATOM   747  C CB  . GLN A 1 98  ? 3.198   -6.714  -10.325 1.00 15.84 ? 108 GLN A CB  1 
ATOM   748  C CG  . GLN A 1 98  ? 4.272   -7.648  -10.859 1.00 20.60 ? 108 GLN A CG  1 
ATOM   749  C CD  . GLN A 1 98  ? 5.504   -6.801  -11.240 1.00 25.34 ? 108 GLN A CD  1 
ATOM   750  O OE1 . GLN A 1 98  ? 5.938   -6.743  -12.429 1.00 30.55 ? 108 GLN A OE1 1 
ATOM   751  N NE2 . GLN A 1 98  ? 5.988   -6.052  -10.302 1.00 17.04 ? 108 GLN A NE2 1 
ATOM   752  N N   . ASN A 1 99  ? 0.667   -8.332  -8.815  1.00 13.87 ? 109 ASN A N   1 
ATOM   753  C CA  . ASN A 1 99  ? 0.388   -9.581  -8.064  1.00 13.71 ? 109 ASN A CA  1 
ATOM   754  C C   . ASN A 1 99  ? -1.069  -9.922  -7.958  1.00 13.62 ? 109 ASN A C   1 
ATOM   755  O O   . ASN A 1 99  ? -1.444  -10.759 -7.143  1.00 14.34 ? 109 ASN A O   1 
ATOM   756  C CB  . ASN A 1 99  ? 1.048   -9.476  -6.709  1.00 14.22 ? 109 ASN A CB  1 
ATOM   757  C CG  . ASN A 1 99  ? 2.513   -9.536  -6.878  1.00 14.46 ? 109 ASN A CG  1 
ATOM   758  O OD1 . ASN A 1 99  ? 3.070   -10.583 -7.307  1.00 15.18 ? 109 ASN A OD1 1 
ATOM   759  N ND2 . ASN A 1 99  ? 3.195   -8.407  -6.682  1.00 13.24 ? 109 ASN A ND2 1 
ATOM   760  N N   . LEU A 1 100 ? -1.873  -9.263  -8.806  1.00 13.70 ? 110 LEU A N   1 
ATOM   761  C CA  . LEU A 1 100 ? -3.345  -9.555  -8.768  1.00 15.17 ? 110 LEU A CA  1 
ATOM   762  C C   . LEU A 1 100 ? -3.546  -11.020 -9.140  1.00 16.23 ? 110 LEU A C   1 
ATOM   763  O O   . LEU A 1 100 ? -4.529  -11.621 -8.750  1.00 18.42 ? 110 LEU A O   1 
ATOM   764  C CB  . LEU A 1 100 ? -4.090  -8.768  -9.782  1.00 16.60 ? 110 LEU A CB  1 
ATOM   765  C CG  . LEU A 1 100 ? -4.444  -7.350  -9.406  1.00 18.39 ? 110 LEU A CG  1 
ATOM   766  C CD1 . LEU A 1 100 ? -5.011  -6.582  -10.621 1.00 18.70 ? 110 LEU A CD1 1 
ATOM   767  C CD2 . LEU A 1 100 ? -5.487  -7.395  -8.275  1.00 17.35 ? 110 LEU A CD2 1 
ATOM   768  N N   . ASN A 1 101 ? -2.616  -11.563 -9.917  1.00 17.68 ? 111 ASN A N   1 
ATOM   769  C CA  . ASN A 1 101 ? -2.720  -12.965 -10.356 1.00 21.45 ? 111 ASN A CA  1 
ATOM   770  C C   . ASN A 1 101 ? -2.635  -13.954 -9.204  1.00 19.56 ? 111 ASN A C   1 
ATOM   771  O O   . ASN A 1 101 ? -3.036  -15.143 -9.347  1.00 23.51 ? 111 ASN A O   1 
ATOM   772  C CB  . ASN A 1 101 ? -1.673  -13.280 -11.466 1.00 23.80 ? 111 ASN A CB  1 
ATOM   773  C CG  . ASN A 1 101 ? -0.188  -13.352 -10.938 1.00 25.80 ? 111 ASN A CG  1 
ATOM   774  O OD1 . ASN A 1 101 ? 0.596   -14.249 -11.321 1.00 35.63 ? 111 ASN A OD1 1 
ATOM   775  N ND2 . ASN A 1 101 ? 0.209   -12.392 -10.083 1.00 25.13 ? 111 ASN A ND2 1 
ATOM   776  N N   . THR A 1 102 ? -2.149  -13.521 -8.048  1.00 18.12 ? 112 THR A N   1 
ATOM   777  C CA  . THR A 1 102 ? -2.101  -14.431 -6.887  1.00 15.74 ? 112 THR A CA  1 
ATOM   778  C C   . THR A 1 102 ? -2.828  -13.901 -5.682  1.00 16.24 ? 112 THR A C   1 
ATOM   779  O O   . THR A 1 102 ? -2.789  -14.507 -4.633  1.00 18.11 ? 112 THR A O   1 
ATOM   780  C CB  . THR A 1 102 ? -0.716  -14.788 -6.411  1.00 18.18 ? 112 THR A CB  1 
ATOM   781  O OG1 . THR A 1 102 ? 0.027   -13.590 -6.084  1.00 19.69 ? 112 THR A OG1 1 
ATOM   782  C CG2 . THR A 1 102 ? 0.015   -15.638 -7.495  1.00 17.89 ? 112 THR A CG2 1 
ATOM   783  N N   . TYR A 1 103 ? -3.487  -12.779 -5.848  1.00 14.93 ? 113 TYR A N   1 
ATOM   784  C CA  . TYR A 1 103 ? -4.299  -12.191 -4.780  1.00 15.43 ? 113 TYR A CA  1 
ATOM   785  C C   . TYR A 1 103 ? -5.278  -13.292 -4.340  1.00 16.69 ? 113 TYR A C   1 
ATOM   786  O O   . TYR A 1 103 ? -5.927  -13.925 -5.204  1.00 18.67 ? 113 TYR A O   1 
ATOM   787  C CB  . TYR A 1 103 ? -5.065  -10.993 -5.379  1.00 13.72 ? 113 TYR A CB  1 
ATOM   788  C CG  . TYR A 1 103 ? -5.933  -10.344 -4.358  1.00 15.55 ? 113 TYR A CG  1 
ATOM   789  C CD1 . TYR A 1 103 ? -7.186  -10.927 -4.025  1.00 15.85 ? 113 TYR A CD1 1 
ATOM   790  C CD2 . TYR A 1 103 ? -5.541  -9.168  -3.734  1.00 13.10 ? 113 TYR A CD2 1 
ATOM   791  C CE1 . TYR A 1 103 ? -8.006  -10.364 -3.059  1.00 20.03 ? 113 TYR A CE1 1 
ATOM   792  C CE2 . TYR A 1 103 ? -6.382  -8.560  -2.773  1.00 17.58 ? 113 TYR A CE2 1 
ATOM   793  C CZ  . TYR A 1 103 ? -7.581  -9.181  -2.404  1.00 16.73 ? 113 TYR A CZ  1 
ATOM   794  O OH  . TYR A 1 103 ? -8.418  -8.603  -1.472  1.00 15.91 ? 113 TYR A OH  1 
ATOM   795  N N   . SER A 1 104 ? -5.449  -13.469 -3.021  1.00 16.89 ? 114 SER A N   1 
ATOM   796  C CA  . SER A 1 104 ? -6.411  -14.437 -2.605  1.00 18.69 ? 114 SER A CA  1 
ATOM   797  C C   . SER A 1 104 ? -7.351  -13.880 -1.539  1.00 20.62 ? 114 SER A C   1 
ATOM   798  O O   . SER A 1 104 ? -6.924  -13.422 -0.464  1.00 16.79 ? 114 SER A O   1 
ATOM   799  C CB  . SER A 1 104 ? -5.707  -15.707 -2.183  1.00 22.19 ? 114 SER A CB  1 
ATOM   800  O OG  . SER A 1 104 ? -6.753  -16.532 -1.650  1.00 32.67 ? 114 SER A OG  1 
ATOM   801  N N   . LYS A 1 105 ? -8.650  -13.999 -1.761  1.00 21.46 ? 115 LYS A N   1 
ATOM   802  C CA  . LYS A 1 105 ? -9.643  -13.477 -0.824  1.00 20.79 ? 115 LYS A CA  1 
ATOM   803  C C   . LYS A 1 105 ? -9.538  -14.118 0.549   1.00 20.49 ? 115 LYS A C   1 
ATOM   804  O O   . LYS A 1 105 ? -9.973  -13.571 1.509   1.00 23.47 ? 115 LYS A O   1 
ATOM   805  C CB  . LYS A 1 105 ? -11.065 -13.712 -1.336  1.00 24.57 ? 115 LYS A CB  1 
ATOM   806  C CG  . LYS A 1 105 ? -11.434 -12.773 -2.427  1.00 29.68 ? 115 LYS A CG  1 
ATOM   807  C CD  . LYS A 1 105 ? -12.639 -13.236 -3.209  1.00 34.65 ? 115 LYS A CD  1 
ATOM   808  C CE  . LYS A 1 105 ? -13.226 -12.068 -3.920  1.00 40.34 ? 115 LYS A CE  1 
ATOM   809  N NZ  . LYS A 1 105 ? -14.571 -11.794 -3.411  1.00 49.74 ? 115 LYS A NZ  1 
ATOM   810  N N   . LYS A 1 106 ? -8.993  -15.293 0.607   1.00 19.60 ? 116 LYS A N   1 
ATOM   811  C CA  . LYS A 1 106 ? -8.822  -15.986 1.874   1.00 22.73 ? 116 LYS A CA  1 
ATOM   812  C C   . LYS A 1 106 ? -7.952  -15.212 2.864   1.00 25.97 ? 116 LYS A C   1 
ATOM   813  O O   . LYS A 1 106 ? -8.025  -15.501 4.051   1.00 24.19 ? 116 LYS A O   1 
ATOM   814  C CB  . LYS A 1 106 ? -8.297  -17.420 1.706   1.00 26.06 ? 116 LYS A CB  1 
ATOM   815  C CG  . LYS A 1 106 ? -6.767  -17.589 1.740   1.00 30.72 ? 116 LYS A CG  1 
ATOM   816  C CD  . LYS A 1 106 ? -6.241  -18.954 1.371   1.00 38.08 ? 116 LYS A CD  1 
ATOM   817  C CE  . LYS A 1 106 ? -5.002  -18.750 0.503   1.00 36.59 ? 116 LYS A CE  1 
ATOM   818  N NZ  . LYS A 1 106 ? -4.371  -20.048 0.132   1.00 39.03 ? 116 LYS A NZ  1 
ATOM   819  N N   . TYR A 1 107 ? -7.146  -14.224 2.382   1.00 19.76 ? 117 TYR A N   1 
ATOM   820  C CA  . TYR A 1 107 ? -6.290  -13.482 3.294   1.00 18.43 ? 117 TYR A CA  1 
ATOM   821  C C   . TYR A 1 107 ? -6.965  -12.175 3.721   1.00 17.67 ? 117 TYR A C   1 
ATOM   822  O O   . TYR A 1 107 ? -6.371  -11.392 4.440   1.00 19.04 ? 117 TYR A O   1 
ATOM   823  C CB  . TYR A 1 107 ? -4.969  -13.176 2.615   1.00 17.00 ? 117 TYR A CB  1 
ATOM   824  C CG  . TYR A 1 107 ? -4.121  -14.398 2.460   1.00 18.64 ? 117 TYR A CG  1 
ATOM   825  C CD1 . TYR A 1 107 ? -3.869  -15.213 3.568   1.00 19.25 ? 117 TYR A CD1 1 
ATOM   826  C CD2 . TYR A 1 107 ? -3.583  -14.781 1.181   1.00 18.50 ? 117 TYR A CD2 1 
ATOM   827  C CE1 . TYR A 1 107 ? -3.055  -16.362 3.468   1.00 20.91 ? 117 TYR A CE1 1 
ATOM   828  C CE2 . TYR A 1 107 ? -2.789  -15.910 1.094   1.00 19.95 ? 117 TYR A CE2 1 
ATOM   829  C CZ  . TYR A 1 107 ? -2.532  -16.681 2.214   1.00 22.11 ? 117 TYR A CZ  1 
ATOM   830  O OH  . TYR A 1 107 ? -1.733  -17.772 2.119   1.00 25.51 ? 117 TYR A OH  1 
ATOM   831  N N   . MET A 1 108 ? -8.172  -11.893 3.263   1.00 17.28 ? 118 MET A N   1 
ATOM   832  C CA  . MET A 1 108 ? -8.840  -10.643 3.693   1.00 17.54 ? 118 MET A CA  1 
ATOM   833  C C   . MET A 1 108 ? -9.256  -10.937 5.150   1.00 17.86 ? 118 MET A C   1 
ATOM   834  O O   . MET A 1 108 ? -9.679  -12.059 5.462   1.00 21.09 ? 118 MET A O   1 
ATOM   835  C CB  . MET A 1 108 ? -10.109 -10.458 2.839   1.00 19.27 ? 118 MET A CB  1 
ATOM   836  C CG  . MET A 1 108 ? -9.769  -9.832  1.487   1.00 19.58 ? 118 MET A CG  1 
ATOM   837  S SD  . MET A 1 108 ? -11.173 -10.016 0.339   1.00 25.33 ? 118 MET A SD  1 
ATOM   838  C CE  . MET A 1 108 ? -12.045 -8.609  0.879   1.00 20.36 ? 118 MET A CE  1 
ATOM   839  N N   . LEU A 1 109 ? -9.251  -9.912  5.962   1.00 19.93 ? 119 LEU A N   1 
ATOM   840  C CA  . LEU A 1 109 ? -9.559  -10.070 7.413   1.00 22.11 ? 119 LEU A CA  1 
ATOM   841  C C   . LEU A 1 109 ? -8.729  -11.139 8.041   1.00 22.89 ? 119 LEU A C   1 
ATOM   842  O O   . LEU A 1 109 ? -9.184  -11.929 8.903   1.00 22.03 ? 119 LEU A O   1 
ATOM   843  C CB  . LEU A 1 109 ? -11.071 -10.299 7.700   1.00 21.76 ? 119 LEU A CB  1 
ATOM   844  C CG  . LEU A 1 109 ? -12.008 -9.210  7.171   1.00 25.00 ? 119 LEU A CG  1 
ATOM   845  C CD1 . LEU A 1 109 ? -13.468 -9.654  7.326   1.00 23.04 ? 119 LEU A CD1 1 
ATOM   846  C CD2 . LEU A 1 109 ? -11.763 -7.911  7.898   1.00 26.58 ? 119 LEU A CD2 1 
ATOM   847  N N   . TYR A 1 110 ? -7.453  -11.194 7.681   1.00 20.21 ? 120 TYR A N   1 
ATOM   848  C CA  . TYR A 1 110 ? -6.629  -12.223 8.210   1.00 18.35 ? 120 TYR A CA  1 
ATOM   849  C C   . TYR A 1 110 ? -6.348  -11.905 9.698   1.00 18.57 ? 120 TYR A C   1 
ATOM   850  O O   . TYR A 1 110 ? -6.103  -10.728 10.063  1.00 18.42 ? 120 TYR A O   1 
ATOM   851  C CB  . TYR A 1 110 ? -5.280  -12.216 7.420   1.00 17.85 ? 120 TYR A CB  1 
ATOM   852  C CG  . TYR A 1 110 ? -4.477  -13.469 7.687   1.00 18.91 ? 120 TYR A CG  1 
ATOM   853  C CD1 . TYR A 1 110 ? -4.879  -14.731 7.134   1.00 20.01 ? 120 TYR A CD1 1 
ATOM   854  C CD2 . TYR A 1 110 ? -3.243  -13.413 8.401   1.00 19.34 ? 120 TYR A CD2 1 
ATOM   855  C CE1 . TYR A 1 110 ? -4.131  -15.859 7.342   1.00 20.07 ? 120 TYR A CE1 1 
ATOM   856  C CE2 . TYR A 1 110 ? -2.472  -14.552 8.584   1.00 21.19 ? 120 TYR A CE2 1 
ATOM   857  C CZ  . TYR A 1 110 ? -2.919  -15.753 8.070   1.00 22.23 ? 120 TYR A CZ  1 
ATOM   858  O OH  . TYR A 1 110 ? -2.195  -16.886 8.251   1.00 23.37 ? 120 TYR A OH  1 
ATOM   859  N N   . PRO A 1 111 ? -6.430  -12.918 10.581  1.00 17.72 ? 121 PRO A N   1 
ATOM   860  C CA  . PRO A 1 111 ? -6.384  -12.606 12.015  1.00 17.80 ? 121 PRO A CA  1 
ATOM   861  C C   . PRO A 1 111 ? -4.959  -12.383 12.469  1.00 17.53 ? 121 PRO A C   1 
ATOM   862  O O   . PRO A 1 111 ? -4.012  -13.086 12.037  1.00 18.52 ? 121 PRO A O   1 
ATOM   863  C CB  . PRO A 1 111 ? -7.004  -13.869 12.685  1.00 20.81 ? 121 PRO A CB  1 
ATOM   864  C CG  . PRO A 1 111 ? -6.685  -14.964 11.755  1.00 20.58 ? 121 PRO A CG  1 
ATOM   865  C CD  . PRO A 1 111 ? -6.768  -14.343 10.361  1.00 20.09 ? 121 PRO A CD  1 
ATOM   866  N N   . ASP A 1 112 ? -4.836  -11.501 13.425  1.00 15.52 ? 122 ASP A N   1 
ATOM   867  C CA  . ASP A 1 112 ? -3.553  -11.049 13.904  1.00 16.34 ? 122 ASP A CA  1 
ATOM   868  C C   . ASP A 1 112 ? -2.719  -12.196 14.424  1.00 16.25 ? 122 ASP A C   1 
ATOM   869  O O   . ASP A 1 112 ? -1.484  -12.188 14.296  1.00 16.92 ? 122 ASP A O   1 
ATOM   870  C CB  . ASP A 1 112 ? -3.738  -10.058 15.005  1.00 17.27 ? 122 ASP A CB  1 
ATOM   871  C CG  . ASP A 1 112 ? -2.397  -9.602  15.629  1.00 18.42 ? 122 ASP A CG  1 
ATOM   872  O OD1 . ASP A 1 112 ? -1.958  -10.174 16.647  1.00 19.11 ? 122 ASP A OD1 1 
ATOM   873  O OD2 . ASP A 1 112 ? -1.857  -8.656  15.029  1.00 21.50 ? 122 ASP A OD2 1 
ATOM   874  N N   . PHE A 1 113 ? -3.299  -13.278 15.197  1.00 15.72 ? 124 PHE A N   1 
ATOM   875  C CA  . PHE A 1 113 ? -2.464  -14.236 15.905  1.00 17.58 ? 124 PHE A CA  1 
ATOM   876  C C   . PHE A 1 113 ? -1.703  -15.142 14.911  1.00 18.26 ? 124 PHE A C   1 
ATOM   877  O O   . PHE A 1 113 ? -0.721  -15.829 15.327  1.00 22.42 ? 124 PHE A O   1 
ATOM   878  C CB  . PHE A 1 113 ? -3.333  -15.120 16.826  1.00 18.31 ? 124 PHE A CB  1 
ATOM   879  C CG  . PHE A 1 113 ? -4.075  -16.190 16.106  1.00 19.60 ? 124 PHE A CG  1 
ATOM   880  C CD1 . PHE A 1 113 ? -5.231  -15.906 15.394  1.00 18.57 ? 124 PHE A CD1 1 
ATOM   881  C CD2 . PHE A 1 113 ? -3.647  -17.539 16.163  1.00 23.24 ? 124 PHE A CD2 1 
ATOM   882  C CE1 . PHE A 1 113 ? -5.906  -16.865 14.697  1.00 22.08 ? 124 PHE A CE1 1 
ATOM   883  C CE2 . PHE A 1 113 ? -4.338  -18.520 15.471  1.00 23.29 ? 124 PHE A CE2 1 
ATOM   884  C CZ  . PHE A 1 113 ? -5.455  -18.183 14.718  1.00 24.51 ? 124 PHE A CZ  1 
ATOM   885  N N   . LEU A 1 114 ? -2.120  -15.146 13.645  1.00 19.12 ? 125 LEU A N   1 
ATOM   886  C CA  . LEU A 1 114 ? -1.381  -15.875 12.634  1.00 18.17 ? 125 LEU A CA  1 
ATOM   887  C C   . LEU A 1 114 ? -0.168  -15.073 12.065  1.00 19.67 ? 125 LEU A C   1 
ATOM   888  O O   . LEU A 1 114 ? 0.519   -15.573 11.213  1.00 22.42 ? 125 LEU A O   1 
ATOM   889  C CB  . LEU A 1 114 ? -2.323  -16.347 11.541  1.00 19.87 ? 125 LEU A CB  1 
ATOM   890  C CG  . LEU A 1 114 ? -3.319  -17.417 12.044  1.00 22.31 ? 125 LEU A CG  1 
ATOM   891  C CD1 . LEU A 1 114 ? -4.388  -17.754 11.016  1.00 23.23 ? 125 LEU A CD1 1 
ATOM   892  C CD2 . LEU A 1 114 ? -2.605  -18.675 12.559  1.00 24.16 ? 125 LEU A CD2 1 
ATOM   893  N N   . CYS A 1 115 ? 0.142   -13.931 12.652  1.00 19.55 ? 126 CYS A N   1 
ATOM   894  C CA  . CYS A 1 115 ? 1.229   -13.068 12.148  1.00 20.82 ? 126 CYS A CA  1 
ATOM   895  C C   . CYS A 1 115 ? 2.203   -12.885 13.326  1.00 22.06 ? 126 CYS A C   1 
ATOM   896  O O   . CYS A 1 115 ? 1.923   -12.117 14.272  1.00 25.72 ? 126 CYS A O   1 
ATOM   897  C CB  . CYS A 1 115 ? 0.682   -11.751 11.677  1.00 17.29 ? 126 CYS A CB  1 
ATOM   898  S SG  . CYS A 1 115 ? -0.524  -11.907 10.393  1.00 17.26 ? 126 CYS A SG  1 
ATOM   899  N N   . LYS A 1 116 ? 3.298   -13.558 13.266  1.00 24.61 ? 127 LYS A N   1 
ATOM   900  C CA  . LYS A 1 116 ? 4.183   -13.545 14.458  1.00 28.34 ? 127 LYS A CA  1 
ATOM   901  C C   . LYS A 1 116 ? 5.637   -13.333 14.065  1.00 28.16 ? 127 LYS A C   1 
ATOM   902  O O   . LYS A 1 116 ? 6.064   -13.793 13.019  1.00 28.66 ? 127 LYS A O   1 
ATOM   903  C CB  . LYS A 1 116 ? 4.109   -14.870 15.298  1.00 32.54 ? 127 LYS A CB  1 
ATOM   904  C CG  . LYS A 1 116 ? 2.740   -15.258 15.911  1.00 38.30 ? 127 LYS A CG  1 
ATOM   905  C CD  . LYS A 1 116 ? 2.304   -14.199 16.951  1.00 43.27 ? 127 LYS A CD  1 
ATOM   906  C CE  . LYS A 1 116 ? 0.981   -14.506 17.694  1.00 41.63 ? 127 LYS A CE  1 
ATOM   907  N NZ  . LYS A 1 116 ? 0.485   -13.495 18.711  1.00 41.99 ? 127 LYS A NZ  1 
ATOM   908  N N   . GLY A 1 117 ? 6.402   -12.628 14.800  1.00 33.85 ? 128 GLY A N   1 
ATOM   909  C CA  . GLY A 1 117 ? 7.856   -12.484 14.512  1.00 35.45 ? 128 GLY A CA  1 
ATOM   910  C C   . GLY A 1 117 ? 8.091   -11.140 13.858  1.00 40.68 ? 128 GLY A C   1 
ATOM   911  O O   . GLY A 1 117 ? 7.227   -10.673 13.172  1.00 36.09 ? 128 GLY A O   1 
ATOM   912  N N   . GLU A 1 118 ? 9.213   -10.481 14.136  1.00 40.08 ? 129 GLU A N   1 
ATOM   913  C CA  . GLU A 1 118 ? 9.566   -9.236  13.409  1.00 41.70 ? 129 GLU A CA  1 
ATOM   914  C C   . GLU A 1 118 ? 10.337  -9.692  12.189  1.00 39.12 ? 129 GLU A C   1 
ATOM   915  O O   . GLU A 1 118 ? 11.156  -10.642 12.301  1.00 37.59 ? 129 GLU A O   1 
ATOM   916  C CB  . GLU A 1 118 ? 10.479  -8.373  14.260  1.00 53.76 ? 129 GLU A CB  1 
ATOM   917  C CG  . GLU A 1 118 ? 9.744   -7.557  15.303  1.00 67.68 ? 129 GLU A CG  1 
ATOM   918  C CD  . GLU A 1 118 ? 9.545   -6.137  14.819  1.00 80.17 ? 129 GLU A CD  1 
ATOM   919  O OE1 . GLU A 1 118 ? 10.174  -5.232  15.418  1.00 90.50 ? 129 GLU A OE1 1 
ATOM   920  O OE2 . GLU A 1 118 ? 8.798   -5.930  13.826  1.00 79.32 ? 129 GLU A OE2 1 
ATOM   921  N N   . LEU A 1 119 ? 10.037  -9.085  11.027  1.00 33.24 ? 130 LEU A N   1 
ATOM   922  C CA  . LEU A 1 119 ? 10.798  -9.284  9.752   1.00 29.44 ? 130 LEU A CA  1 
ATOM   923  C C   . LEU A 1 119 ? 11.379  -7.889  9.542   1.00 27.85 ? 130 LEU A C   1 
ATOM   924  O O   . LEU A 1 119 ? 10.641  -6.891  9.634   1.00 29.91 ? 130 LEU A O   1 
ATOM   925  C CB  . LEU A 1 119 ? 9.885   -9.602  8.549   1.00 33.01 ? 130 LEU A CB  1 
ATOM   926  C CG  . LEU A 1 119 ? 10.324  -9.800  7.084   1.00 39.86 ? 130 LEU A CG  1 
ATOM   927  C CD1 . LEU A 1 119 ? 11.257  -10.986 6.820   1.00 38.33 ? 130 LEU A CD1 1 
ATOM   928  C CD2 . LEU A 1 119 ? 9.196   -9.874  6.074   1.00 45.69 ? 130 LEU A CD2 1 
ATOM   929  N N   . LYS A 1 120 ? 12.676  -7.789  9.302   1.00 22.18 ? 131 LYS A N   1 
ATOM   930  C CA  . LYS A 1 120 ? 13.286  -6.498  9.199   1.00 20.65 ? 131 LYS A CA  1 
ATOM   931  C C   . LYS A 1 120 ? 13.098  -5.997  7.759   1.00 16.25 ? 131 LYS A C   1 
ATOM   932  O O   . LYS A 1 120 ? 13.166  -6.721  6.790   1.00 16.45 ? 131 LYS A O   1 
ATOM   933  C CB  . LYS A 1 120 ? 14.786  -6.568  9.539   1.00 22.51 ? 131 LYS A CB  1 
ATOM   934  C CG  . LYS A 1 120 ? 15.042  -7.257  10.870  1.00 30.66 ? 131 LYS A CG  1 
ATOM   935  C CD  . LYS A 1 120 ? 16.546  -7.238  11.198  1.00 30.73 ? 131 LYS A CD  1 
ATOM   936  C CE  . LYS A 1 120 ? 16.920  -8.108  12.409  1.00 35.94 ? 131 LYS A CE  1 
ATOM   937  N NZ  . LYS A 1 120 ? 18.288  -7.697  12.825  1.00 30.45 ? 131 LYS A NZ  1 
ATOM   938  N N   . CYS A 1 121 ? 12.869  -4.620  7.753   1.00 17.27 ? 133 CYS A N   1 
ATOM   939  C CA  . CYS A 1 121 ? 12.767  -3.989  6.393   1.00 17.38 ? 133 CYS A CA  1 
ATOM   940  C C   . CYS A 1 121 ? 14.117  -4.015  5.664   1.00 20.88 ? 133 CYS A C   1 
ATOM   941  O O   . CYS A 1 121 ? 14.120  -4.003  4.426   1.00 19.10 ? 133 CYS A O   1 
ATOM   942  C CB  . CYS A 1 121 ? 12.416  -2.531  6.617   1.00 15.71 ? 133 CYS A CB  1 
ATOM   943  S SG  . CYS A 1 121 ? 10.734  -2.367  7.195   1.00 16.88 ? 133 CYS A SG  1 
ATOM   944  O OXT . CYS A 1 121 ? 15.172  -4.033  6.327   1.00 24.00 ? 133 CYS A OXT 1 
ATOM   945  N N   . PHE B 2 1   ? -14.845 3.272   0.260   0.70 44.14 ? 1   PHE B N   1 
ATOM   946  C CA  . PHE B 2 1   ? -13.899 2.221   -0.081  0.70 33.72 ? 1   PHE B CA  1 
ATOM   947  C C   . PHE B 2 1   ? -12.658 2.906   -0.603  0.70 39.73 ? 1   PHE B C   1 
ATOM   948  O O   . PHE B 2 1   ? -12.718 4.100   -0.896  0.70 48.88 ? 1   PHE B O   1 
ATOM   949  C CB  . PHE B 2 1   ? -14.557 1.271   -1.006  0.70 34.53 ? 1   PHE B CB  1 
ATOM   950  C CG  . PHE B 2 1   ? -15.828 0.670   -0.471  0.70 33.50 ? 1   PHE B CG  1 
ATOM   951  C CD1 . PHE B 2 1   ? -15.903 0.243   0.799   0.70 32.52 ? 1   PHE B CD1 1 
ATOM   952  C CD2 . PHE B 2 1   ? -16.958 0.531   -1.289  0.70 35.65 ? 1   PHE B CD2 1 
ATOM   953  C CE1 . PHE B 2 1   ? -17.056 -0.306  1.273   0.70 34.80 ? 1   PHE B CE1 1 
ATOM   954  C CE2 . PHE B 2 1   ? -18.087 -0.053  -0.832  0.70 28.24 ? 1   PHE B CE2 1 
ATOM   955  C CZ  . PHE B 2 1   ? -18.141 -0.455  0.444   0.70 34.15 ? 1   PHE B CZ  1 
ATOM   956  N N   . LEU B 2 2   ? -11.545 2.223   -0.789  0.70 19.58 ? 2   LEU B N   1 
ATOM   957  C CA  . LEU B 2 2   ? -10.537 3.039   -1.379  0.70 32.36 ? 2   LEU B CA  1 
ATOM   958  C C   . LEU B 2 2   ? -10.269 4.449   -0.681  0.70 33.15 ? 2   LEU B C   1 
ATOM   959  O O   . LEU B 2 2   ? -10.166 5.532   -1.334  0.70 38.19 ? 2   LEU B O   1 
ATOM   960  C CB  . LEU B 2 2   ? -10.703 3.111   -2.935  0.70 25.28 ? 2   LEU B CB  1 
ATOM   961  C CG  . LEU B 2 2   ? -11.509 4.348   -3.394  0.70 25.57 ? 2   LEU B CG  1 
ATOM   962  C CD1 . LEU B 2 2   ? -10.773 5.211   -4.346  0.70 23.44 ? 2   LEU B CD1 1 
ATOM   963  C CD2 . LEU B 2 2   ? -12.739 3.906   -4.076  0.70 25.76 ? 2   LEU B CD2 1 
ATOM   964  N N   . ALA B 2 3   ? -10.181 4.392   0.630   0.70 29.32 ? 3   ALA B N   1 
ATOM   965  C CA  . ALA B 2 3   ? -9.138  5.064   1.416   0.70 38.18 ? 3   ALA B CA  1 
ATOM   966  C C   . ALA B 2 3   ? -8.048  4.047   1.543   0.70 33.91 ? 3   ALA B C   1 
ATOM   967  O O   . ALA B 2 3   ? -7.154  3.967   0.740   0.70 39.23 ? 3   ALA B O   1 
ATOM   968  C CB  . ALA B 2 3   ? -9.626  5.560   2.784   0.70 44.17 ? 3   ALA B CB  1 
ATOM   969  N N   . TYR B 2 4   ? -8.224  3.179   2.512   0.70 42.83 ? 4   TYR B N   1 
ATOM   970  C CA  . TYR B 2 4   ? -7.176  2.552   3.341   0.70 41.67 ? 4   TYR B CA  1 
ATOM   971  C C   . TYR B 2 4   ? -6.356  1.483   2.584   0.70 43.44 ? 4   TYR B C   1 
ATOM   972  O O   . TYR B 2 4   ? -6.072  1.641   1.413   0.70 47.39 ? 4   TYR B O   1 
ATOM   973  C CB  . TYR B 2 4   ? -7.723  2.025   4.714   0.70 40.78 ? 4   TYR B CB  1 
ATOM   974  C CG  . TYR B 2 4   ? -8.022  3.080   5.823   0.70 41.35 ? 4   TYR B CG  1 
ATOM   975  C CD1 . TYR B 2 4   ? -7.091  3.356   6.832   0.70 44.64 ? 4   TYR B CD1 1 
ATOM   976  C CD2 . TYR B 2 4   ? -9.198  3.765   5.875   0.70 35.92 ? 4   TYR B CD2 1 
ATOM   977  C CE1 . TYR B 2 4   ? -7.345  4.284   7.859   0.70 39.38 ? 4   TYR B CE1 1 
ATOM   978  C CE2 . TYR B 2 4   ? -9.432  4.711   6.861   0.70 42.18 ? 4   TYR B CE2 1 
ATOM   979  C CZ  . TYR B 2 4   ? -8.503  4.929   7.869   0.70 37.87 ? 4   TYR B CZ  1 
ATOM   980  O OH  . TYR B 2 4   ? -8.697  5.852   8.822   0.70 46.37 ? 4   TYR B OH  1 
ATOM   981  N N   . LYS B 2 5   ? -5.784  0.529   3.277   0.70 43.61 ? 5   LYS B N   1 
ATOM   982  C CA  . LYS B 2 5   ? -4.435  -0.034  3.061   0.70 37.50 ? 5   LYS B CA  1 
ATOM   983  C C   . LYS B 2 5   ? -3.410  0.995   3.507   0.70 41.61 ? 5   LYS B C   1 
ATOM   984  O O   . LYS B 2 5   ? -2.687  0.786   4.492   0.70 47.35 ? 5   LYS B O   1 
ATOM   985  C CB  . LYS B 2 5   ? -4.094  -0.377  1.632   0.70 31.34 ? 5   LYS B CB  1 
ATOM   986  C CG  . LYS B 2 5   ? -2.844  -1.228  1.565   0.70 26.07 ? 5   LYS B CG  1 
ATOM   987  C CD  . LYS B 2 5   ? -1.484  -0.591  1.926   0.70 28.90 ? 5   LYS B CD  1 
ATOM   988  C CE  . LYS B 2 5   ? -0.794  -1.041  3.253   0.70 27.86 ? 5   LYS B CE  1 
ATOM   989  N NZ  . LYS B 2 5   ? 0.778   -1.046  3.179   0.70 16.30 ? 5   LYS B NZ  1 
ATOM   990  O OXT . LYS B 2 5   ? -3.295  2.044   2.852   0.70 45.22 ? 5   LYS B OXT 1 
HETATM 991  C C   . ACT C 3 .   ? -5.264  11.044  -11.194 1.00 46.77 ? 201 ACT A C   1 
HETATM 992  O O   . ACT C 3 .   ? -5.215  9.899   -11.758 1.00 46.18 ? 201 ACT A O   1 
HETATM 993  O OXT . ACT C 3 .   ? -4.256  11.650  -10.695 1.00 43.27 ? 201 ACT A OXT 1 
HETATM 994  C CH3 . ACT C 3 .   ? -6.596  11.736  -11.125 1.00 41.58 ? 201 ACT A CH3 1 
HETATM 995  S S   . SO4 D 4 .   ? -7.545  13.198  1.847   1.00 46.75 ? 202 SO4 A S   1 
HETATM 996  O O1  . SO4 D 4 .   ? -7.576  12.195  2.955   1.00 43.62 ? 202 SO4 A O1  1 
HETATM 997  O O2  . SO4 D 4 .   ? -8.919  13.739  1.612   1.00 48.95 ? 202 SO4 A O2  1 
HETATM 998  O O3  . SO4 D 4 .   ? -6.509  14.231  2.200   1.00 45.50 ? 202 SO4 A O3  1 
HETATM 999  O O4  . SO4 D 4 .   ? -7.178  12.601  0.524   1.00 37.69 ? 202 SO4 A O4  1 
HETATM 1000 S S   . SO4 E 4 .   ? -9.699  -16.222 -4.627  1.00 53.20 ? 203 SO4 A S   1 
HETATM 1001 O O1  . SO4 E 4 .   ? -8.840  -17.138 -3.802  1.00 55.30 ? 203 SO4 A O1  1 
HETATM 1002 O O2  . SO4 E 4 .   ? -11.121 -16.661 -4.460  1.00 55.97 ? 203 SO4 A O2  1 
HETATM 1003 O O3  . SO4 E 4 .   ? -9.601  -14.763 -4.239  1.00 43.43 ? 203 SO4 A O3  1 
HETATM 1004 O O4  . SO4 E 4 .   ? -9.190  -16.423 -6.027  1.00 47.62 ? 203 SO4 A O4  1 
HETATM 1005 O O   . HOH F 5 .   ? 4.993   -1.712  -2.164  1.00 11.27 ? 301 HOH A O   1 
HETATM 1006 O O   . HOH F 5 .   ? -0.386  8.615   0.931   1.00 13.09 ? 302 HOH A O   1 
HETATM 1007 O O   . HOH F 5 .   ? 6.021   0.690   -1.514  1.00 12.65 ? 303 HOH A O   1 
HETATM 1008 O O   . HOH F 5 .   ? 9.559   16.371  7.544   1.00 12.11 ? 304 HOH A O   1 
HETATM 1009 O O   . HOH F 5 .   ? 5.256   16.095  7.486   1.00 12.75 ? 305 HOH A O   1 
HETATM 1010 O O   . HOH F 5 .   ? 6.932   9.051   -10.424 1.00 14.66 ? 306 HOH A O   1 
HETATM 1011 O O   . HOH F 5 .   ? 8.906   3.057   -3.683  1.00 12.16 ? 307 HOH A O   1 
HETATM 1012 O O   . HOH F 5 .   ? 4.166   14.597  5.257   1.00 10.99 ? 308 HOH A O   1 
HETATM 1013 O O   . HOH F 5 .   ? 9.094   17.603  3.158   1.00 14.77 ? 309 HOH A O   1 
HETATM 1014 O O   . HOH F 5 .   ? 2.848   20.053  2.973   1.00 12.60 ? 310 HOH A O   1 
HETATM 1015 O O   . HOH F 5 .   ? -2.778  -7.588  -5.552  1.00 14.45 ? 311 HOH A O   1 
HETATM 1016 O O   . HOH F 5 .   ? 1.914   -14.865 -3.979  1.00 18.42 ? 312 HOH A O   1 
HETATM 1017 O O   . HOH F 5 .   ? -0.664  -12.083 -3.874  1.00 16.49 ? 313 HOH A O   1 
HETATM 1018 O O   . HOH F 5 .   ? 10.081  20.062  0.900   1.00 14.89 ? 314 HOH A O   1 
HETATM 1019 O O   . HOH F 5 .   ? 7.652   4.380   -6.983  1.00 13.15 ? 315 HOH A O   1 
HETATM 1020 O O   . HOH F 5 .   ? 10.955  11.675  7.251   1.00 19.11 ? 316 HOH A O   1 
HETATM 1021 O O   . HOH F 5 .   ? 9.862   7.193   -1.203  1.00 13.77 ? 317 HOH A O   1 
HETATM 1022 O O   . HOH F 5 .   ? 9.190   6.166   -9.933  1.00 16.60 ? 318 HOH A O   1 
HETATM 1023 O O   . HOH F 5 .   ? 0.475   9.757   8.516   1.00 17.93 ? 319 HOH A O   1 
HETATM 1024 O O   . HOH F 5 .   ? -10.816 -8.512  -2.948  1.00 21.46 ? 320 HOH A O   1 
HETATM 1025 O O   . HOH F 5 .   ? 5.465   -8.297  -3.749  1.00 20.03 ? 321 HOH A O   1 
HETATM 1026 O O   . HOH F 5 .   ? 5.947   18.630  -11.139 1.00 23.60 ? 322 HOH A O   1 
HETATM 1027 O O   . HOH F 5 .   ? 5.997   -7.909  -6.466  1.00 18.16 ? 323 HOH A O   1 
HETATM 1028 O O   . HOH F 5 .   ? -11.031 -13.098 10.473  1.00 26.96 ? 324 HOH A O   1 
HETATM 1029 O O   . HOH F 5 .   ? 7.283   -10.287 -3.417  1.00 23.79 ? 325 HOH A O   1 
HETATM 1030 O O   . HOH F 5 .   ? -3.041  -11.721 18.353  1.00 20.42 ? 326 HOH A O   1 
HETATM 1031 O O   . HOH F 5 .   ? 2.498   20.930  -1.528  1.00 16.41 ? 327 HOH A O   1 
HETATM 1032 O O   . HOH F 5 .   ? -2.083  17.750  1.988   1.00 22.78 ? 328 HOH A O   1 
HETATM 1033 O O   . HOH F 5 .   ? -8.311  -14.437 6.519   1.00 25.00 ? 329 HOH A O   1 
HETATM 1034 O O   . HOH F 5 .   ? -0.149  18.395  -2.853  1.00 25.44 ? 330 HOH A O   1 
HETATM 1035 O O   . HOH F 5 .   ? 3.084   16.563  -4.789  1.00 25.10 ? 331 HOH A O   1 
HETATM 1036 O O   . HOH F 5 .   ? -7.478  -18.044 5.885   1.00 35.08 ? 332 HOH A O   1 
HETATM 1037 O O   . HOH F 5 .   ? 14.211  -10.192 9.321   1.00 33.21 ? 333 HOH A O   1 
HETATM 1038 O O   . HOH F 5 .   ? -3.811  16.977  3.880   1.00 25.92 ? 334 HOH A O   1 
HETATM 1039 O O   . HOH F 5 .   ? 3.575   3.659   -13.458 1.00 24.35 ? 335 HOH A O   1 
HETATM 1040 O O   . HOH F 5 .   ? -5.474  9.079   -6.370  1.00 19.38 ? 336 HOH A O   1 
HETATM 1041 O O   . HOH F 5 .   ? 7.965   13.886  -7.235  1.00 31.74 ? 337 HOH A O   1 
HETATM 1042 O O   . HOH F 5 .   ? -3.137  -19.124 7.221   1.00 29.16 ? 338 HOH A O   1 
HETATM 1043 O O   . HOH F 5 .   ? 4.580   20.169  -9.237  1.00 31.18 ? 339 HOH A O   1 
HETATM 1044 O O   . HOH F 5 .   ? 11.401  14.543  3.691   1.00 34.70 ? 340 HOH A O   1 
HETATM 1045 O O   . HOH F 5 .   ? 2.872   17.769  -14.770 1.00 22.96 ? 341 HOH A O   1 
HETATM 1046 O O   . HOH F 5 .   ? -3.176  14.312  -8.090  1.00 26.40 ? 342 HOH A O   1 
HETATM 1047 O O   . HOH F 5 .   ? 10.713  5.992   1.676   1.00 21.64 ? 343 HOH A O   1 
HETATM 1048 O O   . HOH F 5 .   ? 10.963  11.107  -4.064  1.00 27.08 ? 344 HOH A O   1 
HETATM 1049 O O   . HOH F 5 .   ? 14.651  -8.629  5.977   1.00 34.92 ? 345 HOH A O   1 
HETATM 1050 O O   . HOH F 5 .   ? 6.410   -14.044 2.367   1.00 23.11 ? 346 HOH A O   1 
HETATM 1051 O O   . HOH F 5 .   ? -8.439  -6.629  3.103   1.00 25.92 ? 347 HOH A O   1 
HETATM 1052 O O   . HOH F 5 .   ? 2.801   -15.198 8.899   1.00 34.02 ? 348 HOH A O   1 
HETATM 1053 O O   . HOH F 5 .   ? -3.578  -6.837  7.712   1.00 29.17 ? 349 HOH A O   1 
HETATM 1054 O O   . HOH F 5 .   ? 5.866   8.023   7.319   1.00 24.64 ? 350 HOH A O   1 
HETATM 1055 O O   . HOH F 5 .   ? 6.342   3.662   -13.804 1.00 37.24 ? 351 HOH A O   1 
HETATM 1056 O O   . HOH F 5 .   ? -1.923  13.503  -17.340 1.00 36.51 ? 352 HOH A O   1 
HETATM 1057 O O   . HOH F 5 .   ? -8.221  17.053  4.149   1.00 35.94 ? 353 HOH A O   1 
HETATM 1058 O O   . HOH F 5 .   ? 1.713   10.245  11.028  1.00 35.24 ? 354 HOH A O   1 
HETATM 1059 O O   . HOH F 5 .   ? 0.878   -8.075  11.602  1.00 35.85 ? 355 HOH A O   1 
HETATM 1060 O O   . HOH F 5 .   ? 3.232   -11.641 -11.556 1.00 33.94 ? 356 HOH A O   1 
HETATM 1061 O O   . HOH F 5 .   ? 7.796   -14.928 11.444  1.00 43.08 ? 357 HOH A O   1 
HETATM 1062 O O   . HOH F 5 .   ? 6.329   6.436   -14.473 1.00 38.40 ? 358 HOH A O   1 
HETATM 1063 O O   . HOH F 5 .   ? 7.695   -7.266  10.850  1.00 24.98 ? 359 HOH A O   1 
HETATM 1064 O O   . HOH F 5 .   ? 5.161   -6.567  -15.434 1.00 33.64 ? 360 HOH A O   1 
HETATM 1065 O O   . HOH F 5 .   ? 9.668   4.967   11.220  1.00 37.12 ? 361 HOH A O   1 
HETATM 1066 O O   . HOH F 5 .   ? 9.019   11.546  -7.050  1.00 32.82 ? 362 HOH A O   1 
HETATM 1067 O O   . HOH F 5 .   ? 4.352   13.775  -5.583  1.00 34.55 ? 363 HOH A O   1 
HETATM 1068 O O   . HOH F 5 .   ? -2.133  10.522  -20.672 1.00 36.06 ? 364 HOH A O   1 
HETATM 1069 O O   . HOH F 5 .   ? 5.640   -11.301 -7.798  1.00 36.69 ? 365 HOH A O   1 
HETATM 1070 O O   . HOH F 5 .   ? -14.677 -11.004 -0.417  1.00 32.41 ? 366 HOH A O   1 
HETATM 1071 O O   . HOH F 5 .   ? 4.624   17.781  -18.196 1.00 33.54 ? 367 HOH A O   1 
HETATM 1072 O O   . HOH F 5 .   ? 9.937   -14.301 7.387   1.00 48.51 ? 368 HOH A O   1 
HETATM 1073 O O   . HOH F 5 .   ? 6.975   6.588   9.789   1.00 48.23 ? 369 HOH A O   1 
HETATM 1074 O O   . HOH F 5 .   ? 13.770  11.584  6.739   1.00 49.11 ? 370 HOH A O   1 
HETATM 1075 O O   . HOH F 5 .   ? -5.895  -4.933  -13.471 1.00 41.85 ? 371 HOH A O   1 
HETATM 1076 O O   . HOH F 5 .   ? 2.776   7.724   -23.130 1.00 53.55 ? 372 HOH A O   1 
HETATM 1077 O O   . HOH F 5 .   ? -12.505 -13.172 4.941   1.00 34.93 ? 373 HOH A O   1 
HETATM 1078 O O   . HOH F 5 .   ? -0.128  19.437  2.121   1.00 25.03 ? 374 HOH A O   1 
HETATM 1079 O O   . HOH F 5 .   ? -6.660  11.631  5.814   1.00 35.01 ? 375 HOH A O   1 
HETATM 1080 O O   . HOH F 5 .   ? -0.889  -6.450  16.458  1.00 43.81 ? 376 HOH A O   1 
HETATM 1081 O O   . HOH F 5 .   ? -3.822  12.289  -14.723 1.00 28.56 ? 377 HOH A O   1 
HETATM 1082 O O   . HOH F 5 .   ? 4.133   -15.366 11.423  1.00 45.95 ? 378 HOH A O   1 
HETATM 1083 O O   . HOH F 5 .   ? 0.440   -18.269 15.536  1.00 43.74 ? 379 HOH A O   1 
HETATM 1084 O O   . HOH F 5 .   ? 0.576   -2.290  7.758   1.00 39.49 ? 380 HOH A O   1 
HETATM 1085 O O   . HOH F 5 .   ? 2.961   14.822  -18.801 1.00 36.49 ? 381 HOH A O   1 
HETATM 1086 O O   . HOH F 5 .   ? -4.267  8.585   -18.674 1.00 39.74 ? 382 HOH A O   1 
HETATM 1087 O O   . HOH F 5 .   ? -9.152  9.730   -12.859 1.00 47.15 ? 383 HOH A O   1 
HETATM 1088 O O   . HOH F 5 .   ? 8.212   -7.603  -9.622  1.00 33.94 ? 384 HOH A O   1 
HETATM 1089 O O   . HOH F 5 .   ? 3.626   6.489   -20.216 1.00 60.60 ? 385 HOH A O   1 
HETATM 1090 O O   . HOH F 5 .   ? -0.676  -20.001 4.845   1.00 41.10 ? 386 HOH A O   1 
HETATM 1091 O O   . HOH F 5 .   ? -6.040  -13.894 -7.895  1.00 39.40 ? 387 HOH A O   1 
HETATM 1092 O O   . HOH F 5 .   ? -11.188 17.665  -0.856  1.00 60.28 ? 388 HOH A O   1 
HETATM 1093 O O   . HOH F 5 .   ? -8.003  13.206  -1.783  1.00 37.18 ? 389 HOH A O   1 
HETATM 1094 O O   . HOH F 5 .   ? 3.434   -16.744 5.793   1.00 48.30 ? 390 HOH A O   1 
HETATM 1095 O O   . HOH F 5 .   ? 8.598   0.640   -2.372  1.00 11.46 ? 391 HOH A O   1 
HETATM 1096 O O   . HOH F 5 .   ? 11.119  14.578  6.185   1.00 23.69 ? 392 HOH A O   1 
HETATM 1097 O O   . HOH F 5 .   ? -0.669  3.561   -23.381 1.00 50.42 ? 393 HOH A O   1 
HETATM 1098 O O   . HOH F 5 .   ? 5.957   15.491  -13.298 1.00 35.77 ? 394 HOH A O   1 
HETATM 1099 O O   . HOH F 5 .   ? 4.337   16.973  -20.711 1.00 37.67 ? 395 HOH A O   1 
HETATM 1100 O O   . HOH F 5 .   ? 0.649   -17.767 9.916   1.00 46.47 ? 396 HOH A O   1 
HETATM 1101 O O   . HOH F 5 .   ? -1.592  6.385   3.305   1.00 21.29 ? 397 HOH A O   1 
HETATM 1102 O O   . HOH F 5 .   ? 5.279   17.863  -13.487 1.00 36.04 ? 398 HOH A O   1 
HETATM 1103 O O   . HOH F 5 .   ? -7.309  14.013  5.090   1.00 44.87 ? 399 HOH A O   1 
HETATM 1104 O O   . HOH F 5 .   ? -1.594  5.094   5.695   1.00 49.21 ? 400 HOH A O   1 
HETATM 1105 O O   . HOH F 5 .   ? -6.104  14.081  -3.396  1.00 49.02 ? 401 HOH A O   1 
HETATM 1106 O O   . HOH F 5 .   ? -10.705 -2.798  6.644   1.00 23.59 ? 402 HOH A O   1 
HETATM 1107 O O   . HOH F 5 .   ? 7.347   17.535  -17.733 1.00 40.94 ? 403 HOH A O   1 
HETATM 1108 O O   . HOH F 5 .   ? 14.917  3.792   6.788   1.00 44.08 ? 404 HOH A O   1 
HETATM 1109 O O   . HOH F 5 .   ? 1.372   10.955  -22.985 1.00 51.61 ? 405 HOH A O   1 
HETATM 1110 O O   . HOH F 5 .   ? 11.617  20.135  -1.504  1.00 23.93 ? 406 HOH A O   1 
HETATM 1111 O O   . HOH F 5 .   ? -7.005  11.726  -5.797  1.00 37.93 ? 407 HOH A O   1 
HETATM 1112 O O   . HOH F 5 .   ? 10.862  -12.445 9.744   1.00 44.98 ? 408 HOH A O   1 
HETATM 1113 O O   . HOH F 5 .   ? 9.698   -16.717 4.054   1.00 69.88 ? 409 HOH A O   1 
HETATM 1114 O O   . HOH F 5 .   ? 11.579  1.347   7.114   1.00 28.45 ? 410 HOH A O   1 
HETATM 1115 O O   . HOH F 5 .   ? -13.408 -2.344  -10.888 1.00 41.96 ? 411 HOH A O   1 
HETATM 1116 O O   . HOH F 5 .   ? 2.255   19.618  -8.464  1.00 37.38 ? 412 HOH A O   1 
HETATM 1117 O O   . HOH F 5 .   ? 2.796   19.165  -16.927 1.00 23.38 ? 413 HOH A O   1 
HETATM 1118 O O   . HOH F 5 .   ? 1.345   1.919   -17.434 1.00 39.31 ? 414 HOH A O   1 
HETATM 1119 O O   . HOH F 5 .   ? -0.921  10.737  -24.851 1.00 59.08 ? 415 HOH A O   1 
HETATM 1120 O O   . HOH F 5 .   ? 11.402  8.701   -3.098  1.00 25.80 ? 416 HOH A O   1 
HETATM 1121 O O   . HOH F 5 .   ? -8.629  11.019  -3.389  1.00 35.84 ? 417 HOH A O   1 
HETATM 1122 O O   . HOH F 5 .   ? 5.376   4.761   9.204   1.00 35.85 ? 418 HOH A O   1 
HETATM 1123 O O   . HOH F 5 .   ? 9.739   0.477   9.219   1.00 34.42 ? 419 HOH A O   1 
HETATM 1124 O O   . HOH F 5 .   ? 1.673   -18.065 3.276   1.00 33.77 ? 420 HOH A O   1 
HETATM 1125 O O   . HOH F 5 .   ? -2.094  -15.799 -2.366  1.00 19.09 ? 421 HOH A O   1 
HETATM 1126 O O   . HOH F 5 .   ? 4.444   -16.634 -1.497  1.00 37.97 ? 422 HOH A O   1 
HETATM 1127 O O   . HOH F 5 .   ? 5.382   2.025   8.460   1.00 27.91 ? 423 HOH A O   1 
HETATM 1128 O O   . HOH F 5 .   ? 9.883   20.651  -3.762  1.00 37.24 ? 424 HOH A O   1 
HETATM 1129 O O   . HOH F 5 .   ? 1.247   -5.688  14.813  1.00 54.90 ? 425 HOH A O   1 
HETATM 1130 O O   . HOH F 5 .   ? 5.395   -18.840 7.773   1.00 57.48 ? 426 HOH A O   1 
HETATM 1131 O O   . HOH F 5 .   ? 10.247  -13.400 4.584   1.00 42.43 ? 427 HOH A O   1 
HETATM 1132 O O   . HOH F 5 .   ? 9.524   -13.000 11.621  1.00 47.24 ? 428 HOH A O   1 
HETATM 1133 O O   . HOH F 5 .   ? 7.461   -0.786  8.741   1.00 35.39 ? 429 HOH A O   1 
HETATM 1134 O O   . HOH F 5 .   ? 0.468   -17.035 -3.273  1.00 28.90 ? 430 HOH A O   1 
HETATM 1135 O O   . HOH F 5 .   ? -4.660  6.564   -10.412 1.00 19.52 ? 431 HOH A O   1 
HETATM 1136 O O   . HOH F 5 .   ? 4.820   -3.162  9.257   1.00 47.07 ? 432 HOH A O   1 
HETATM 1137 O O   . HOH F 5 .   ? 7.330   -3.348  8.098   1.00 32.69 ? 433 HOH A O   1 
HETATM 1138 O O   . HOH F 5 .   ? 1.903   -12.928 -7.747  1.00 17.00 ? 434 HOH A O   1 
HETATM 1139 O O   . HOH F 5 .   ? -13.990 -3.095  -6.908  1.00 42.09 ? 435 HOH A O   1 
HETATM 1140 O O   . HOH F 5 .   ? 5.623   -11.951 17.177  1.00 43.41 ? 436 HOH A O   1 
HETATM 1141 O O   . HOH F 5 .   ? 1.723   -17.620 -0.524  1.00 32.60 ? 437 HOH A O   1 
HETATM 1142 O O   . HOH F 5 .   ? 2.093   -20.350 0.032   1.00 54.79 ? 438 HOH A O   1 
HETATM 1143 O O   . HOH F 5 .   ? 3.890   6.763   8.796   1.00 35.40 ? 439 HOH A O   1 
HETATM 1144 O O   . HOH F 5 .   ? 10.520  23.261  -5.148  1.00 32.19 ? 440 HOH A O   1 
HETATM 1145 O O   . HOH F 5 .   ? -3.281  -18.774 -2.311  1.00 51.60 ? 441 HOH A O   1 
HETATM 1146 O O   . HOH F 5 .   ? 2.489   2.600   7.878   1.00 39.51 ? 442 HOH A O   1 
HETATM 1147 O O   . HOH F 5 .   ? 6.972   19.206  -14.897 1.00 34.18 ? 443 HOH A O   1 
HETATM 1148 O O   . HOH F 5 .   ? 5.126   -10.023 -13.036 1.00 43.13 ? 444 HOH A O   1 
HETATM 1149 O O   . HOH F 5 .   ? 9.937   15.626  -7.614  1.00 40.64 ? 445 HOH A O   1 
HETATM 1150 O O   . HOH F 5 .   ? 3.652   -14.877 -6.458  1.00 38.85 ? 446 HOH A O   1 
HETATM 1151 O O   . HOH F 5 .   ? -9.823  -11.501 -6.390  1.00 38.53 ? 447 HOH A O   1 
HETATM 1152 O O   . HOH F 5 .   ? 4.574   17.930  3.268   1.00 16.57 ? 448 HOH A O   1 
# 
